data_7VAZ
#
_entry.id   7VAZ
#
_cell.length_a   46.558
_cell.length_b   226.620
_cell.length_c   71.071
_cell.angle_alpha   90.000
_cell.angle_beta   107.690
_cell.angle_gamma   90.000
#
_symmetry.space_group_name_H-M   'P 1 21 1'
#
loop_
_entity.id
_entity.type
_entity.pdbx_description
1 polymer '14A fab light chain'
2 polymer '14A fab heavy chain'
3 polymer 'Mucin-1 subunit alpha'
4 non-polymer 2-acetamido-2-deoxy-beta-D-galactopyranose
5 water water
#
loop_
_entity_poly.entity_id
_entity_poly.type
_entity_poly.pdbx_seq_one_letter_code
_entity_poly.pdbx_strand_id
1 'polypeptide(L)'
;QAVVTQESALTTSPGETVTLTCRSSTGAVTTSNYANWVQEKPDHLFTGLIGRTNNRVPGVPARFSGSLIGDKAALTITGA
QTEDEAIYFCALWYSNHFIFGSGTKVTVLKRTVAAPSVFIFPPSDEQLKSGTASVVCLLNNFYPREAKVQWKVDNALQSG
NSQESVTEQDSKDSTYSLSSTLTLSKADYEKHKVYACEVTHQGLSSPVTKSFNRGEC
;
C,A,F
2 'polypeptide(L)'
;MEVKLLQSGGGLVQPGGSLKLSCAASGIDFSGYWMSWVRRAPGKGLEWIGEITPDSSTINYAPSLKDEFIISRDNAKNTL
YLQMTKVRSDDTALYYCVSYYEGFAYWGQGTLVTVSAASTKGPSVFPLAPSSKSTSGGTAALGCLVKDYFPEPVTVSWNS
GALTSGVHTFPAVLQSSGLYSLSSVVTVPSSSLGTQTYICNVNHKPSNTKVDKKVEPKSCDKTENLYFQ
;
D,B,H
3 'polypeptide(L)' RPAPGSTAPPAHG G,E,I
#
loop_
_chem_comp.id
_chem_comp.type
_chem_comp.name
_chem_comp.formula
NGA D-saccharide, beta linking 2-acetamido-2-deoxy-beta-D-galactopyranose 'C8 H15 N O6'
#
# COMPACT_ATOMS: atom_id res chain seq x y z
N GLN A 1 -12.93 -0.86 -25.36
CA GLN A 1 -13.23 -1.85 -26.40
C GLN A 1 -12.44 -1.55 -27.69
N ALA A 2 -11.18 -1.21 -27.51
CA ALA A 2 -10.15 -1.33 -28.54
C ALA A 2 -8.98 -2.06 -27.91
N VAL A 3 -8.44 -3.03 -28.63
CA VAL A 3 -7.29 -3.80 -28.18
C VAL A 3 -6.11 -3.50 -29.08
N VAL A 4 -5.00 -3.11 -28.46
CA VAL A 4 -3.74 -2.88 -29.17
C VAL A 4 -2.87 -4.12 -28.93
N THR A 5 -2.39 -4.72 -30.01
CA THR A 5 -1.67 -5.99 -29.94
C THR A 5 -0.24 -5.81 -30.39
N GLN A 6 0.65 -6.56 -29.76
CA GLN A 6 2.07 -6.56 -30.09
C GLN A 6 2.58 -7.99 -30.08
N GLU A 7 3.81 -8.16 -30.57
CA GLU A 7 4.51 -9.43 -30.46
C GLU A 7 4.72 -9.78 -28.97
N SER A 8 4.43 -11.02 -28.59
CA SER A 8 4.73 -11.43 -27.22
C SER A 8 6.18 -11.12 -26.87
N ALA A 9 7.12 -11.67 -27.66
CA ALA A 9 8.54 -11.55 -27.39
C ALA A 9 9.34 -11.48 -28.70
N LEU A 10 10.53 -10.93 -28.58
CA LEU A 10 11.47 -10.85 -29.69
C LEU A 10 12.86 -11.07 -29.11
N THR A 11 13.68 -11.83 -29.84
CA THR A 11 15.05 -12.10 -29.45
C THR A 11 16.01 -11.58 -30.52
N THR A 12 17.08 -10.93 -30.08
CA THR A 12 18.08 -10.46 -31.03
C THR A 12 19.45 -10.59 -30.39
N SER A 13 20.47 -10.36 -31.19
CA SER A 13 21.83 -10.31 -30.67
C SER A 13 22.27 -8.87 -30.68
N PRO A 14 23.21 -8.49 -29.83
CA PRO A 14 23.68 -7.11 -29.86
C PRO A 14 24.15 -6.77 -31.27
N GLY A 15 23.73 -5.60 -31.77
CA GLY A 15 24.18 -5.13 -33.05
C GLY A 15 23.22 -5.39 -34.19
N GLU A 16 22.27 -6.30 -34.02
CA GLU A 16 21.25 -6.54 -35.03
C GLU A 16 20.09 -5.56 -34.86
N THR A 17 19.15 -5.58 -35.81
CA THR A 17 17.98 -4.70 -35.78
C THR A 17 16.74 -5.43 -35.29
N VAL A 18 16.02 -4.78 -34.37
CA VAL A 18 14.75 -5.27 -33.84
C VAL A 18 13.63 -4.41 -34.42
N THR A 19 12.52 -5.06 -34.83
CA THR A 19 11.35 -4.34 -35.34
C THR A 19 10.13 -4.78 -34.54
N LEU A 20 9.55 -3.86 -33.77
CA LEU A 20 8.33 -4.12 -33.02
C LEU A 20 7.13 -3.49 -33.71
N THR A 21 6.04 -4.23 -33.76
CA THR A 21 4.82 -3.79 -34.42
C THR A 21 3.73 -3.62 -33.39
N CYS A 22 2.77 -2.77 -33.75
CA CYS A 22 1.71 -2.34 -32.86
C CYS A 22 0.46 -2.26 -33.72
N ARG A 23 -0.52 -3.10 -33.41
CA ARG A 23 -1.71 -3.33 -34.23
C ARG A 23 -2.93 -2.84 -33.48
N SER A 24 -3.89 -2.26 -34.20
CA SER A 24 -5.15 -1.82 -33.65
C SER A 24 -6.27 -2.75 -34.11
N SER A 25 -7.14 -3.11 -33.17
CA SER A 25 -8.31 -3.94 -33.48
C SER A 25 -9.35 -3.20 -34.31
N THR A 26 -9.45 -1.88 -34.15
CA THR A 26 -10.38 -1.09 -34.94
C THR A 26 -10.08 -1.18 -36.43
N GLY A 27 -8.81 -1.07 -36.79
CA GLY A 27 -8.46 -1.06 -38.20
C GLY A 27 -7.01 -0.70 -38.41
N ALA A 28 -6.72 0.03 -39.48
CA ALA A 28 -5.36 0.46 -39.72
C ALA A 28 -4.93 1.46 -38.66
N VAL A 29 -3.64 1.46 -38.37
CA VAL A 29 -3.04 2.47 -37.52
C VAL A 29 -2.59 3.62 -38.42
N THR A 30 -3.02 4.82 -38.09
CA THR A 30 -2.70 6.04 -38.84
C THR A 30 -1.86 6.97 -37.96
N THR A 31 -1.43 8.08 -38.56
CA THR A 31 -0.82 9.13 -37.76
C THR A 31 -1.79 9.76 -36.76
N SER A 32 -3.09 9.65 -36.99
CA SER A 32 -4.06 10.14 -36.00
C SER A 32 -4.09 9.28 -34.75
N ASN A 33 -3.39 8.15 -34.74
CA ASN A 33 -3.25 7.33 -33.54
C ASN A 33 -2.06 7.74 -32.70
N TYR A 34 -1.20 8.62 -33.22
CA TYR A 34 -0.06 9.20 -32.50
C TYR A 34 0.68 8.15 -31.69
N ALA A 35 1.07 7.07 -32.36
CA ALA A 35 1.68 5.94 -31.66
C ALA A 35 2.80 6.40 -30.73
N ASN A 36 2.74 5.93 -29.49
CA ASN A 36 3.69 6.23 -28.44
C ASN A 36 4.40 4.93 -28.07
N TRP A 37 5.70 5.00 -27.81
CA TRP A 37 6.50 3.85 -27.40
C TRP A 37 7.17 4.15 -26.08
N VAL A 38 6.97 3.26 -25.10
CA VAL A 38 7.50 3.37 -23.75
C VAL A 38 8.30 2.11 -23.43
N GLN A 39 9.45 2.27 -22.79
CA GLN A 39 10.30 1.15 -22.43
C GLN A 39 10.29 0.92 -20.90
N GLU A 40 10.21 -0.35 -20.50
CA GLU A 40 10.27 -0.76 -19.09
C GLU A 40 11.42 -1.73 -18.89
N LYS A 41 12.47 -1.27 -18.20
CA LYS A 41 13.59 -2.11 -17.80
C LYS A 41 13.33 -2.64 -16.40
N PRO A 42 14.07 -3.67 -15.99
CA PRO A 42 13.78 -4.33 -14.70
C PRO A 42 13.76 -3.35 -13.54
N ASP A 43 12.93 -3.68 -12.55
CA ASP A 43 12.63 -2.82 -11.40
C ASP A 43 11.75 -1.63 -11.79
N HIS A 44 10.84 -1.85 -12.74
CA HIS A 44 9.81 -0.87 -13.10
C HIS A 44 10.40 0.50 -13.41
N LEU A 45 11.42 0.51 -14.26
CA LEU A 45 12.03 1.74 -14.74
C LEU A 45 11.46 2.05 -16.12
N PHE A 46 10.59 3.04 -16.19
CA PHE A 46 9.88 3.37 -17.41
C PHE A 46 10.56 4.55 -18.10
N THR A 47 10.71 4.45 -19.42
CA THR A 47 11.36 5.48 -20.21
C THR A 47 10.53 5.74 -21.45
N GLY A 48 10.23 7.02 -21.71
CA GLY A 48 9.53 7.36 -22.93
C GLY A 48 10.52 7.44 -24.08
N LEU A 49 10.25 6.66 -25.14
CA LEU A 49 11.11 6.62 -26.32
C LEU A 49 10.50 7.46 -27.43
N ILE A 50 9.26 7.15 -27.80
CA ILE A 50 8.63 7.78 -28.96
C ILE A 50 7.26 8.29 -28.58
N GLY A 51 6.87 9.40 -29.16
CA GLY A 51 5.50 9.86 -29.13
C GLY A 51 5.12 10.38 -30.51
N ARG A 52 3.82 10.56 -30.71
CA ARG A 52 3.24 10.96 -31.99
C ARG A 52 3.88 10.23 -33.17
N THR A 53 3.83 8.89 -33.13
CA THR A 53 4.24 8.06 -34.25
C THR A 53 5.74 8.10 -34.51
N ASN A 54 6.28 9.30 -34.66
CA ASN A 54 7.64 9.47 -35.17
C ASN A 54 8.52 10.30 -34.27
N ASN A 55 7.95 11.04 -33.31
CA ASN A 55 8.71 12.02 -32.56
C ASN A 55 9.41 11.38 -31.39
N ARG A 56 10.71 11.59 -31.32
CA ARG A 56 11.52 11.03 -30.28
C ARG A 56 11.38 11.94 -29.07
N VAL A 57 11.39 11.36 -27.88
CA VAL A 57 11.48 12.28 -26.74
C VAL A 57 12.89 12.87 -26.75
N PRO A 58 13.05 14.17 -26.55
CA PRO A 58 14.38 14.76 -26.72
C PRO A 58 15.42 14.06 -25.84
N GLY A 59 16.57 13.79 -26.44
CA GLY A 59 17.63 13.09 -25.80
C GLY A 59 17.61 11.60 -25.99
N VAL A 60 16.49 11.03 -26.42
CA VAL A 60 16.47 9.59 -26.71
C VAL A 60 17.39 9.31 -27.90
N PRO A 61 18.19 8.26 -27.87
CA PRO A 61 19.12 8.01 -28.97
C PRO A 61 18.39 7.77 -30.29
N ALA A 62 19.02 8.18 -31.39
CA ALA A 62 18.42 8.04 -32.71
C ALA A 62 18.33 6.59 -33.16
N ARG A 63 18.96 5.66 -32.45
CA ARG A 63 18.81 4.28 -32.86
C ARG A 63 17.41 3.75 -32.59
N PHE A 64 16.55 4.51 -31.90
CA PHE A 64 15.13 4.20 -31.76
C PHE A 64 14.39 5.10 -32.73
N SER A 65 13.58 4.51 -33.61
CA SER A 65 12.80 5.35 -34.52
C SER A 65 11.40 4.78 -34.63
N GLY A 66 10.43 5.67 -34.70
CA GLY A 66 9.03 5.31 -34.85
C GLY A 66 8.57 5.59 -36.26
N SER A 67 7.73 4.70 -36.78
CA SER A 67 7.23 4.82 -38.13
C SER A 67 5.89 4.11 -38.22
N LEU A 68 5.31 4.14 -39.40
CA LEU A 68 4.20 3.28 -39.73
C LEU A 68 4.71 2.29 -40.75
N ILE A 69 4.41 1.02 -40.54
CA ILE A 69 4.67 -0.01 -41.54
C ILE A 69 3.30 -0.55 -41.92
N GLY A 70 2.91 -0.32 -43.16
CA GLY A 70 1.58 -0.73 -43.58
C GLY A 70 0.50 -0.12 -42.71
N ASP A 71 -0.36 -0.98 -42.17
CA ASP A 71 -1.45 -0.53 -41.30
C ASP A 71 -1.12 -0.72 -39.82
N LYS A 72 0.16 -0.66 -39.45
CA LYS A 72 0.55 -0.77 -38.06
C LYS A 72 1.56 0.33 -37.72
N ALA A 73 1.70 0.56 -36.42
CA ALA A 73 2.77 1.41 -35.91
C ALA A 73 3.99 0.54 -35.61
N ALA A 74 5.18 1.12 -35.70
CA ALA A 74 6.40 0.34 -35.58
C ALA A 74 7.48 1.12 -34.85
N LEU A 75 8.18 0.43 -33.97
CA LEU A 75 9.40 0.95 -33.37
C LEU A 75 10.55 0.09 -33.86
N THR A 76 11.56 0.73 -34.45
CA THR A 76 12.74 0.01 -34.90
C THR A 76 13.92 0.44 -34.03
N ILE A 77 14.66 -0.56 -33.55
CA ILE A 77 15.89 -0.37 -32.81
C ILE A 77 16.99 -0.91 -33.70
N THR A 78 17.76 0.00 -34.29
CA THR A 78 18.85 -0.33 -35.19
C THR A 78 20.13 -0.49 -34.39
N GLY A 79 20.75 -1.67 -34.47
CA GLY A 79 21.93 -1.92 -33.68
C GLY A 79 21.59 -2.03 -32.22
N ALA A 80 20.63 -2.89 -31.89
CA ALA A 80 20.19 -3.01 -30.51
C ALA A 80 21.36 -3.36 -29.60
N GLN A 81 21.43 -2.69 -28.46
CA GLN A 81 22.50 -2.90 -27.48
C GLN A 81 22.00 -3.70 -26.29
N THR A 82 22.94 -4.30 -25.57
CA THR A 82 22.60 -5.04 -24.37
C THR A 82 21.77 -4.19 -23.43
N GLU A 83 22.00 -2.88 -23.48
CA GLU A 83 21.27 -1.94 -22.64
C GLU A 83 19.78 -1.88 -22.98
N ASP A 84 19.42 -2.22 -24.22
CA ASP A 84 18.06 -2.06 -24.73
C ASP A 84 17.14 -3.23 -24.41
N GLU A 85 17.65 -4.29 -23.78
CA GLU A 85 16.79 -5.39 -23.36
C GLU A 85 15.72 -4.86 -22.43
N ALA A 86 14.45 -5.00 -22.82
CA ALA A 86 13.39 -4.42 -22.01
C ALA A 86 12.04 -4.88 -22.54
N ILE A 87 10.98 -4.44 -21.86
CA ILE A 87 9.62 -4.61 -22.37
C ILE A 87 9.26 -3.30 -23.07
N TYR A 88 8.73 -3.39 -24.26
CA TYR A 88 8.35 -2.21 -25.03
C TYR A 88 6.84 -2.21 -25.20
N PHE A 89 6.21 -1.19 -24.63
CA PHE A 89 4.77 -0.98 -24.73
C PHE A 89 4.52 0.09 -25.77
N CYS A 90 3.49 -0.09 -26.56
CA CYS A 90 3.01 0.95 -27.44
C CYS A 90 1.62 1.39 -26.97
N ALA A 91 1.35 2.67 -27.12
CA ALA A 91 0.03 3.22 -26.83
C ALA A 91 -0.48 3.89 -28.09
N LEU A 92 -1.73 3.60 -28.44
CA LEU A 92 -2.40 4.23 -29.58
C LEU A 92 -3.49 5.19 -29.10
N TRP A 93 -3.57 6.35 -29.76
CA TRP A 93 -4.55 7.37 -29.44
C TRP A 93 -5.85 7.10 -30.19
N TYR A 94 -6.97 7.16 -29.47
CA TYR A 94 -8.29 6.86 -30.03
C TYR A 94 -9.22 8.04 -29.70
N SER A 95 -8.96 9.20 -30.31
CA SER A 95 -9.83 10.36 -30.21
C SER A 95 -9.74 11.08 -28.87
N ASN A 96 -10.01 10.37 -27.78
CA ASN A 96 -10.03 11.01 -26.47
C ASN A 96 -9.35 10.19 -25.38
N HIS A 97 -8.67 9.11 -25.73
CA HIS A 97 -7.99 8.30 -24.73
C HIS A 97 -6.89 7.50 -25.42
N PHE A 98 -5.89 7.13 -24.61
CA PHE A 98 -4.80 6.24 -25.00
C PHE A 98 -5.13 4.80 -24.58
N ILE A 99 -4.87 3.84 -25.45
CA ILE A 99 -4.87 2.43 -25.06
C ILE A 99 -3.46 1.87 -25.26
N PHE A 100 -2.87 1.29 -24.22
CA PHE A 100 -1.58 0.64 -24.30
C PHE A 100 -1.75 -0.80 -24.81
N GLY A 101 -0.77 -1.27 -25.60
CA GLY A 101 -0.75 -2.67 -26.01
C GLY A 101 -0.20 -3.54 -24.89
N SER A 102 -0.25 -4.86 -25.09
CA SER A 102 0.17 -5.76 -24.00
C SER A 102 1.68 -5.86 -23.84
N GLY A 103 2.46 -5.19 -24.70
CA GLY A 103 3.90 -5.10 -24.56
C GLY A 103 4.64 -6.27 -25.20
N THR A 104 5.89 -6.01 -25.61
CA THR A 104 6.78 -7.01 -26.20
C THR A 104 8.08 -7.12 -25.40
N LYS A 105 8.45 -8.33 -25.01
CA LYS A 105 9.70 -8.59 -24.29
C LYS A 105 10.83 -8.75 -25.31
N VAL A 106 11.71 -7.75 -25.37
CA VAL A 106 12.86 -7.78 -26.26
C VAL A 106 14.07 -8.24 -25.46
N THR A 107 14.63 -9.37 -25.86
CA THR A 107 15.84 -9.94 -25.28
C THR A 107 17.03 -9.61 -26.16
N VAL A 108 18.11 -9.14 -25.56
CA VAL A 108 19.36 -8.90 -26.25
C VAL A 108 20.35 -9.90 -25.68
N LEU A 109 20.63 -10.95 -26.44
CA LEU A 109 21.38 -12.10 -25.96
C LEU A 109 22.72 -11.65 -25.40
N LYS A 110 22.93 -11.87 -24.10
CA LYS A 110 24.23 -11.61 -23.50
C LYS A 110 25.00 -12.86 -23.10
N ARG A 111 24.49 -14.06 -23.35
CA ARG A 111 25.18 -15.27 -22.98
C ARG A 111 24.59 -16.43 -23.77
N THR A 112 25.18 -17.62 -23.60
CA THR A 112 24.69 -18.80 -24.31
C THR A 112 23.38 -19.30 -23.72
N VAL A 113 22.63 -20.02 -24.55
CA VAL A 113 21.37 -20.61 -24.13
C VAL A 113 21.62 -21.67 -23.08
N ALA A 114 20.80 -21.69 -22.03
CA ALA A 114 20.92 -22.67 -20.96
C ALA A 114 19.56 -23.34 -20.76
N ALA A 115 19.50 -24.65 -20.98
CA ALA A 115 18.29 -25.39 -20.70
C ALA A 115 18.00 -25.39 -19.20
N PRO A 116 16.74 -25.32 -18.80
CA PRO A 116 16.44 -25.34 -17.38
C PRO A 116 16.63 -26.74 -16.81
N SER A 117 16.97 -26.80 -15.53
CA SER A 117 16.88 -28.06 -14.80
C SER A 117 15.48 -28.15 -14.21
N VAL A 118 14.77 -29.24 -14.47
CA VAL A 118 13.37 -29.33 -14.10
C VAL A 118 13.19 -30.28 -12.92
N PHE A 119 12.51 -29.80 -11.88
CA PHE A 119 12.23 -30.57 -10.68
C PHE A 119 10.75 -30.47 -10.36
N ILE A 120 10.21 -31.52 -9.77
CA ILE A 120 8.82 -31.55 -9.36
C ILE A 120 8.73 -31.93 -7.89
N PHE A 121 7.78 -31.31 -7.17
CA PHE A 121 7.57 -31.51 -5.75
C PHE A 121 6.09 -31.81 -5.49
N PRO A 122 5.77 -32.93 -4.85
CA PRO A 122 4.37 -33.20 -4.53
C PRO A 122 3.99 -32.51 -3.24
N PRO A 123 2.69 -32.40 -2.94
CA PRO A 123 2.25 -31.75 -1.70
C PRO A 123 2.88 -32.38 -0.46
N SER A 124 3.21 -31.55 0.52
CA SER A 124 3.63 -32.08 1.81
C SER A 124 2.46 -32.74 2.54
N ASP A 125 2.79 -33.71 3.41
CA ASP A 125 1.73 -34.35 4.19
C ASP A 125 1.11 -33.38 5.18
N GLU A 126 1.90 -32.42 5.68
CA GLU A 126 1.34 -31.36 6.51
C GLU A 126 0.27 -30.57 5.78
N GLN A 127 0.59 -30.06 4.58
CA GLN A 127 -0.41 -29.31 3.84
C GLN A 127 -1.62 -30.17 3.52
N LEU A 128 -1.40 -31.47 3.28
CA LEU A 128 -2.51 -32.38 3.05
C LEU A 128 -3.45 -32.42 4.25
N LYS A 129 -2.87 -32.45 5.47
CA LYS A 129 -3.72 -32.52 6.66
C LYS A 129 -4.70 -31.37 6.71
N SER A 130 -4.43 -30.28 6.00
CA SER A 130 -5.41 -29.25 5.74
C SER A 130 -6.03 -29.53 4.36
N GLY A 131 -7.03 -28.76 3.98
CA GLY A 131 -7.79 -29.21 2.83
C GLY A 131 -7.23 -28.84 1.47
N THR A 132 -5.90 -28.69 1.35
CA THR A 132 -5.30 -28.21 0.11
C THR A 132 -4.06 -29.04 -0.27
N ALA A 133 -3.84 -29.18 -1.57
CA ALA A 133 -2.64 -29.81 -2.11
C ALA A 133 -2.05 -28.90 -3.18
N SER A 134 -0.75 -28.62 -3.07
CA SER A 134 -0.07 -27.80 -4.07
C SER A 134 1.15 -28.56 -4.57
N VAL A 135 1.20 -28.76 -5.88
CA VAL A 135 2.34 -29.40 -6.51
C VAL A 135 3.15 -28.32 -7.20
N VAL A 136 4.46 -28.32 -6.94
CA VAL A 136 5.33 -27.23 -7.39
C VAL A 136 6.35 -27.76 -8.38
N CYS A 137 6.46 -27.08 -9.51
CA CYS A 137 7.47 -27.38 -10.53
C CYS A 137 8.49 -26.24 -10.60
N LEU A 138 9.76 -26.61 -10.61
CA LEU A 138 10.85 -25.64 -10.63
C LEU A 138 11.67 -25.82 -11.90
N LEU A 139 11.82 -24.71 -12.64
CA LEU A 139 12.70 -24.60 -13.79
C LEU A 139 13.87 -23.76 -13.33
N ASN A 140 15.05 -24.35 -13.27
CA ASN A 140 16.18 -23.77 -12.60
C ASN A 140 17.26 -23.34 -13.59
N ASN A 141 17.67 -22.08 -13.46
CA ASN A 141 18.85 -21.56 -14.14
C ASN A 141 18.78 -21.82 -15.64
N PHE A 142 17.86 -21.09 -16.28
CA PHE A 142 17.67 -21.19 -17.72
C PHE A 142 17.81 -19.82 -18.38
N TYR A 143 18.21 -19.84 -19.65
CA TYR A 143 18.36 -18.65 -20.44
C TYR A 143 18.15 -19.00 -21.91
N PRO A 144 17.42 -18.17 -22.66
CA PRO A 144 16.80 -16.92 -22.19
C PRO A 144 15.49 -17.13 -21.43
N ARG A 145 14.75 -16.05 -21.21
CA ARG A 145 13.64 -16.04 -20.28
C ARG A 145 12.44 -16.85 -20.77
N GLU A 146 12.25 -16.96 -22.08
CA GLU A 146 11.01 -17.53 -22.60
C GLU A 146 10.91 -19.01 -22.26
N ALA A 147 9.83 -19.38 -21.59
CA ALA A 147 9.64 -20.76 -21.16
C ALA A 147 8.14 -21.04 -21.05
N LYS A 148 7.76 -22.30 -21.19
CA LYS A 148 6.38 -22.72 -21.02
C LYS A 148 6.29 -23.91 -20.08
N VAL A 149 5.33 -23.84 -19.16
CA VAL A 149 5.03 -24.88 -18.19
C VAL A 149 3.59 -25.32 -18.39
N GLN A 150 3.38 -26.61 -18.60
CA GLN A 150 2.05 -27.20 -18.72
C GLN A 150 1.85 -28.20 -17.60
N TRP A 151 0.70 -28.15 -16.95
CA TRP A 151 0.40 -29.11 -15.90
C TRP A 151 -0.55 -30.18 -16.45
N LYS A 152 -0.27 -31.45 -16.14
CA LYS A 152 -1.08 -32.58 -16.61
C LYS A 152 -1.34 -33.58 -15.48
N VAL A 153 -2.62 -33.84 -15.21
CA VAL A 153 -3.03 -34.79 -14.19
C VAL A 153 -3.65 -35.97 -14.92
N ASP A 154 -3.02 -37.15 -14.83
CA ASP A 154 -3.46 -38.34 -15.54
C ASP A 154 -3.59 -38.09 -17.03
N ASN A 155 -2.58 -37.47 -17.62
CA ASN A 155 -2.50 -37.19 -19.05
C ASN A 155 -3.47 -36.09 -19.49
N ALA A 156 -4.22 -35.50 -18.56
CA ALA A 156 -5.18 -34.45 -18.89
C ALA A 156 -4.55 -33.08 -18.68
N LEU A 157 -4.68 -32.22 -19.68
CA LEU A 157 -4.19 -30.86 -19.59
C LEU A 157 -5.11 -30.01 -18.72
N GLN A 158 -4.50 -29.18 -17.87
CA GLN A 158 -5.23 -28.37 -16.90
C GLN A 158 -5.23 -26.90 -17.29
N SER A 159 -6.15 -26.16 -16.68
CA SER A 159 -6.34 -24.76 -17.01
C SER A 159 -6.98 -24.04 -15.82
N GLY A 160 -6.52 -22.82 -15.55
CA GLY A 160 -7.11 -21.97 -14.54
C GLY A 160 -6.73 -22.29 -13.11
N ASN A 161 -5.91 -23.32 -12.89
CA ASN A 161 -5.57 -23.75 -11.54
C ASN A 161 -4.08 -23.71 -11.27
N SER A 162 -3.31 -22.97 -12.05
CA SER A 162 -1.86 -22.86 -11.83
C SER A 162 -1.45 -21.40 -11.85
N GLN A 163 -0.40 -21.08 -11.10
CA GLN A 163 0.17 -19.74 -11.08
C GLN A 163 1.69 -19.87 -11.06
N GLU A 164 2.39 -18.98 -11.72
CA GLU A 164 3.85 -19.09 -11.78
C GLU A 164 4.52 -17.75 -11.50
N SER A 165 5.80 -17.86 -11.12
CA SER A 165 6.63 -16.76 -10.66
C SER A 165 8.02 -16.92 -11.25
N VAL A 166 8.67 -15.81 -11.54
CA VAL A 166 10.02 -15.81 -12.12
C VAL A 166 10.92 -14.91 -11.28
N THR A 167 12.15 -15.35 -11.08
CA THR A 167 13.15 -14.53 -10.41
C THR A 167 13.67 -13.47 -11.38
N GLU A 168 14.33 -12.46 -10.84
CA GLU A 168 15.00 -11.50 -11.70
C GLU A 168 16.27 -12.13 -12.27
N GLN A 169 16.82 -11.48 -13.28
CA GLN A 169 18.01 -12.01 -13.94
C GLN A 169 19.16 -12.08 -12.95
N ASP A 170 19.83 -13.23 -12.91
CA ASP A 170 20.89 -13.43 -11.93
C ASP A 170 22.07 -12.47 -12.18
N SER A 171 22.63 -11.96 -11.07
CA SER A 171 23.78 -11.07 -11.18
C SER A 171 24.94 -11.74 -11.90
N LYS A 172 25.23 -12.98 -11.51
CA LYS A 172 26.37 -13.71 -12.02
C LYS A 172 26.02 -14.45 -13.32
N ASP A 173 24.98 -15.29 -13.28
CA ASP A 173 24.69 -16.22 -14.37
C ASP A 173 23.92 -15.62 -15.52
N SER A 174 23.23 -14.49 -15.31
CA SER A 174 22.37 -13.88 -16.31
C SER A 174 21.14 -14.76 -16.57
N THR A 175 20.91 -15.76 -15.71
CA THR A 175 19.89 -16.79 -15.89
C THR A 175 18.59 -16.40 -15.19
N TYR A 176 17.57 -17.19 -15.43
CA TYR A 176 16.32 -17.05 -14.71
C TYR A 176 15.97 -18.39 -14.08
N SER A 177 15.06 -18.33 -13.11
CA SER A 177 14.42 -19.51 -12.56
C SER A 177 12.94 -19.22 -12.44
N LEU A 178 12.12 -20.27 -12.51
CA LEU A 178 10.68 -20.16 -12.56
C LEU A 178 10.06 -21.22 -11.66
N SER A 179 8.99 -20.83 -10.97
CA SER A 179 8.28 -21.68 -10.03
C SER A 179 6.81 -21.68 -10.42
N SER A 180 6.25 -22.84 -10.70
CA SER A 180 4.83 -22.96 -11.04
C SER A 180 4.13 -23.82 -10.00
N THR A 181 2.97 -23.37 -9.55
CA THR A 181 2.20 -24.07 -8.53
C THR A 181 0.84 -24.45 -9.09
N LEU A 182 0.51 -25.72 -8.97
CA LEU A 182 -0.81 -26.25 -9.29
C LEU A 182 -1.54 -26.51 -7.98
N THR A 183 -2.71 -25.90 -7.81
CA THR A 183 -3.44 -26.01 -6.55
C THR A 183 -4.73 -26.80 -6.75
N LEU A 184 -4.93 -27.80 -5.89
CA LEU A 184 -6.10 -28.68 -5.94
C LEU A 184 -6.62 -28.91 -4.53
N SER A 185 -7.89 -29.29 -4.45
CA SER A 185 -8.48 -29.76 -3.21
C SER A 185 -7.89 -31.12 -2.85
N LYS A 186 -7.74 -31.39 -1.54
CA LYS A 186 -7.19 -32.67 -1.15
C LYS A 186 -7.94 -33.81 -1.83
N ALA A 187 -9.25 -33.67 -2.01
CA ALA A 187 -10.02 -34.67 -2.73
C ALA A 187 -9.59 -34.76 -4.18
N ASP A 188 -9.56 -33.61 -4.88
CA ASP A 188 -9.17 -33.63 -6.28
C ASP A 188 -7.77 -34.22 -6.45
N TYR A 189 -6.86 -33.91 -5.52
CA TYR A 189 -5.51 -34.43 -5.60
C TYR A 189 -5.49 -35.94 -5.41
N GLU A 190 -6.27 -36.45 -4.45
CA GLU A 190 -6.25 -37.88 -4.19
C GLU A 190 -7.07 -38.69 -5.19
N LYS A 191 -7.90 -38.04 -6.01
CA LYS A 191 -8.68 -38.77 -6.99
C LYS A 191 -7.82 -39.31 -8.12
N HIS A 192 -6.79 -38.58 -8.51
CA HIS A 192 -5.92 -38.96 -9.61
C HIS A 192 -4.54 -39.30 -9.07
N LYS A 193 -3.73 -39.88 -9.94
CA LYS A 193 -2.51 -40.50 -9.46
C LYS A 193 -1.21 -39.94 -9.98
N VAL A 194 -1.15 -39.50 -11.23
CA VAL A 194 0.10 -39.05 -11.85
C VAL A 194 0.03 -37.56 -12.10
N TYR A 195 1.06 -36.84 -11.63
CA TYR A 195 1.14 -35.40 -11.76
C TYR A 195 2.39 -35.09 -12.57
N ALA A 196 2.22 -34.31 -13.63
CA ALA A 196 3.25 -34.09 -14.63
C ALA A 196 3.42 -32.61 -14.93
N CYS A 197 4.67 -32.20 -15.03
CA CYS A 197 5.08 -30.86 -15.42
C CYS A 197 5.80 -30.94 -16.77
N GLU A 198 5.24 -30.29 -17.79
CA GLU A 198 5.82 -30.31 -19.14
C GLU A 198 6.45 -28.96 -19.44
N VAL A 199 7.73 -28.97 -19.81
CA VAL A 199 8.54 -27.77 -19.93
C VAL A 199 9.03 -27.66 -21.37
N THR A 200 8.77 -26.51 -21.99
CA THR A 200 9.34 -26.18 -23.30
C THR A 200 10.21 -24.93 -23.16
N HIS A 201 11.45 -25.03 -23.67
CA HIS A 201 12.45 -23.98 -23.67
C HIS A 201 13.38 -24.21 -24.86
N GLN A 202 14.02 -23.13 -25.31
CA GLN A 202 14.86 -23.23 -26.51
C GLN A 202 16.13 -24.05 -26.31
N GLY A 203 16.55 -24.28 -25.07
CA GLY A 203 17.68 -25.14 -24.79
C GLY A 203 17.35 -26.61 -24.71
N LEU A 204 16.07 -26.95 -24.81
CA LEU A 204 15.61 -28.34 -24.86
C LEU A 204 15.12 -28.59 -26.28
N SER A 205 15.63 -29.62 -26.92
CA SER A 205 15.20 -29.88 -28.29
C SER A 205 13.79 -30.44 -28.36
N SER A 206 13.33 -31.08 -27.28
CA SER A 206 11.93 -31.47 -27.16
C SER A 206 11.47 -31.23 -25.73
N PRO A 207 10.16 -31.12 -25.51
CA PRO A 207 9.65 -30.86 -24.16
C PRO A 207 10.11 -31.91 -23.15
N VAL A 208 10.44 -31.43 -21.95
CA VAL A 208 10.84 -32.29 -20.85
C VAL A 208 9.63 -32.49 -19.97
N THR A 209 9.41 -33.71 -19.51
CA THR A 209 8.30 -33.96 -18.61
C THR A 209 8.83 -34.57 -17.32
N LYS A 210 8.50 -33.93 -16.21
CA LYS A 210 8.80 -34.43 -14.87
C LYS A 210 7.51 -34.87 -14.21
N SER A 211 7.48 -36.11 -13.73
CA SER A 211 6.22 -36.67 -13.25
C SER A 211 6.45 -37.45 -11.96
N PHE A 212 5.40 -37.53 -11.16
CA PHE A 212 5.39 -38.39 -9.98
C PHE A 212 4.01 -39.02 -9.83
N ASN A 213 3.97 -40.21 -9.23
CA ASN A 213 2.70 -40.83 -8.86
C ASN A 213 2.45 -40.68 -7.36
N ARG A 214 1.18 -40.77 -6.97
CA ARG A 214 0.81 -40.54 -5.57
C ARG A 214 1.12 -41.78 -4.76
N GLY A 215 2.04 -41.68 -3.81
CA GLY A 215 2.49 -42.86 -3.08
C GLY A 215 3.43 -43.68 -3.92
N MET B 1 17.99 22.60 -14.41
CA MET B 1 17.54 22.04 -13.15
C MET B 1 17.03 20.61 -13.31
N GLU B 2 17.46 19.71 -12.42
CA GLU B 2 17.04 18.32 -12.50
C GLU B 2 15.54 18.19 -12.21
N VAL B 3 14.85 17.42 -13.05
CA VAL B 3 13.40 17.27 -12.99
C VAL B 3 13.04 16.11 -12.07
N LYS B 4 11.92 16.25 -11.36
CA LYS B 4 11.49 15.24 -10.42
C LYS B 4 9.99 15.35 -10.18
N LEU B 5 9.28 14.25 -10.34
CA LEU B 5 7.86 14.17 -10.03
C LEU B 5 7.79 13.29 -8.79
N LEU B 6 7.57 13.91 -7.63
CA LEU B 6 7.55 13.21 -6.36
C LEU B 6 6.10 12.84 -6.04
N GLN B 7 5.84 11.55 -5.95
CA GLN B 7 4.49 11.05 -5.72
C GLN B 7 4.31 10.75 -4.24
N SER B 8 3.09 10.92 -3.77
CA SER B 8 2.77 10.48 -2.42
C SER B 8 1.31 10.07 -2.38
N GLY B 9 0.95 9.28 -1.38
CA GLY B 9 -0.36 8.68 -1.38
C GLY B 9 -0.26 7.17 -1.52
N GLY B 10 -1.41 6.52 -1.51
CA GLY B 10 -1.43 5.10 -1.78
C GLY B 10 -1.43 4.28 -0.51
N GLY B 11 -1.43 2.97 -0.72
CA GLY B 11 -1.41 2.01 0.35
C GLY B 11 -2.53 1.01 0.17
N LEU B 12 -2.84 0.32 1.26
CA LEU B 12 -3.89 -0.68 1.28
C LEU B 12 -5.22 0.01 1.59
N VAL B 13 -6.25 -0.32 0.83
CA VAL B 13 -7.56 0.29 0.95
C VAL B 13 -8.60 -0.80 0.71
N GLN B 14 -9.73 -0.71 1.43
CA GLN B 14 -10.77 -1.73 1.33
C GLN B 14 -11.59 -1.55 0.05
N PRO B 15 -12.15 -2.65 -0.48
CA PRO B 15 -13.01 -2.53 -1.66
C PRO B 15 -14.10 -1.47 -1.49
N GLY B 16 -14.22 -0.59 -2.48
CA GLY B 16 -15.23 0.44 -2.42
C GLY B 16 -14.80 1.75 -1.79
N GLY B 17 -13.62 1.80 -1.17
CA GLY B 17 -13.14 3.01 -0.56
C GLY B 17 -12.64 3.98 -1.60
N SER B 18 -11.99 5.05 -1.12
CA SER B 18 -11.46 6.10 -1.97
C SER B 18 -10.05 6.50 -1.54
N LEU B 19 -9.25 6.94 -2.51
CA LEU B 19 -7.88 7.37 -2.28
C LEU B 19 -7.61 8.63 -3.06
N LYS B 20 -6.61 9.38 -2.65
CA LYS B 20 -6.13 10.49 -3.44
C LYS B 20 -4.62 10.38 -3.52
N LEU B 21 -4.10 10.50 -4.74
CA LEU B 21 -2.67 10.45 -5.01
C LEU B 21 -2.20 11.82 -5.46
N SER B 22 -1.02 12.21 -5.01
CA SER B 22 -0.45 13.50 -5.34
C SER B 22 0.85 13.31 -6.08
N CYS B 23 1.13 14.25 -6.97
CA CYS B 23 2.33 14.26 -7.79
C CYS B 23 2.83 15.69 -7.83
N ALA B 24 3.89 15.98 -7.05
CA ALA B 24 4.46 17.32 -6.98
C ALA B 24 5.62 17.42 -7.97
N ALA B 25 5.57 18.39 -8.86
CA ALA B 25 6.56 18.54 -9.92
C ALA B 25 7.64 19.52 -9.50
N SER B 26 8.89 19.21 -9.83
CA SER B 26 10.07 19.96 -9.47
C SER B 26 11.01 20.00 -10.66
N GLY B 27 11.45 21.19 -11.05
CA GLY B 27 12.43 21.30 -12.11
C GLY B 27 11.88 21.59 -13.49
N ILE B 28 10.57 21.79 -13.60
CA ILE B 28 9.91 22.14 -14.86
C ILE B 28 8.86 23.20 -14.55
N ASP B 29 8.43 23.89 -15.60
CA ASP B 29 7.31 24.83 -15.46
C ASP B 29 6.02 23.99 -15.54
N PHE B 30 5.63 23.45 -14.38
CA PHE B 30 4.47 22.58 -14.30
C PHE B 30 3.27 23.17 -15.02
N SER B 31 3.19 24.51 -15.08
CA SER B 31 2.04 25.21 -15.62
C SER B 31 1.88 25.01 -17.12
N GLY B 32 2.94 24.69 -17.84
CA GLY B 32 2.82 24.55 -19.28
C GLY B 32 3.02 23.13 -19.75
N TYR B 33 2.56 22.16 -18.96
CA TYR B 33 2.78 20.76 -19.25
C TYR B 33 1.46 19.98 -19.23
N TRP B 34 1.27 19.13 -20.22
CA TRP B 34 0.21 18.15 -20.13
C TRP B 34 0.65 17.12 -19.11
N MET B 35 -0.26 16.73 -18.21
CA MET B 35 0.08 15.68 -17.26
C MET B 35 -0.83 14.50 -17.51
N SER B 36 -0.38 13.31 -17.11
CA SER B 36 -1.13 12.10 -17.35
C SER B 36 -0.89 11.13 -16.20
N TRP B 37 -1.86 10.25 -15.98
CA TRP B 37 -1.75 9.19 -14.99
C TRP B 37 -1.87 7.86 -15.73
N VAL B 38 -0.90 6.98 -15.48
CA VAL B 38 -0.92 5.61 -15.98
C VAL B 38 -0.72 4.68 -14.79
N ARG B 39 -0.98 3.38 -15.01
CA ARG B 39 -0.79 2.39 -13.97
C ARG B 39 -0.25 1.09 -14.56
N ARG B 40 0.35 0.29 -13.67
CA ARG B 40 1.03 -0.96 -14.03
C ARG B 40 0.59 -2.02 -13.04
N ALA B 41 -0.24 -2.99 -13.52
CA ALA B 41 -0.72 -4.04 -12.64
C ALA B 41 0.01 -5.33 -12.92
N PRO B 42 0.12 -6.20 -11.90
CA PRO B 42 0.98 -7.37 -12.02
C PRO B 42 0.74 -8.16 -13.30
N GLY B 43 -0.48 -8.67 -13.51
CA GLY B 43 -0.63 -9.48 -14.70
C GLY B 43 -0.87 -8.68 -15.96
N LYS B 44 -1.22 -7.42 -15.83
CA LYS B 44 -1.52 -6.54 -16.94
C LYS B 44 -0.23 -5.82 -17.36
N GLY B 45 -0.36 -4.94 -18.34
CA GLY B 45 0.73 -4.09 -18.74
C GLY B 45 0.52 -2.69 -18.22
N LEU B 46 1.14 -1.74 -18.89
CA LEU B 46 0.78 -0.35 -18.68
C LEU B 46 -0.68 -0.16 -19.03
N GLU B 47 -1.40 0.61 -18.23
CA GLU B 47 -2.72 1.07 -18.60
C GLU B 47 -2.81 2.58 -18.41
N TRP B 48 -3.27 3.27 -19.46
CA TRP B 48 -3.44 4.72 -19.43
C TRP B 48 -4.72 5.04 -18.68
N ILE B 49 -4.61 5.87 -17.65
CA ILE B 49 -5.80 6.27 -16.90
C ILE B 49 -6.37 7.56 -17.45
N GLY B 50 -5.54 8.58 -17.64
CA GLY B 50 -6.07 9.84 -18.15
C GLY B 50 -4.99 10.90 -18.27
N GLU B 51 -5.44 12.10 -18.66
CA GLU B 51 -4.56 13.24 -18.87
C GLU B 51 -5.33 14.55 -18.64
N ILE B 52 -4.59 15.62 -18.39
CA ILE B 52 -5.15 16.94 -18.13
C ILE B 52 -4.25 17.99 -18.76
N THR B 53 -4.86 18.99 -19.40
CA THR B 53 -4.13 20.08 -20.03
C THR B 53 -3.68 21.08 -18.99
N PRO B 54 -2.68 21.90 -19.32
CA PRO B 54 -2.10 22.78 -18.30
C PRO B 54 -3.12 23.71 -17.66
N ASP B 55 -4.18 24.08 -18.38
CA ASP B 55 -5.21 24.98 -17.87
C ASP B 55 -6.41 24.26 -17.28
N SER B 56 -6.47 22.94 -17.37
CA SER B 56 -7.59 22.12 -16.88
C SER B 56 -8.85 22.28 -17.71
N SER B 57 -8.81 23.02 -18.83
CA SER B 57 -9.96 23.06 -19.72
C SER B 57 -10.36 21.66 -20.19
N THR B 58 -9.40 20.81 -20.50
CA THR B 58 -9.67 19.47 -21.02
C THR B 58 -9.07 18.43 -20.07
N ILE B 59 -9.86 17.39 -19.77
CA ILE B 59 -9.45 16.26 -18.95
C ILE B 59 -9.96 15.01 -19.64
N ASN B 60 -9.06 14.19 -20.16
CA ASN B 60 -9.46 12.99 -20.88
C ASN B 60 -9.21 11.74 -20.05
N TYR B 61 -10.17 10.82 -20.10
CA TYR B 61 -10.16 9.58 -19.36
C TYR B 61 -10.29 8.38 -20.29
N ALA B 62 -9.86 7.22 -19.80
CA ALA B 62 -10.18 5.98 -20.49
C ALA B 62 -11.66 5.65 -20.25
N PRO B 63 -12.43 5.37 -21.31
CA PRO B 63 -13.87 5.18 -21.11
C PRO B 63 -14.22 4.17 -20.03
N SER B 64 -13.45 3.07 -19.91
CA SER B 64 -13.78 2.09 -18.88
C SER B 64 -13.57 2.62 -17.48
N LEU B 65 -12.72 3.63 -17.29
CA LEU B 65 -12.37 4.07 -15.96
C LEU B 65 -12.90 5.45 -15.60
N LYS B 66 -13.65 6.11 -16.50
CA LYS B 66 -13.97 7.52 -16.28
C LYS B 66 -14.94 7.74 -15.12
N ASP B 67 -15.69 6.73 -14.70
CA ASP B 67 -16.60 6.88 -13.56
C ASP B 67 -15.97 6.42 -12.25
N GLU B 68 -14.65 6.27 -12.22
CA GLU B 68 -13.93 5.86 -11.02
C GLU B 68 -12.78 6.79 -10.64
N PHE B 69 -12.22 7.54 -11.58
CA PHE B 69 -11.07 8.38 -11.33
C PHE B 69 -11.42 9.82 -11.66
N ILE B 70 -10.78 10.73 -10.94
CA ILE B 70 -10.92 12.17 -11.19
C ILE B 70 -9.53 12.78 -11.18
N ILE B 71 -9.13 13.36 -12.31
CA ILE B 71 -7.82 13.99 -12.43
C ILE B 71 -7.99 15.49 -12.21
N SER B 72 -7.07 16.09 -11.45
CA SER B 72 -7.11 17.54 -11.20
C SER B 72 -5.69 18.04 -11.00
N ARG B 73 -5.54 19.36 -10.96
CA ARG B 73 -4.23 19.93 -10.72
C ARG B 73 -4.37 21.30 -10.08
N ASP B 74 -3.34 21.67 -9.33
CA ASP B 74 -3.19 22.99 -8.73
C ASP B 74 -1.81 23.49 -9.15
N ASN B 75 -1.79 24.35 -10.17
CA ASN B 75 -0.52 24.85 -10.69
C ASN B 75 0.18 25.75 -9.68
N ALA B 76 -0.58 26.43 -8.82
CA ALA B 76 0.04 27.26 -7.79
C ALA B 76 0.86 26.41 -6.82
N LYS B 77 0.38 25.18 -6.55
CA LYS B 77 1.10 24.22 -5.72
C LYS B 77 1.93 23.27 -6.56
N ASN B 78 1.97 23.45 -7.88
CA ASN B 78 2.79 22.62 -8.75
C ASN B 78 2.43 21.14 -8.58
N THR B 79 1.14 20.86 -8.37
CA THR B 79 0.78 19.48 -8.04
C THR B 79 -0.34 18.98 -8.93
N LEU B 80 -0.25 17.67 -9.22
CA LEU B 80 -1.26 16.92 -9.96
C LEU B 80 -1.89 15.91 -9.01
N TYR B 81 -3.18 15.67 -9.17
CA TYR B 81 -3.92 14.82 -8.25
C TYR B 81 -4.70 13.78 -9.04
N LEU B 82 -4.76 12.56 -8.49
CA LEU B 82 -5.63 11.49 -8.98
C LEU B 82 -6.50 10.99 -7.85
N GLN B 83 -7.82 11.15 -7.99
CA GLN B 83 -8.80 10.75 -6.99
C GLN B 83 -9.44 9.44 -7.43
N MET B 84 -9.35 8.41 -6.60
CA MET B 84 -9.95 7.11 -6.86
C MET B 84 -11.16 6.92 -5.96
N THR B 85 -12.25 6.45 -6.54
CA THR B 85 -13.52 6.24 -5.86
C THR B 85 -14.05 4.85 -6.14
N LYS B 86 -14.72 4.26 -5.16
CA LYS B 86 -15.30 2.93 -5.29
C LYS B 86 -14.31 1.98 -5.97
N VAL B 87 -13.16 1.79 -5.34
CA VAL B 87 -12.12 0.97 -5.93
C VAL B 87 -12.47 -0.52 -5.83
N ARG B 88 -11.81 -1.33 -6.66
CA ARG B 88 -12.00 -2.79 -6.68
C ARG B 88 -10.63 -3.46 -6.82
N SER B 89 -10.64 -4.80 -6.78
CA SER B 89 -9.39 -5.56 -6.82
C SER B 89 -8.57 -5.19 -8.05
N ASP B 90 -9.21 -5.04 -9.20
CA ASP B 90 -8.44 -4.75 -10.39
C ASP B 90 -7.74 -3.40 -10.32
N ASP B 91 -7.99 -2.59 -9.29
CA ASP B 91 -7.28 -1.33 -9.19
C ASP B 91 -5.95 -1.47 -8.48
N THR B 92 -5.65 -2.65 -7.93
CA THR B 92 -4.34 -2.89 -7.33
C THR B 92 -3.26 -2.73 -8.38
N ALA B 93 -2.34 -1.79 -8.16
CA ALA B 93 -1.27 -1.59 -9.13
C ALA B 93 -0.31 -0.52 -8.67
N LEU B 94 0.75 -0.30 -9.44
CA LEU B 94 1.62 0.86 -9.26
C LEU B 94 1.12 1.99 -10.17
N TYR B 95 0.79 3.13 -9.58
CA TYR B 95 0.31 4.29 -10.32
C TYR B 95 1.44 5.28 -10.52
N TYR B 96 1.56 5.82 -11.75
CA TYR B 96 2.58 6.78 -12.14
C TYR B 96 1.96 8.03 -12.75
N CYS B 97 2.47 9.19 -12.38
CA CYS B 97 2.20 10.44 -13.08
C CYS B 97 3.30 10.66 -14.12
N VAL B 98 2.91 11.10 -15.30
CA VAL B 98 3.82 11.30 -16.42
C VAL B 98 3.60 12.71 -16.97
N SER B 99 4.70 13.33 -17.37
CA SER B 99 4.76 14.63 -18.03
C SER B 99 5.03 14.39 -19.52
N TYR B 100 4.16 14.95 -20.37
CA TYR B 100 4.30 14.84 -21.81
C TYR B 100 5.34 15.82 -22.36
N TYR B 101 6.38 15.31 -22.99
CA TYR B 101 7.21 16.11 -23.88
C TYR B 101 7.35 15.29 -25.17
N GLU B 102 6.40 15.48 -26.08
CA GLU B 102 6.32 14.70 -27.32
C GLU B 102 6.01 13.23 -27.03
N GLY B 103 6.13 12.82 -25.79
CA GLY B 103 5.79 11.47 -25.41
C GLY B 103 5.66 11.43 -23.92
N PHE B 104 5.57 10.21 -23.38
CA PHE B 104 5.56 10.07 -21.93
C PHE B 104 6.97 10.35 -21.49
N ALA B 105 7.28 11.61 -21.18
CA ALA B 105 8.68 12.02 -21.06
C ALA B 105 9.22 11.87 -19.65
N TYR B 106 8.53 12.44 -18.66
CA TYR B 106 9.01 12.46 -17.28
C TYR B 106 8.09 11.62 -16.41
N TRP B 107 8.67 10.79 -15.53
CA TRP B 107 7.89 9.87 -14.71
C TRP B 107 8.19 10.04 -13.21
N GLY B 108 7.16 9.85 -12.39
CA GLY B 108 7.34 9.82 -10.95
C GLY B 108 7.77 8.45 -10.49
N GLN B 109 8.13 8.37 -9.21
CA GLN B 109 8.71 7.12 -8.71
C GLN B 109 7.68 6.01 -8.55
N GLY B 110 6.39 6.31 -8.65
CA GLY B 110 5.39 5.28 -8.51
C GLY B 110 4.79 5.20 -7.13
N THR B 111 3.49 4.91 -7.05
CA THR B 111 2.76 4.74 -5.79
C THR B 111 1.95 3.46 -5.85
N LEU B 112 2.18 2.56 -4.90
CA LEU B 112 1.47 1.30 -4.86
C LEU B 112 0.10 1.47 -4.20
N VAL B 113 -0.94 0.95 -4.85
CA VAL B 113 -2.28 0.91 -4.29
C VAL B 113 -2.71 -0.54 -4.28
N THR B 114 -3.00 -1.07 -3.09
CA THR B 114 -3.50 -2.42 -2.95
C THR B 114 -4.94 -2.37 -2.46
N VAL B 115 -5.85 -2.98 -3.23
CA VAL B 115 -7.27 -3.03 -2.90
C VAL B 115 -7.63 -4.47 -2.50
N SER B 116 -7.90 -4.68 -1.21
CA SER B 116 -8.23 -6.01 -0.74
C SER B 116 -8.95 -5.91 0.60
N ALA B 117 -9.95 -6.76 0.80
CA ALA B 117 -10.65 -6.85 2.08
C ALA B 117 -10.05 -7.91 2.99
N ALA B 118 -8.89 -8.45 2.63
CA ALA B 118 -8.32 -9.56 3.37
C ALA B 118 -7.81 -9.10 4.74
N SER B 119 -7.85 -10.01 5.70
CA SER B 119 -7.30 -9.75 7.03
C SER B 119 -5.86 -10.17 7.09
N THR B 120 -5.13 -9.58 8.03
CA THR B 120 -3.74 -9.96 8.27
C THR B 120 -3.66 -11.43 8.66
N LYS B 121 -2.91 -12.20 7.89
CA LYS B 121 -2.73 -13.62 8.17
C LYS B 121 -1.27 -13.98 8.00
N GLY B 122 -0.74 -14.69 8.97
CA GLY B 122 0.59 -15.22 8.86
C GLY B 122 0.57 -16.42 7.93
N PRO B 123 1.71 -16.74 7.34
CA PRO B 123 1.76 -17.84 6.36
C PRO B 123 1.82 -19.21 7.04
N SER B 124 1.42 -20.24 6.29
CA SER B 124 1.76 -21.61 6.63
C SER B 124 2.94 -22.03 5.76
N VAL B 125 3.91 -22.71 6.34
CA VAL B 125 5.17 -23.01 5.66
C VAL B 125 5.32 -24.52 5.52
N PHE B 126 5.15 -25.03 4.25
CA PHE B 126 5.24 -26.45 3.94
C PHE B 126 6.57 -26.77 3.27
N PRO B 127 7.10 -27.97 3.47
CA PRO B 127 8.36 -28.34 2.82
C PRO B 127 8.18 -28.72 1.37
N LEU B 128 9.24 -28.52 0.61
CA LEU B 128 9.38 -28.96 -0.78
C LEU B 128 10.56 -29.92 -0.72
N ALA B 129 10.25 -31.20 -0.48
CA ALA B 129 11.20 -32.24 -0.13
C ALA B 129 11.84 -32.82 -1.39
N PRO B 130 13.18 -33.03 -1.38
CA PRO B 130 13.97 -33.55 -2.50
C PRO B 130 13.80 -35.05 -2.72
N THR B 135 16.20 -34.62 -8.07
CA THR B 135 17.65 -34.84 -8.09
C THR B 135 18.19 -34.92 -9.53
N SER B 136 19.14 -34.03 -9.84
CA SER B 136 19.77 -33.95 -11.17
C SER B 136 21.30 -33.95 -11.06
N GLY B 137 21.93 -35.05 -11.51
CA GLY B 137 23.37 -35.12 -11.64
C GLY B 137 24.12 -34.66 -10.41
N GLY B 138 23.89 -35.38 -9.32
CA GLY B 138 24.43 -35.03 -8.02
C GLY B 138 23.86 -33.76 -7.43
N THR B 139 23.02 -33.03 -8.16
CA THR B 139 22.33 -31.85 -7.65
C THR B 139 20.91 -32.19 -7.24
N ALA B 140 20.52 -31.77 -6.04
CA ALA B 140 19.16 -31.89 -5.54
C ALA B 140 18.56 -30.51 -5.38
N ALA B 141 17.23 -30.44 -5.43
CA ALA B 141 16.50 -29.19 -5.27
C ALA B 141 15.49 -29.38 -4.15
N LEU B 142 15.53 -28.49 -3.15
CA LEU B 142 14.56 -28.49 -2.06
C LEU B 142 14.11 -27.06 -1.80
N GLY B 143 13.07 -26.92 -0.97
CA GLY B 143 12.61 -25.58 -0.67
C GLY B 143 11.49 -25.57 0.35
N CYS B 144 10.86 -24.40 0.46
CA CYS B 144 9.72 -24.14 1.31
C CYS B 144 8.65 -23.38 0.53
N LEU B 145 7.41 -23.74 0.79
CA LEU B 145 6.23 -23.06 0.24
C LEU B 145 5.58 -22.25 1.36
N VAL B 146 5.57 -20.93 1.21
CA VAL B 146 5.04 -19.99 2.21
C VAL B 146 3.66 -19.54 1.69
N LYS B 147 2.59 -20.17 2.20
CA LYS B 147 1.29 -20.06 1.59
C LYS B 147 0.28 -19.35 2.49
N ASP B 148 -0.66 -18.64 1.85
CA ASP B 148 -1.83 -18.10 2.53
C ASP B 148 -1.45 -17.11 3.63
N TYR B 149 -0.81 -16.02 3.21
CA TYR B 149 -0.44 -14.94 4.11
C TYR B 149 -0.87 -13.60 3.51
N PHE B 150 -1.10 -12.61 4.39
CA PHE B 150 -1.54 -11.29 3.96
C PHE B 150 -1.21 -10.28 5.05
N PRO B 151 -0.67 -9.11 4.69
CA PRO B 151 -0.31 -8.70 3.33
C PRO B 151 1.16 -9.03 3.00
N GLU B 152 1.69 -8.45 1.92
CA GLU B 152 3.12 -8.53 1.67
C GLU B 152 3.87 -7.64 2.63
N PRO B 153 5.18 -7.89 2.83
CA PRO B 153 5.98 -8.96 2.23
C PRO B 153 6.30 -10.08 3.20
N VAL B 154 7.09 -11.01 2.68
CA VAL B 154 7.66 -12.10 3.45
C VAL B 154 9.15 -12.13 3.18
N THR B 155 9.94 -12.46 4.19
CA THR B 155 11.36 -12.70 4.00
C THR B 155 11.70 -14.16 4.24
N VAL B 156 12.67 -14.66 3.48
CA VAL B 156 13.08 -16.06 3.57
C VAL B 156 14.60 -16.14 3.61
N SER B 157 15.13 -16.88 4.57
CA SER B 157 16.55 -17.20 4.65
C SER B 157 16.69 -18.71 4.83
N TRP B 158 17.90 -19.22 4.60
CA TRP B 158 18.19 -20.64 4.76
C TRP B 158 19.31 -20.84 5.76
N ASN B 159 19.08 -21.74 6.73
CA ASN B 159 20.06 -22.02 7.78
C ASN B 159 20.53 -20.71 8.43
N SER B 160 19.58 -19.82 8.72
CA SER B 160 19.86 -18.56 9.41
C SER B 160 20.87 -17.70 8.65
N GLY B 161 20.89 -17.83 7.33
CA GLY B 161 21.74 -17.02 6.48
C GLY B 161 23.04 -17.68 6.06
N ALA B 162 23.44 -18.77 6.71
CA ALA B 162 24.69 -19.43 6.39
C ALA B 162 24.63 -20.07 5.01
N LEU B 163 23.42 -20.39 4.55
CA LEU B 163 23.18 -20.95 3.23
C LEU B 163 22.61 -19.86 2.35
N THR B 164 23.33 -19.52 1.28
CA THR B 164 22.91 -18.49 0.33
C THR B 164 23.09 -18.90 -1.13
N SER B 165 24.13 -19.65 -1.44
CA SER B 165 24.44 -19.97 -2.83
C SER B 165 23.44 -21.00 -3.36
N GLY B 166 22.98 -20.79 -4.59
CA GLY B 166 21.96 -21.65 -5.14
C GLY B 166 20.56 -21.37 -4.63
N VAL B 167 20.32 -20.20 -4.07
CA VAL B 167 19.03 -19.86 -3.47
C VAL B 167 18.27 -18.94 -4.39
N HIS B 168 16.99 -19.25 -4.61
CA HIS B 168 16.09 -18.42 -5.37
C HIS B 168 14.82 -18.29 -4.56
N THR B 169 14.55 -17.09 -4.06
CA THR B 169 13.26 -16.79 -3.47
C THR B 169 12.42 -16.08 -4.53
N PHE B 170 11.29 -16.67 -4.86
CA PHE B 170 10.51 -16.20 -5.99
C PHE B 170 9.55 -15.10 -5.57
N PRO B 171 9.08 -14.30 -6.52
CA PRO B 171 8.00 -13.35 -6.21
C PRO B 171 6.73 -14.07 -5.81
N ALA B 172 5.99 -13.45 -4.91
CA ALA B 172 4.72 -14.02 -4.52
C ALA B 172 3.72 -13.95 -5.66
N VAL B 173 2.75 -14.86 -5.65
CA VAL B 173 1.58 -14.74 -6.51
C VAL B 173 0.37 -14.55 -5.61
N LEU B 174 -0.60 -13.79 -6.13
CA LEU B 174 -1.85 -13.54 -5.43
C LEU B 174 -2.85 -14.59 -5.86
N GLN B 175 -3.33 -15.38 -4.91
CA GLN B 175 -4.28 -16.43 -5.25
C GLN B 175 -5.69 -15.85 -5.31
N SER B 176 -6.63 -16.63 -5.84
CA SER B 176 -8.02 -16.17 -5.91
C SER B 176 -8.60 -15.92 -4.53
N SER B 177 -8.15 -16.66 -3.51
CA SER B 177 -8.67 -16.47 -2.15
C SER B 177 -8.33 -15.10 -1.58
N GLY B 178 -7.47 -14.33 -2.25
CA GLY B 178 -6.99 -13.09 -1.73
C GLY B 178 -5.72 -13.18 -0.92
N LEU B 179 -5.13 -14.38 -0.79
CA LEU B 179 -3.91 -14.56 -0.03
C LEU B 179 -2.73 -14.83 -0.96
N TYR B 180 -1.55 -14.47 -0.49
CA TYR B 180 -0.34 -14.60 -1.29
C TYR B 180 0.28 -15.97 -1.09
N SER B 181 1.01 -16.42 -2.10
CA SER B 181 1.77 -17.65 -1.96
C SER B 181 3.13 -17.44 -2.59
N LEU B 182 4.16 -17.94 -1.93
CA LEU B 182 5.53 -17.71 -2.38
C LEU B 182 6.32 -18.98 -2.19
N SER B 183 7.38 -19.13 -2.96
CA SER B 183 8.22 -20.32 -2.87
C SER B 183 9.66 -19.89 -2.79
N SER B 184 10.45 -20.61 -2.00
CA SER B 184 11.90 -20.41 -1.96
C SER B 184 12.57 -21.75 -2.13
N VAL B 185 13.59 -21.79 -2.99
CA VAL B 185 14.20 -23.03 -3.48
C VAL B 185 15.72 -22.90 -3.37
N VAL B 186 16.38 -24.04 -3.16
CA VAL B 186 17.83 -24.13 -3.14
C VAL B 186 18.24 -25.45 -3.78
N THR B 187 19.31 -25.40 -4.56
CA THR B 187 19.95 -26.59 -5.09
C THR B 187 21.21 -26.84 -4.27
N VAL B 188 21.47 -28.11 -3.99
CA VAL B 188 22.61 -28.49 -3.17
C VAL B 188 23.19 -29.78 -3.71
N PRO B 189 24.41 -30.11 -3.30
CA PRO B 189 24.92 -31.43 -3.63
C PRO B 189 23.97 -32.46 -3.05
N SER B 190 23.71 -33.52 -3.82
CA SER B 190 22.94 -34.59 -3.24
C SER B 190 23.78 -35.45 -2.29
N SER B 191 25.12 -35.38 -2.41
CA SER B 191 26.00 -35.82 -1.34
C SER B 191 25.45 -35.41 0.01
N SER B 192 25.18 -34.12 0.18
CA SER B 192 24.78 -33.48 1.42
C SER B 192 23.40 -33.89 1.93
N LEU B 193 22.53 -34.52 1.14
CA LEU B 193 21.16 -34.69 1.63
C LEU B 193 21.11 -35.41 2.98
N GLY B 194 22.11 -36.23 3.30
CA GLY B 194 22.15 -36.96 4.54
C GLY B 194 23.15 -36.47 5.56
N THR B 195 24.00 -35.51 5.18
CA THR B 195 24.96 -34.95 6.12
C THR B 195 24.81 -33.45 6.33
N GLN B 196 23.72 -32.84 5.86
CA GLN B 196 23.39 -31.47 6.22
C GLN B 196 21.90 -31.33 6.47
N THR B 197 21.54 -30.53 7.46
CA THR B 197 20.14 -30.21 7.71
C THR B 197 19.81 -28.87 7.10
N TYR B 198 18.68 -28.79 6.41
CA TYR B 198 18.26 -27.59 5.70
C TYR B 198 17.01 -27.04 6.37
N ILE B 199 17.06 -25.77 6.79
CA ILE B 199 15.92 -25.12 7.41
C ILE B 199 15.69 -23.76 6.77
N CYS B 200 14.43 -23.45 6.49
CA CYS B 200 14.06 -22.12 5.98
C CYS B 200 13.46 -21.30 7.12
N ASN B 201 13.98 -20.10 7.29
CA ASN B 201 13.52 -19.13 8.27
C ASN B 201 12.66 -18.08 7.58
N VAL B 202 11.38 -18.06 7.94
CA VAL B 202 10.37 -17.21 7.30
C VAL B 202 9.91 -16.15 8.28
N ASN B 203 9.95 -14.91 7.83
CA ASN B 203 9.48 -13.80 8.65
C ASN B 203 8.37 -13.06 7.91
N HIS B 204 7.19 -13.02 8.52
CA HIS B 204 6.07 -12.20 8.04
C HIS B 204 5.78 -11.17 9.13
N LYS B 205 6.38 -10.00 8.98
CA LYS B 205 6.34 -8.99 10.03
C LYS B 205 4.93 -8.42 10.22
N PRO B 206 4.18 -8.14 9.16
CA PRO B 206 2.85 -7.56 9.36
C PRO B 206 2.00 -8.32 10.36
N SER B 207 2.17 -9.63 10.48
CA SER B 207 1.40 -10.45 11.40
C SER B 207 2.25 -10.99 12.54
N ASN B 208 3.45 -10.46 12.71
CA ASN B 208 4.34 -10.93 13.77
C ASN B 208 4.51 -12.44 13.75
N THR B 209 4.69 -13.01 12.55
CA THR B 209 4.88 -14.45 12.41
C THR B 209 6.32 -14.76 12.02
N LYS B 210 6.96 -15.64 12.79
CA LYS B 210 8.29 -16.18 12.47
C LYS B 210 8.23 -17.69 12.59
N VAL B 211 8.56 -18.38 11.51
CA VAL B 211 8.50 -19.84 11.49
C VAL B 211 9.79 -20.36 10.89
N ASP B 212 10.37 -21.37 11.54
CA ASP B 212 11.52 -22.12 11.04
C ASP B 212 11.03 -23.51 10.64
N LYS B 213 11.33 -23.92 9.41
CA LYS B 213 10.85 -25.21 8.94
C LYS B 213 12.00 -26.02 8.36
N LYS B 214 12.08 -27.26 8.79
CA LYS B 214 13.10 -28.19 8.34
C LYS B 214 12.61 -28.92 7.11
N VAL B 215 13.48 -29.04 6.10
CA VAL B 215 13.17 -29.79 4.90
C VAL B 215 13.92 -31.11 4.96
N GLU B 216 13.19 -32.21 4.95
CA GLU B 216 13.84 -33.52 4.96
C GLU B 216 13.36 -34.34 3.78
N PRO B 217 14.20 -35.27 3.30
CA PRO B 217 13.93 -36.16 2.15
C PRO B 217 12.76 -37.12 2.36
N PRO C 4 0.82 34.92 -21.98
CA PRO C 4 0.64 33.49 -22.28
C PRO C 4 1.93 32.85 -22.76
N GLY C 5 2.49 31.96 -21.95
CA GLY C 5 3.71 31.28 -22.30
C GLY C 5 3.44 30.10 -23.21
N SER C 6 4.49 29.37 -23.53
CA SER C 6 4.31 28.22 -24.41
C SER C 6 3.64 27.06 -23.67
N THR C 7 3.41 25.98 -24.40
CA THR C 7 2.96 24.71 -23.84
C THR C 7 3.91 23.64 -24.35
N ALA C 8 4.34 22.76 -23.47
CA ALA C 8 5.18 21.68 -23.92
C ALA C 8 4.37 20.75 -24.82
N PRO C 9 4.99 20.19 -25.85
CA PRO C 9 4.26 19.39 -26.84
C PRO C 9 3.66 18.14 -26.21
N PRO C 10 2.35 17.96 -26.34
CA PRO C 10 1.68 16.77 -25.78
C PRO C 10 2.00 15.47 -26.51
N ALA C 11 1.78 14.36 -25.83
CA ALA C 11 1.99 13.04 -26.41
C ALA C 11 1.02 12.71 -27.55
N HIS C 12 0.01 13.54 -27.79
CA HIS C 12 -0.89 13.32 -28.91
C HIS C 12 -1.34 14.67 -29.40
N GLY C 13 -1.99 14.68 -30.56
CA GLY C 13 -2.61 15.91 -31.02
C GLY C 13 -4.09 15.77 -31.29
N ALA D 2 26.87 -0.96 -5.78
CA ALA D 2 26.78 0.37 -6.36
C ALA D 2 26.61 1.45 -5.30
N VAL D 3 25.45 1.55 -4.66
CA VAL D 3 25.17 2.61 -3.70
C VAL D 3 25.07 2.03 -2.28
N VAL D 4 25.82 2.62 -1.35
CA VAL D 4 25.76 2.26 0.07
C VAL D 4 24.93 3.31 0.79
N THR D 5 23.90 2.87 1.50
CA THR D 5 22.96 3.78 2.14
C THR D 5 23.00 3.61 3.65
N GLN D 6 22.81 4.74 4.35
CA GLN D 6 22.75 4.77 5.79
C GLN D 6 21.64 5.71 6.23
N GLU D 7 21.33 5.67 7.52
CA GLU D 7 20.42 6.64 8.11
C GLU D 7 21.04 8.02 8.03
N SER D 8 20.26 9.00 7.56
CA SER D 8 20.70 10.39 7.56
C SER D 8 21.22 10.80 8.94
N ALA D 9 20.36 10.70 9.95
CA ALA D 9 20.67 11.17 11.28
C ALA D 9 20.07 10.23 12.31
N LEU D 10 20.60 10.29 13.52
CA LEU D 10 20.04 9.53 14.64
C LEU D 10 20.23 10.34 15.91
N THR D 11 19.17 10.42 16.70
CA THR D 11 19.22 11.12 17.97
C THR D 11 18.96 10.11 19.09
N THR D 12 19.77 10.21 20.14
CA THR D 12 19.65 9.34 21.31
C THR D 12 20.07 10.15 22.53
N SER D 13 19.98 9.52 23.69
CA SER D 13 20.41 10.10 24.96
C SER D 13 21.64 9.40 25.50
N PRO D 14 22.40 10.05 26.38
CA PRO D 14 23.55 9.37 26.98
C PRO D 14 23.12 8.09 27.69
N GLY D 15 23.82 6.99 27.43
CA GLY D 15 23.54 5.72 28.09
C GLY D 15 22.72 4.74 27.27
N GLU D 16 22.06 5.18 26.21
CA GLU D 16 21.30 4.25 25.42
C GLU D 16 22.23 3.44 24.53
N THR D 17 21.66 2.41 23.90
CA THR D 17 22.39 1.62 22.93
C THR D 17 21.97 2.10 21.56
N VAL D 18 22.93 2.43 20.73
CA VAL D 18 22.70 2.96 19.40
C VAL D 18 22.97 1.84 18.42
N THR D 19 22.13 1.73 17.40
CA THR D 19 22.34 0.78 16.31
C THR D 19 22.29 1.53 15.00
N LEU D 20 23.43 1.63 14.32
CA LEU D 20 23.47 2.21 12.99
C LEU D 20 23.64 1.10 11.98
N THR D 21 22.93 1.24 10.85
CA THR D 21 22.95 0.23 9.82
C THR D 21 23.54 0.78 8.53
N CYS D 22 23.98 -0.16 7.70
CA CYS D 22 24.65 0.12 6.43
C CYS D 22 24.15 -0.90 5.42
N ARG D 23 23.51 -0.43 4.34
CA ARG D 23 22.82 -1.28 3.39
C ARG D 23 23.46 -1.18 2.02
N SER D 24 23.51 -2.31 1.31
CA SER D 24 24.07 -2.37 -0.04
C SER D 24 22.95 -2.55 -1.05
N SER D 25 23.02 -1.78 -2.13
CA SER D 25 22.03 -1.86 -3.20
C SER D 25 22.11 -3.19 -3.95
N THR D 26 23.30 -3.78 -4.04
CA THR D 26 23.47 -5.05 -4.77
C THR D 26 22.55 -6.12 -4.19
N GLY D 27 22.59 -6.26 -2.87
CA GLY D 27 21.85 -7.31 -2.18
C GLY D 27 22.24 -7.33 -0.72
N ALA D 28 22.20 -8.52 -0.14
CA ALA D 28 22.53 -8.61 1.28
C ALA D 28 24.01 -8.32 1.48
N VAL D 29 24.32 -7.72 2.62
CA VAL D 29 25.69 -7.39 2.98
C VAL D 29 26.35 -8.63 3.59
N THR D 30 27.53 -8.98 3.08
CA THR D 30 28.25 -10.19 3.44
C THR D 30 29.48 -9.90 4.27
N THR D 31 30.08 -10.99 4.77
CA THR D 31 31.43 -10.94 5.30
C THR D 31 32.40 -10.57 4.20
N SER D 32 32.04 -10.88 2.95
CA SER D 32 32.81 -10.53 1.77
C SER D 32 32.75 -9.04 1.45
N ASN D 33 31.89 -8.27 2.12
CA ASN D 33 31.90 -6.82 2.02
C ASN D 33 32.76 -6.17 3.08
N TYR D 34 33.22 -6.93 4.08
CA TYR D 34 34.16 -6.48 5.09
C TYR D 34 33.84 -5.05 5.53
N ALA D 35 32.58 -4.84 5.88
CA ALA D 35 32.13 -3.50 6.23
C ALA D 35 33.08 -2.87 7.24
N ASN D 36 33.46 -1.62 6.98
CA ASN D 36 34.35 -0.85 7.83
C ASN D 36 33.56 0.34 8.35
N TRP D 37 33.86 0.76 9.58
CA TRP D 37 33.17 1.90 10.19
C TRP D 37 34.17 2.96 10.61
N VAL D 38 33.95 4.19 10.14
CA VAL D 38 34.80 5.36 10.35
C VAL D 38 33.99 6.45 11.04
N GLN D 39 34.58 7.10 12.04
CA GLN D 39 33.92 8.18 12.77
C GLN D 39 34.60 9.52 12.44
N GLU D 40 33.77 10.56 12.24
CA GLU D 40 34.24 11.92 11.97
C GLU D 40 33.69 12.89 13.01
N LYS D 41 34.56 13.40 13.88
CA LYS D 41 34.22 14.42 14.86
C LYS D 41 34.51 15.81 14.31
N PRO D 42 34.04 16.86 15.00
CA PRO D 42 34.19 18.23 14.47
C PRO D 42 35.63 18.57 14.16
N ASP D 43 35.80 19.46 13.17
CA ASP D 43 37.11 19.83 12.66
C ASP D 43 37.76 18.68 11.90
N HIS D 44 36.95 17.91 11.20
CA HIS D 44 37.43 16.85 10.30
C HIS D 44 38.44 15.95 11.00
N LEU D 45 38.05 15.48 12.19
CA LEU D 45 38.84 14.57 12.99
C LEU D 45 38.33 13.16 12.71
N PHE D 46 39.11 12.36 11.98
CA PHE D 46 38.70 11.05 11.52
C PHE D 46 39.30 9.94 12.38
N THR D 47 38.46 8.98 12.74
CA THR D 47 38.86 7.85 13.56
C THR D 47 38.27 6.57 13.01
N GLY D 48 39.12 5.55 12.88
CA GLY D 48 38.66 4.24 12.48
C GLY D 48 38.11 3.49 13.67
N LEU D 49 36.89 2.98 13.54
CA LEU D 49 36.26 2.19 14.60
C LEU D 49 36.33 0.70 14.32
N ILE D 50 35.85 0.26 13.15
CA ILE D 50 35.66 -1.17 12.88
C ILE D 50 36.23 -1.54 11.51
N GLY D 51 36.78 -2.76 11.39
CA GLY D 51 37.16 -3.29 10.08
C GLY D 51 36.79 -4.75 9.90
N ARG D 52 36.69 -5.13 8.62
CA ARG D 52 36.17 -6.43 8.14
C ARG D 52 35.08 -6.95 9.08
N THR D 53 34.00 -6.16 9.14
CA THR D 53 32.72 -6.47 9.77
C THR D 53 32.73 -6.45 11.30
N ASN D 54 33.67 -7.15 11.95
CA ASN D 54 33.62 -7.28 13.40
C ASN D 54 34.91 -6.90 14.09
N ASN D 55 35.99 -6.69 13.36
CA ASN D 55 37.29 -6.50 13.95
C ASN D 55 37.49 -5.04 14.35
N ARG D 56 37.84 -4.85 15.63
CA ARG D 56 38.03 -3.52 16.19
C ARG D 56 39.41 -2.99 15.86
N VAL D 57 39.48 -1.70 15.58
CA VAL D 57 40.78 -1.02 15.41
C VAL D 57 41.45 -0.89 16.77
N PRO D 58 42.77 -1.07 16.86
CA PRO D 58 43.43 -0.99 18.17
C PRO D 58 43.14 0.34 18.84
N GLY D 59 42.83 0.28 20.14
CA GLY D 59 42.56 1.46 20.91
C GLY D 59 41.11 1.92 20.93
N VAL D 60 40.28 1.43 20.02
CA VAL D 60 38.86 1.82 20.03
C VAL D 60 38.20 1.24 21.27
N PRO D 61 37.37 2.01 21.98
CA PRO D 61 36.76 1.51 23.21
C PRO D 61 35.88 0.31 22.95
N ALA D 62 35.68 -0.49 23.99
CA ALA D 62 34.92 -1.72 23.84
C ALA D 62 33.41 -1.49 23.64
N ARG D 63 32.90 -0.29 23.90
CA ARG D 63 31.47 -0.04 23.70
C ARG D 63 31.08 0.02 22.24
N PHE D 64 32.04 -0.03 21.32
CA PHE D 64 31.79 -0.09 19.90
C PHE D 64 31.87 -1.55 19.44
N SER D 65 30.84 -2.00 18.73
CA SER D 65 30.75 -3.37 18.25
C SER D 65 30.36 -3.34 16.79
N GLY D 66 30.87 -4.30 16.02
CA GLY D 66 30.46 -4.50 14.63
C GLY D 66 29.74 -5.84 14.50
N SER D 67 28.65 -5.86 13.74
CA SER D 67 27.87 -7.07 13.53
C SER D 67 27.13 -6.94 12.21
N LEU D 68 26.42 -8.00 11.85
CA LEU D 68 25.43 -7.98 10.77
C LEU D 68 24.06 -8.22 11.38
N ILE D 69 23.09 -7.40 11.00
CA ILE D 69 21.71 -7.57 11.42
C ILE D 69 20.88 -7.81 10.16
N GLY D 70 20.32 -9.00 10.05
CA GLY D 70 19.59 -9.32 8.83
C GLY D 70 20.51 -9.21 7.64
N ASP D 71 20.11 -8.42 6.65
CA ASP D 71 20.93 -8.25 5.46
C ASP D 71 21.73 -6.95 5.48
N LYS D 72 22.05 -6.41 6.65
CA LYS D 72 22.78 -5.15 6.74
C LYS D 72 23.98 -5.27 7.66
N ALA D 73 24.92 -4.35 7.50
CA ALA D 73 26.01 -4.21 8.46
C ALA D 73 25.58 -3.25 9.55
N ALA D 74 26.10 -3.45 10.75
CA ALA D 74 25.62 -2.66 11.87
C ALA D 74 26.76 -2.35 12.82
N LEU D 75 26.77 -1.11 13.28
CA LEU D 75 27.64 -0.64 14.35
C LEU D 75 26.80 -0.39 15.59
N THR D 76 27.17 -0.98 16.70
CA THR D 76 26.45 -0.80 17.95
C THR D 76 27.32 0.00 18.91
N ILE D 77 26.73 1.05 19.48
CA ILE D 77 27.37 1.83 20.52
C ILE D 77 26.57 1.57 21.78
N THR D 78 27.08 0.71 22.65
CA THR D 78 26.38 0.41 23.90
C THR D 78 26.87 1.39 24.95
N GLY D 79 25.95 2.15 25.53
CA GLY D 79 26.32 3.19 26.48
C GLY D 79 26.89 4.39 25.77
N ALA D 80 26.14 4.91 24.79
CA ALA D 80 26.59 6.06 24.01
C ALA D 80 26.86 7.26 24.91
N GLN D 81 27.97 7.95 24.64
CA GLN D 81 28.39 9.14 25.38
C GLN D 81 28.22 10.40 24.54
N THR D 82 28.13 11.55 25.22
CA THR D 82 28.11 12.81 24.49
C THR D 82 29.35 12.96 23.62
N GLU D 83 30.44 12.31 24.01
CA GLU D 83 31.65 12.33 23.21
C GLU D 83 31.46 11.64 21.87
N ASP D 84 30.50 10.72 21.79
CA ASP D 84 30.25 9.92 20.60
C ASP D 84 29.41 10.65 19.57
N GLU D 85 28.99 11.88 19.87
CA GLU D 85 28.31 12.74 18.91
C GLU D 85 29.20 12.98 17.70
N ALA D 86 28.85 12.44 16.54
CA ALA D 86 29.73 12.57 15.38
C ALA D 86 29.03 12.01 14.14
N ILE D 87 29.70 12.12 13.00
CA ILE D 87 29.20 11.50 11.77
C ILE D 87 29.84 10.13 11.62
N TYR D 88 29.03 9.12 11.32
CA TYR D 88 29.53 7.75 11.22
C TYR D 88 29.37 7.25 9.79
N PHE D 89 30.50 6.98 9.13
CA PHE D 89 30.54 6.46 7.77
C PHE D 89 30.80 4.96 7.78
N CYS D 90 30.15 4.24 6.87
CA CYS D 90 30.48 2.84 6.62
C CYS D 90 31.03 2.70 5.20
N ALA D 91 31.99 1.81 5.04
CA ALA D 91 32.52 1.48 3.72
C ALA D 91 32.33 -0.01 3.48
N LEU D 92 31.85 -0.37 2.29
CA LEU D 92 31.68 -1.76 1.88
C LEU D 92 32.65 -2.12 0.76
N TRP D 93 33.26 -3.30 0.87
CA TRP D 93 34.17 -3.83 -0.14
C TRP D 93 33.41 -4.59 -1.23
N TYR D 94 33.73 -4.28 -2.50
CA TYR D 94 33.09 -4.90 -3.66
C TYR D 94 34.15 -5.49 -4.58
N SER D 95 34.88 -6.49 -4.07
CA SER D 95 35.84 -7.24 -4.88
C SER D 95 37.12 -6.45 -5.14
N ASN D 96 36.99 -5.26 -5.74
CA ASN D 96 38.16 -4.46 -6.09
C ASN D 96 38.03 -2.98 -5.74
N HIS D 97 36.99 -2.57 -5.00
CA HIS D 97 36.90 -1.17 -4.59
C HIS D 97 36.05 -1.04 -3.33
N PHE D 98 36.33 0.01 -2.55
CA PHE D 98 35.54 0.37 -1.38
C PHE D 98 34.56 1.45 -1.79
N ILE D 99 33.30 1.30 -1.38
CA ILE D 99 32.31 2.37 -1.54
C ILE D 99 31.86 2.83 -0.16
N PHE D 100 32.00 4.13 0.09
CA PHE D 100 31.56 4.74 1.33
C PHE D 100 30.09 5.13 1.26
N GLY D 101 29.40 5.01 2.41
CA GLY D 101 28.03 5.46 2.51
C GLY D 101 27.95 6.96 2.70
N SER D 102 26.71 7.47 2.71
CA SER D 102 26.50 8.91 2.80
C SER D 102 26.72 9.47 4.21
N GLY D 103 26.94 8.61 5.21
CA GLY D 103 27.18 9.06 6.58
C GLY D 103 25.89 9.20 7.39
N THR D 104 26.01 9.05 8.70
CA THR D 104 24.90 9.25 9.62
C THR D 104 25.32 10.25 10.69
N LYS D 105 24.52 11.32 10.87
CA LYS D 105 24.79 12.32 11.90
C LYS D 105 24.19 11.83 13.23
N VAL D 106 25.05 11.40 14.14
CA VAL D 106 24.61 10.87 15.43
C VAL D 106 24.65 11.97 16.47
N THR D 107 23.49 12.29 17.03
CA THR D 107 23.41 13.21 18.15
C THR D 107 23.20 12.42 19.43
N VAL D 108 24.00 12.72 20.45
CA VAL D 108 23.77 12.19 21.79
C VAL D 108 23.46 13.42 22.66
N LEU D 109 22.18 13.62 22.96
CA LEU D 109 21.71 14.88 23.52
C LEU D 109 22.49 15.29 24.76
N LYS D 110 23.21 16.41 24.64
CA LYS D 110 23.90 16.98 25.79
C LYS D 110 23.17 18.20 26.32
N ARG D 111 22.03 18.54 25.73
CA ARG D 111 21.14 19.61 26.17
C ARG D 111 19.78 19.34 25.54
N THR D 112 18.80 20.17 25.87
CA THR D 112 17.47 19.98 25.29
C THR D 112 17.51 20.34 23.81
N VAL D 113 16.56 19.79 23.06
CA VAL D 113 16.45 20.12 21.64
C VAL D 113 16.05 21.58 21.51
N ALA D 114 16.62 22.27 20.52
CA ALA D 114 16.31 23.67 20.28
C ALA D 114 15.90 23.83 18.83
N ALA D 115 14.66 24.24 18.60
CA ALA D 115 14.25 24.54 17.25
C ALA D 115 15.02 25.75 16.74
N PRO D 116 15.39 25.79 15.46
CA PRO D 116 16.09 26.96 14.95
C PRO D 116 15.18 28.16 14.82
N SER D 117 15.77 29.35 14.93
CA SER D 117 15.13 30.58 14.52
C SER D 117 15.44 30.82 13.05
N VAL D 118 14.41 30.99 12.22
CA VAL D 118 14.61 31.09 10.78
C VAL D 118 14.34 32.52 10.32
N PHE D 119 15.27 33.06 9.53
CA PHE D 119 15.16 34.39 8.98
C PHE D 119 15.43 34.32 7.49
N ILE D 120 14.81 35.23 6.74
CA ILE D 120 15.07 35.29 5.31
C ILE D 120 15.49 36.71 4.95
N PHE D 121 16.43 36.81 4.00
CA PHE D 121 16.99 38.09 3.56
C PHE D 121 16.83 38.12 2.04
N PRO D 122 16.17 39.14 1.50
CA PRO D 122 16.01 39.24 0.05
C PRO D 122 17.25 39.85 -0.58
N PRO D 123 17.40 39.70 -1.90
CA PRO D 123 18.58 40.26 -2.57
C PRO D 123 18.73 41.73 -2.26
N SER D 124 19.97 42.16 -2.05
CA SER D 124 20.25 43.58 -1.89
C SER D 124 19.94 44.32 -3.19
N ASP D 125 19.56 45.60 -3.06
CA ASP D 125 19.34 46.39 -4.27
C ASP D 125 20.65 46.66 -4.97
N GLU D 126 21.72 46.75 -4.18
CA GLU D 126 23.07 46.85 -4.71
C GLU D 126 23.43 45.63 -5.55
N GLN D 127 23.27 44.43 -4.98
CA GLN D 127 23.53 43.23 -5.78
C GLN D 127 22.54 43.13 -6.93
N LEU D 128 21.32 43.64 -6.75
CA LEU D 128 20.35 43.69 -7.84
C LEU D 128 20.88 44.52 -9.00
N LYS D 129 21.64 45.59 -8.70
CA LYS D 129 22.10 46.52 -9.72
C LYS D 129 22.85 45.80 -10.85
N SER D 130 23.50 44.69 -10.54
CA SER D 130 24.08 43.80 -11.53
C SER D 130 23.13 42.63 -11.76
N GLY D 131 23.49 41.74 -12.68
CA GLY D 131 22.50 40.79 -13.14
C GLY D 131 22.33 39.59 -12.23
N THR D 132 22.56 39.76 -10.92
CA THR D 132 22.50 38.64 -9.99
C THR D 132 21.69 39.01 -8.75
N ALA D 133 20.93 38.03 -8.24
CA ALA D 133 20.15 38.13 -7.02
C ALA D 133 20.43 36.93 -6.13
N SER D 134 20.70 37.18 -4.85
CA SER D 134 20.94 36.10 -3.90
C SER D 134 20.05 36.27 -2.69
N VAL D 135 19.23 35.26 -2.42
CA VAL D 135 18.35 35.20 -1.27
C VAL D 135 19.02 34.32 -0.22
N VAL D 136 19.12 34.82 1.00
CA VAL D 136 19.83 34.11 2.04
C VAL D 136 18.85 33.72 3.14
N CYS D 137 18.87 32.46 3.53
CA CYS D 137 18.10 31.97 4.65
C CYS D 137 19.04 31.62 5.78
N LEU D 138 18.73 32.09 6.98
CA LEU D 138 19.55 31.87 8.16
C LEU D 138 18.76 31.06 9.20
N LEU D 139 19.35 29.96 9.65
CA LEU D 139 18.83 29.17 10.75
C LEU D 139 19.77 29.36 11.95
N ASN D 140 19.27 29.95 13.02
CA ASN D 140 20.11 30.39 14.13
C ASN D 140 19.82 29.54 15.37
N ASN D 141 20.90 29.03 15.95
CA ASN D 141 20.99 28.46 17.30
C ASN D 141 19.98 27.33 17.52
N PHE D 142 20.30 26.19 16.92
CA PHE D 142 19.52 24.94 16.98
C PHE D 142 20.41 23.76 17.36
N TYR D 143 19.81 22.71 17.88
CA TYR D 143 20.52 21.47 18.24
C TYR D 143 19.47 20.37 18.22
N PRO D 144 19.65 19.19 17.61
CA PRO D 144 20.83 18.78 16.90
C PRO D 144 21.16 19.49 15.58
N ARG D 145 22.30 19.20 15.02
CA ARG D 145 22.77 19.88 13.80
C ARG D 145 21.99 19.38 12.56
N GLU D 146 21.44 18.18 12.63
CA GLU D 146 20.65 17.67 11.50
C GLU D 146 19.52 18.64 11.21
N ALA D 147 19.49 19.18 10.01
CA ALA D 147 18.47 20.14 9.59
C ALA D 147 18.31 20.03 8.07
N LYS D 148 17.14 20.35 7.58
CA LYS D 148 16.91 20.34 6.14
C LYS D 148 16.42 21.72 5.75
N VAL D 149 17.00 22.28 4.70
CA VAL D 149 16.58 23.57 4.15
C VAL D 149 16.23 23.36 2.70
N GLN D 150 14.99 23.68 2.34
CA GLN D 150 14.53 23.57 0.97
C GLN D 150 14.10 24.94 0.47
N TRP D 151 14.45 25.25 -0.77
CA TRP D 151 14.12 26.52 -1.36
C TRP D 151 12.91 26.36 -2.28
N LYS D 152 11.95 27.28 -2.17
CA LYS D 152 10.75 27.21 -3.00
C LYS D 152 10.48 28.58 -3.60
N VAL D 153 10.44 28.65 -4.93
CA VAL D 153 10.16 29.88 -5.67
C VAL D 153 8.77 29.70 -6.27
N ASP D 154 7.81 30.45 -5.74
CA ASP D 154 6.40 30.28 -6.10
C ASP D 154 5.99 28.81 -5.97
N ASN D 155 6.37 28.23 -4.84
CA ASN D 155 6.03 26.87 -4.43
C ASN D 155 6.75 25.80 -5.24
N ALA D 156 7.69 26.18 -6.11
CA ALA D 156 8.44 25.21 -6.89
C ALA D 156 9.72 24.85 -6.15
N LEU D 157 9.94 23.55 -5.95
CA LEU D 157 11.09 23.09 -5.20
C LEU D 157 12.35 23.36 -6.02
N GLN D 158 13.39 23.85 -5.37
CA GLN D 158 14.60 24.25 -6.07
C GLN D 158 15.70 23.22 -5.87
N SER D 159 16.65 23.21 -6.82
CA SER D 159 17.75 22.26 -6.82
C SER D 159 18.86 22.82 -7.69
N GLY D 160 20.11 22.61 -7.25
CA GLY D 160 21.28 22.99 -8.00
C GLY D 160 21.63 24.47 -8.00
N ASN D 161 20.81 25.31 -7.39
CA ASN D 161 21.05 26.75 -7.38
C ASN D 161 21.20 27.30 -5.98
N SER D 162 21.48 26.44 -5.00
CA SER D 162 21.67 26.88 -3.61
C SER D 162 22.91 26.24 -2.99
N GLN D 163 23.51 26.93 -2.03
CA GLN D 163 24.63 26.40 -1.28
C GLN D 163 24.48 26.78 0.19
N GLU D 164 24.89 25.90 1.09
CA GLU D 164 24.72 26.17 2.50
C GLU D 164 26.03 25.92 3.26
N SER D 165 26.12 26.55 4.43
CA SER D 165 27.30 26.50 5.29
C SER D 165 26.86 26.40 6.75
N VAL D 166 27.67 25.72 7.56
CA VAL D 166 27.34 25.50 8.97
C VAL D 166 28.48 25.99 9.85
N THR D 167 28.11 26.58 10.98
CA THR D 167 29.11 26.95 11.96
C THR D 167 29.57 25.73 12.75
N GLU D 168 30.64 25.91 13.53
CA GLU D 168 31.05 24.89 14.47
C GLU D 168 30.10 24.89 15.66
N GLN D 169 30.06 23.76 16.36
CA GLN D 169 29.19 23.67 17.52
C GLN D 169 29.66 24.60 18.63
N ASP D 170 28.74 25.41 19.14
CA ASP D 170 29.08 26.39 20.15
C ASP D 170 29.49 25.71 21.46
N SER D 171 30.55 26.25 22.09
CA SER D 171 31.05 25.73 23.35
C SER D 171 30.02 25.84 24.47
N LYS D 172 29.28 26.96 24.52
CA LYS D 172 28.41 27.20 25.67
C LYS D 172 27.07 26.48 25.52
N ASP D 173 26.27 26.86 24.54
CA ASP D 173 24.91 26.35 24.42
C ASP D 173 24.80 25.09 23.57
N SER D 174 25.87 24.66 22.90
CA SER D 174 25.88 23.44 22.10
C SER D 174 25.14 23.57 20.78
N THR D 175 24.80 24.79 20.35
CA THR D 175 23.96 25.00 19.20
C THR D 175 24.81 25.21 17.94
N TYR D 176 24.14 25.13 16.79
CA TYR D 176 24.75 25.39 15.50
C TYR D 176 23.96 26.50 14.80
N SER D 177 24.60 27.06 13.78
CA SER D 177 23.92 27.97 12.87
C SER D 177 24.26 27.58 11.43
N LEU D 178 23.32 27.89 10.54
CA LEU D 178 23.38 27.51 9.12
C LEU D 178 22.92 28.66 8.24
N SER D 179 23.60 28.84 7.11
CA SER D 179 23.28 29.87 6.12
C SER D 179 23.17 29.22 4.75
N SER D 180 22.02 29.36 4.11
CA SER D 180 21.78 28.83 2.77
C SER D 180 21.51 29.98 1.81
N THR D 181 22.12 29.92 0.64
CA THR D 181 22.02 30.97 -0.37
C THR D 181 21.47 30.40 -1.67
N LEU D 182 20.39 30.98 -2.15
CA LEU D 182 19.85 30.69 -3.47
C LEU D 182 20.23 31.84 -4.40
N THR D 183 20.92 31.53 -5.51
CA THR D 183 21.37 32.56 -6.43
C THR D 183 20.72 32.38 -7.78
N LEU D 184 20.17 33.47 -8.31
CA LEU D 184 19.47 33.48 -9.57
C LEU D 184 19.92 34.69 -10.38
N SER D 185 19.69 34.60 -11.68
CA SER D 185 19.86 35.77 -12.53
C SER D 185 18.81 36.80 -12.16
N LYS D 186 19.20 38.08 -12.20
CA LYS D 186 18.26 39.14 -11.85
C LYS D 186 16.96 38.99 -12.62
N ALA D 187 17.03 38.46 -13.85
CA ALA D 187 15.82 38.17 -14.61
C ALA D 187 15.01 37.05 -13.95
N ASP D 188 15.66 35.92 -13.65
CA ASP D 188 14.94 34.83 -13.01
C ASP D 188 14.32 35.28 -11.69
N TYR D 189 15.03 36.12 -10.95
CA TYR D 189 14.48 36.61 -9.68
C TYR D 189 13.27 37.50 -9.91
N GLU D 190 13.33 38.38 -10.91
CA GLU D 190 12.22 39.29 -11.12
C GLU D 190 11.04 38.63 -11.84
N LYS D 191 11.22 37.42 -12.39
CA LYS D 191 10.10 36.71 -13.00
C LYS D 191 9.13 36.13 -11.97
N HIS D 192 9.60 35.78 -10.78
CA HIS D 192 8.73 35.14 -9.80
C HIS D 192 8.39 36.08 -8.65
N LYS D 193 7.43 35.62 -7.83
CA LYS D 193 6.70 36.44 -6.90
C LYS D 193 7.01 36.14 -5.45
N VAL D 194 7.08 34.87 -5.05
CA VAL D 194 7.25 34.48 -3.65
C VAL D 194 8.52 33.63 -3.51
N TYR D 195 9.33 33.98 -2.51
CA TYR D 195 10.56 33.26 -2.23
C TYR D 195 10.45 32.71 -0.81
N ALA D 196 10.67 31.41 -0.66
CA ALA D 196 10.40 30.72 0.58
C ALA D 196 11.56 29.82 0.98
N CYS D 197 11.85 29.84 2.27
CA CYS D 197 12.83 28.97 2.92
C CYS D 197 12.06 28.02 3.82
N GLU D 198 12.17 26.72 3.56
CA GLU D 198 11.44 25.67 4.30
C GLU D 198 12.42 24.85 5.13
N VAL D 199 12.17 24.76 6.45
CA VAL D 199 13.11 24.17 7.40
C VAL D 199 12.46 22.98 8.11
N THR D 200 13.20 21.88 8.16
CA THR D 200 12.84 20.68 8.91
C THR D 200 13.85 20.47 10.03
N HIS D 201 13.35 20.30 11.25
CA HIS D 201 14.18 20.09 12.42
C HIS D 201 13.40 19.34 13.49
N GLN D 202 14.16 18.72 14.41
CA GLN D 202 13.55 17.92 15.46
C GLN D 202 12.81 18.77 16.50
N GLY D 203 13.13 20.05 16.61
CA GLY D 203 12.40 20.93 17.50
C GLY D 203 11.14 21.52 16.93
N LEU D 204 10.86 21.26 15.65
CA LEU D 204 9.68 21.74 14.94
C LEU D 204 8.74 20.57 14.68
N SER D 205 7.45 20.77 14.95
CA SER D 205 6.52 19.67 14.79
C SER D 205 6.28 19.35 13.33
N SER D 206 6.32 20.36 12.48
CA SER D 206 6.32 20.20 11.03
C SER D 206 7.21 21.29 10.42
N PRO D 207 7.58 21.12 9.15
CA PRO D 207 8.47 22.12 8.52
C PRO D 207 7.89 23.53 8.59
N VAL D 208 8.74 24.51 8.87
CA VAL D 208 8.35 25.91 8.96
C VAL D 208 8.80 26.64 7.71
N THR D 209 8.00 27.60 7.25
CA THR D 209 8.31 28.36 6.06
C THR D 209 8.42 29.85 6.36
N LYS D 210 9.55 30.45 5.98
CA LYS D 210 9.74 31.91 6.01
C LYS D 210 9.80 32.41 4.58
N SER D 211 8.93 33.34 4.22
CA SER D 211 8.83 33.73 2.82
C SER D 211 8.61 35.22 2.70
N PHE D 212 9.01 35.76 1.57
CA PHE D 212 8.76 37.16 1.26
C PHE D 212 8.33 37.24 -0.20
N ASN D 213 7.53 38.25 -0.50
CA ASN D 213 7.18 38.52 -1.89
C ASN D 213 8.10 39.60 -2.42
N ARG D 214 8.34 39.56 -3.74
CA ARG D 214 9.36 40.42 -4.33
C ARG D 214 8.83 41.81 -4.65
N GLU E 2 53.42 6.40 19.61
CA GLU E 2 52.53 7.26 18.85
C GLU E 2 52.86 7.25 17.35
N VAL E 3 51.80 7.28 16.53
CA VAL E 3 51.90 7.25 15.08
C VAL E 3 51.50 8.59 14.50
N LYS E 4 52.10 8.94 13.37
CA LYS E 4 51.68 10.18 12.72
C LYS E 4 52.10 10.21 11.26
N LEU E 5 51.14 10.57 10.42
CA LEU E 5 51.32 10.72 8.98
C LEU E 5 51.28 12.21 8.65
N LEU E 6 52.43 12.77 8.30
CA LEU E 6 52.52 14.17 7.94
C LEU E 6 52.30 14.27 6.43
N GLN E 7 51.29 15.03 6.02
CA GLN E 7 50.94 15.16 4.61
C GLN E 7 51.54 16.44 4.07
N SER E 8 51.88 16.42 2.79
CA SER E 8 52.42 17.58 2.07
C SER E 8 51.91 17.55 0.64
N GLY E 9 51.92 18.69 -0.02
CA GLY E 9 51.36 18.71 -1.36
C GLY E 9 50.02 19.42 -1.41
N GLY E 10 49.56 19.60 -2.64
CA GLY E 10 48.24 20.13 -2.89
C GLY E 10 48.12 21.62 -2.72
N GLY E 11 46.93 22.09 -3.04
CA GLY E 11 46.58 23.48 -2.89
C GLY E 11 45.80 23.94 -4.10
N LEU E 12 46.26 24.99 -4.78
CA LEU E 12 45.55 25.53 -5.92
C LEU E 12 46.04 24.89 -7.21
N VAL E 13 45.10 24.45 -8.04
CA VAL E 13 45.39 23.89 -9.36
C VAL E 13 44.24 24.24 -10.29
N GLN E 14 44.56 24.49 -11.55
CA GLN E 14 43.54 24.80 -12.56
C GLN E 14 42.90 23.54 -13.11
N PRO E 15 41.64 23.60 -13.54
CA PRO E 15 41.04 22.47 -14.26
C PRO E 15 41.95 22.05 -15.41
N GLY E 16 42.23 20.75 -15.47
CA GLY E 16 43.14 20.17 -16.43
C GLY E 16 44.56 20.03 -15.94
N GLY E 17 44.91 20.64 -14.82
CA GLY E 17 46.25 20.57 -14.28
C GLY E 17 46.49 19.27 -13.54
N SER E 18 47.66 19.20 -12.89
CA SER E 18 48.01 18.02 -12.12
C SER E 18 48.67 18.44 -10.82
N LEU E 19 48.53 17.58 -9.80
CA LEU E 19 49.07 17.81 -8.48
C LEU E 19 49.70 16.52 -7.97
N LYS E 20 50.60 16.64 -7.01
CA LYS E 20 51.15 15.46 -6.34
C LYS E 20 51.13 15.67 -4.83
N LEU E 21 50.61 14.67 -4.10
CA LEU E 21 50.50 14.69 -2.65
C LEU E 21 51.35 13.61 -2.01
N SER E 22 51.94 13.92 -0.86
CA SER E 22 52.79 13.01 -0.11
C SER E 22 52.28 12.79 1.31
N CYS E 23 52.54 11.59 1.83
CA CYS E 23 52.13 11.17 3.17
C CYS E 23 53.33 10.47 3.79
N ALA E 24 54.05 11.17 4.67
CA ALA E 24 55.26 10.66 5.31
C ALA E 24 54.90 10.04 6.64
N ALA E 25 55.28 8.78 6.85
CA ALA E 25 54.92 8.02 8.04
C ALA E 25 56.02 8.04 9.10
N SER E 26 55.62 8.26 10.35
CA SER E 26 56.55 8.31 11.47
C SER E 26 55.91 7.58 12.65
N GLY E 27 56.63 6.62 13.22
CA GLY E 27 56.10 5.90 14.36
C GLY E 27 55.48 4.56 14.04
N ILE E 28 55.58 4.11 12.79
CA ILE E 28 55.14 2.79 12.37
C ILE E 28 56.20 2.26 11.41
N ASP E 29 56.17 0.94 11.21
CA ASP E 29 57.01 0.33 10.18
C ASP E 29 56.25 0.41 8.86
N PHE E 30 56.34 1.58 8.22
CA PHE E 30 55.63 1.83 6.96
C PHE E 30 55.79 0.68 5.97
N SER E 31 56.89 -0.07 6.08
CA SER E 31 57.20 -1.10 5.09
C SER E 31 56.23 -2.26 5.13
N GLY E 32 55.57 -2.48 6.27
CA GLY E 32 54.64 -3.58 6.36
C GLY E 32 53.20 -3.16 6.55
N TYR E 33 52.78 -2.07 5.91
CA TYR E 33 51.45 -1.52 6.09
C TYR E 33 50.74 -1.32 4.75
N TRP E 34 49.46 -1.68 4.72
CA TRP E 34 48.60 -1.28 3.63
C TRP E 34 48.27 0.21 3.77
N MET E 35 48.36 0.95 2.67
CA MET E 35 48.05 2.37 2.68
C MET E 35 46.85 2.64 1.77
N SER E 36 46.16 3.75 2.02
CA SER E 36 44.99 4.11 1.22
C SER E 36 44.85 5.62 1.15
N TRP E 37 44.16 6.08 0.11
CA TRP E 37 43.80 7.47 -0.08
C TRP E 37 42.28 7.58 -0.10
N VAL E 38 41.76 8.47 0.76
CA VAL E 38 40.35 8.85 0.84
C VAL E 38 40.27 10.36 0.66
N ARG E 39 39.06 10.87 0.41
CA ARG E 39 38.89 12.30 0.28
C ARG E 39 37.54 12.72 0.87
N ARG E 40 37.45 14.01 1.21
CA ARG E 40 36.27 14.57 1.85
C ARG E 40 35.95 15.90 1.17
N ALA E 41 34.90 15.93 0.38
CA ALA E 41 34.53 17.16 -0.30
C ALA E 41 33.40 17.83 0.46
N PRO E 42 33.25 19.15 0.29
CA PRO E 42 32.34 19.92 1.16
C PRO E 42 30.95 19.34 1.30
N GLY E 43 30.21 19.22 0.20
CA GLY E 43 28.85 18.72 0.31
C GLY E 43 28.74 17.20 0.29
N LYS E 44 29.78 16.52 -0.16
CA LYS E 44 29.78 15.08 -0.26
C LYS E 44 30.35 14.51 1.04
N GLY E 45 30.41 13.18 1.12
CA GLY E 45 30.98 12.51 2.25
C GLY E 45 32.36 11.96 1.98
N LEU E 46 32.75 10.97 2.77
CA LEU E 46 33.97 10.25 2.49
C LEU E 46 33.83 9.59 1.13
N GLU E 47 34.91 9.66 0.34
CA GLU E 47 35.00 8.94 -0.92
C GLU E 47 36.33 8.19 -0.94
N TRP E 48 36.26 6.90 -1.22
CA TRP E 48 37.48 6.11 -1.29
C TRP E 48 38.14 6.33 -2.64
N ILE E 49 39.43 6.69 -2.61
CA ILE E 49 40.19 6.82 -3.83
C ILE E 49 40.90 5.52 -4.17
N GLY E 50 41.64 4.97 -3.22
CA GLY E 50 42.35 3.75 -3.54
C GLY E 50 43.20 3.23 -2.40
N GLU E 51 43.94 2.17 -2.71
CA GLU E 51 44.79 1.52 -1.73
C GLU E 51 45.99 0.87 -2.43
N ILE E 52 47.04 0.66 -1.63
CA ILE E 52 48.36 0.20 -2.04
C ILE E 52 48.85 -0.83 -1.03
N THR E 53 49.37 -1.96 -1.52
CA THR E 53 49.91 -2.98 -0.65
C THR E 53 51.33 -2.61 -0.23
N PRO E 54 51.81 -3.20 0.87
CA PRO E 54 53.14 -2.80 1.35
C PRO E 54 54.24 -3.03 0.34
N ASP E 55 54.09 -4.02 -0.53
CA ASP E 55 55.09 -4.35 -1.54
C ASP E 55 54.78 -3.76 -2.91
N SER E 56 53.64 -3.08 -3.05
CA SER E 56 53.20 -2.49 -4.31
C SER E 56 52.77 -3.55 -5.32
N SER E 57 52.65 -4.81 -4.89
CA SER E 57 52.10 -5.85 -5.75
C SER E 57 50.73 -5.48 -6.29
N THR E 58 49.85 -4.99 -5.44
CA THR E 58 48.48 -4.67 -5.80
C THR E 58 48.17 -3.20 -5.55
N ILE E 59 47.48 -2.58 -6.49
CA ILE E 59 47.03 -1.20 -6.35
C ILE E 59 45.58 -1.15 -6.84
N ASN E 60 44.65 -0.96 -5.90
CA ASN E 60 43.23 -0.96 -6.19
C ASN E 60 42.71 0.47 -6.14
N TYR E 61 41.87 0.81 -7.12
CA TYR E 61 41.34 2.15 -7.30
C TYR E 61 39.82 2.12 -7.27
N ALA E 62 39.24 3.29 -7.09
CA ALA E 62 37.82 3.44 -7.30
C ALA E 62 37.53 3.42 -8.80
N PRO E 63 36.61 2.58 -9.26
CA PRO E 63 36.39 2.49 -10.72
C PRO E 63 36.22 3.83 -11.40
N SER E 64 35.57 4.78 -10.74
CA SER E 64 35.32 6.10 -11.33
C SER E 64 36.59 6.93 -11.50
N LEU E 65 37.63 6.69 -10.71
CA LEU E 65 38.78 7.57 -10.68
C LEU E 65 40.05 6.96 -11.25
N LYS E 66 39.97 5.75 -11.82
CA LYS E 66 41.19 4.99 -12.09
C LYS E 66 42.08 5.60 -13.15
N ASP E 67 41.50 6.37 -14.07
CA ASP E 67 42.26 7.07 -15.09
C ASP E 67 42.50 8.52 -14.72
N GLU E 68 42.38 8.86 -13.45
CA GLU E 68 42.62 10.24 -13.01
C GLU E 68 43.63 10.28 -11.88
N PHE E 69 43.75 9.20 -11.12
CA PHE E 69 44.62 9.16 -9.96
C PHE E 69 45.63 8.03 -10.10
N ILE E 70 46.80 8.23 -9.52
CA ILE E 70 47.87 7.25 -9.50
C ILE E 70 48.45 7.16 -8.10
N ILE E 71 48.33 6.01 -7.45
CA ILE E 71 48.86 5.80 -6.11
C ILE E 71 50.22 5.14 -6.22
N SER E 72 51.15 5.56 -5.36
CA SER E 72 52.50 5.01 -5.36
C SER E 72 53.03 5.04 -3.95
N ARG E 73 54.16 4.37 -3.74
CA ARG E 73 54.81 4.44 -2.44
C ARG E 73 56.30 4.20 -2.60
N ASP E 74 57.06 4.82 -1.70
CA ASP E 74 58.50 4.62 -1.59
C ASP E 74 58.78 4.25 -0.14
N ASN E 75 59.01 2.97 0.10
CA ASN E 75 59.28 2.50 1.45
C ASN E 75 60.62 3.00 1.97
N ALA E 76 61.57 3.30 1.08
CA ALA E 76 62.86 3.81 1.53
C ALA E 76 62.70 5.15 2.25
N LYS E 77 61.80 6.01 1.77
CA LYS E 77 61.48 7.28 2.42
C LYS E 77 60.26 7.19 3.32
N ASN E 78 59.68 5.99 3.48
CA ASN E 78 58.51 5.79 4.34
C ASN E 78 57.35 6.70 3.91
N THR E 79 57.20 6.86 2.60
CA THR E 79 56.27 7.85 2.07
C THR E 79 55.31 7.23 1.07
N LEU E 80 54.09 7.78 1.05
CA LEU E 80 53.03 7.39 0.12
C LEU E 80 52.71 8.58 -0.78
N TYR E 81 52.39 8.32 -2.04
CA TYR E 81 52.20 9.36 -3.04
C TYR E 81 50.87 9.18 -3.74
N LEU E 82 50.21 10.29 -4.03
CA LEU E 82 49.01 10.32 -4.88
C LEU E 82 49.19 11.39 -5.95
N GLN E 83 49.18 10.97 -7.22
CA GLN E 83 49.31 11.87 -8.36
C GLN E 83 47.94 12.07 -9.00
N MET E 84 47.50 13.32 -9.07
CA MET E 84 46.25 13.69 -9.71
C MET E 84 46.57 14.34 -11.05
N THR E 85 45.87 13.90 -12.09
CA THR E 85 46.06 14.39 -13.45
C THR E 85 44.72 14.72 -14.09
N LYS E 86 44.69 15.73 -14.96
CA LYS E 86 43.46 16.15 -15.61
C LYS E 86 42.31 16.31 -14.60
N VAL E 87 42.51 17.18 -13.61
CA VAL E 87 41.54 17.38 -12.54
C VAL E 87 40.38 18.26 -13.00
N ARG E 88 39.30 18.25 -12.21
CA ARG E 88 38.14 19.10 -12.44
C ARG E 88 37.65 19.67 -11.11
N SER E 89 36.68 20.58 -11.20
CA SER E 89 36.20 21.28 -10.01
C SER E 89 35.75 20.32 -8.93
N ASP E 90 35.11 19.23 -9.31
CA ASP E 90 34.61 18.29 -8.31
C ASP E 90 35.73 17.65 -7.51
N ASP E 91 36.97 17.95 -7.87
CA ASP E 91 38.09 17.40 -7.15
C ASP E 91 38.49 18.22 -5.94
N THR E 92 37.90 19.40 -5.75
CA THR E 92 38.16 20.20 -4.55
C THR E 92 37.69 19.45 -3.31
N ALA E 93 38.62 19.20 -2.40
CA ALA E 93 38.29 18.45 -1.18
C ALA E 93 39.53 18.39 -0.30
N LEU E 94 39.34 17.83 0.88
CA LEU E 94 40.43 17.48 1.77
C LEU E 94 40.81 16.02 1.51
N TYR E 95 42.05 15.79 1.10
CA TYR E 95 42.52 14.45 0.80
C TYR E 95 43.26 13.92 2.02
N TYR E 96 42.95 12.68 2.40
CA TYR E 96 43.52 12.06 3.59
C TYR E 96 44.17 10.74 3.19
N CYS E 97 45.37 10.49 3.70
CA CYS E 97 46.01 9.19 3.62
C CYS E 97 45.69 8.41 4.89
N VAL E 98 45.40 7.12 4.74
CA VAL E 98 45.03 6.27 5.87
C VAL E 98 45.89 5.01 5.87
N SER E 99 46.20 4.57 7.08
CA SER E 99 46.93 3.35 7.38
C SER E 99 45.94 2.27 7.85
N TYR E 100 45.94 1.13 7.14
CA TYR E 100 45.06 0.01 7.45
C TYR E 100 45.64 -0.80 8.60
N TYR E 101 44.91 -0.92 9.71
CA TYR E 101 45.16 -1.97 10.70
C TYR E 101 43.79 -2.55 11.09
N GLU E 102 43.33 -3.55 10.33
CA GLU E 102 41.99 -4.13 10.44
C GLU E 102 40.96 -3.19 9.81
N GLY E 103 41.24 -1.90 9.86
CA GLY E 103 40.39 -0.90 9.26
C GLY E 103 41.16 0.38 9.07
N PHE E 104 40.42 1.44 8.78
CA PHE E 104 41.05 2.74 8.62
C PHE E 104 41.54 3.20 9.97
N ALA E 105 42.77 2.81 10.30
CA ALA E 105 43.28 2.93 11.66
C ALA E 105 44.01 4.25 11.87
N TYR E 106 44.94 4.61 10.98
CA TYR E 106 45.77 5.78 11.16
C TYR E 106 45.52 6.80 10.06
N TRP E 107 45.36 8.08 10.42
CA TRP E 107 45.01 9.10 9.45
C TRP E 107 46.03 10.22 9.43
N GLY E 108 46.24 10.80 8.26
CA GLY E 108 47.05 12.00 8.18
C GLY E 108 46.25 13.22 8.54
N GLN E 109 46.94 14.35 8.62
CA GLN E 109 46.28 15.59 9.04
C GLN E 109 45.40 16.19 7.95
N GLY E 110 45.49 15.71 6.72
CA GLY E 110 44.68 16.22 5.64
C GLY E 110 45.37 17.26 4.77
N THR E 111 45.11 17.19 3.46
CA THR E 111 45.66 18.12 2.48
C THR E 111 44.52 18.72 1.67
N LEU E 112 44.40 20.04 1.68
CA LEU E 112 43.35 20.68 0.90
C LEU E 112 43.78 20.85 -0.55
N VAL E 113 42.90 20.46 -1.46
CA VAL E 113 43.08 20.68 -2.89
C VAL E 113 41.89 21.50 -3.38
N THR E 114 42.18 22.66 -3.94
CA THR E 114 41.20 23.58 -4.51
C THR E 114 41.40 23.62 -6.01
N VAL E 115 40.37 23.27 -6.77
CA VAL E 115 40.42 23.26 -8.23
C VAL E 115 39.60 24.44 -8.73
N SER E 116 40.28 25.43 -9.30
CA SER E 116 39.56 26.60 -9.83
C SER E 116 40.45 27.36 -10.80
N ALA E 117 39.85 27.86 -11.88
CA ALA E 117 40.57 28.69 -12.84
C ALA E 117 40.45 30.18 -12.54
N ALA E 118 39.89 30.56 -11.39
CA ALA E 118 39.65 31.97 -11.10
C ALA E 118 40.95 32.70 -10.79
N SER E 119 40.97 33.99 -11.13
CA SER E 119 42.05 34.90 -10.77
C SER E 119 41.72 35.63 -9.48
N THR E 120 42.75 36.18 -8.85
CA THR E 120 42.55 36.94 -7.63
C THR E 120 41.55 38.06 -7.88
N LYS E 121 40.46 38.04 -7.14
CA LYS E 121 39.40 39.05 -7.24
C LYS E 121 38.90 39.38 -5.84
N GLY E 122 38.81 40.68 -5.52
CA GLY E 122 38.30 41.11 -4.26
C GLY E 122 36.80 40.91 -4.17
N PRO E 123 36.28 40.83 -2.96
CA PRO E 123 34.85 40.53 -2.80
C PRO E 123 33.96 41.75 -2.98
N SER E 124 32.72 41.47 -3.37
CA SER E 124 31.65 42.44 -3.26
C SER E 124 30.88 42.15 -1.99
N VAL E 125 30.53 43.20 -1.26
CA VAL E 125 29.91 43.06 0.06
C VAL E 125 28.52 43.70 0.00
N PHE E 126 27.46 42.86 0.05
CA PHE E 126 26.07 43.32 0.00
C PHE E 126 25.43 43.24 1.38
N PRO E 127 24.53 44.17 1.72
CA PRO E 127 23.88 44.13 3.03
C PRO E 127 22.76 43.10 3.09
N LEU E 128 22.58 42.57 4.30
CA LEU E 128 21.48 41.65 4.66
C LEU E 128 20.70 42.38 5.74
N ALA E 129 19.75 43.20 5.31
CA ALA E 129 19.17 44.19 6.19
C ALA E 129 18.14 43.56 7.11
N PRO E 130 18.04 44.05 8.35
CA PRO E 130 16.99 43.56 9.24
C PRO E 130 15.62 43.94 8.71
N SER E 131 14.66 43.06 8.93
CA SER E 131 13.34 43.16 8.33
C SER E 131 12.33 42.66 9.35
N SER E 132 11.05 42.67 8.95
CA SER E 132 10.07 41.86 9.64
C SER E 132 10.33 40.37 9.42
N LYS E 133 10.95 40.03 8.28
CA LYS E 133 11.28 38.64 7.96
C LYS E 133 12.57 38.17 8.62
N SER E 134 13.41 39.10 9.07
CA SER E 134 14.63 38.83 9.81
C SER E 134 14.50 39.29 11.26
N THR E 135 13.35 39.01 11.86
CA THR E 135 13.06 39.49 13.20
C THR E 135 12.20 38.46 13.94
N SER E 136 12.71 37.96 15.06
CA SER E 136 11.98 37.08 15.98
C SER E 136 11.88 37.79 17.33
N GLY E 137 10.68 38.22 17.70
CA GLY E 137 10.49 38.84 19.00
C GLY E 137 11.46 39.99 19.19
N GLY E 138 12.05 40.08 20.37
CA GLY E 138 12.92 41.23 20.56
C GLY E 138 14.24 41.17 19.83
N THR E 139 14.56 40.06 19.17
CA THR E 139 15.79 39.89 18.41
C THR E 139 15.59 40.08 16.90
N ALA E 140 16.47 40.86 16.28
CA ALA E 140 16.56 41.06 14.85
C ALA E 140 17.86 40.47 14.33
N ALA E 141 17.88 40.08 13.06
CA ALA E 141 19.03 39.47 12.41
C ALA E 141 19.46 40.28 11.20
N LEU E 142 20.73 40.66 11.17
CA LEU E 142 21.29 41.37 10.03
C LEU E 142 22.63 40.73 9.67
N GLY E 143 23.20 41.14 8.54
CA GLY E 143 24.49 40.59 8.17
C GLY E 143 25.06 41.20 6.90
N CYS E 144 26.10 40.56 6.40
CA CYS E 144 26.75 40.92 5.15
C CYS E 144 26.99 39.67 4.32
N LEU E 145 26.79 39.81 3.00
CA LEU E 145 27.08 38.75 2.04
C LEU E 145 28.35 39.14 1.29
N VAL E 146 29.41 38.36 1.46
CA VAL E 146 30.71 38.63 0.84
C VAL E 146 30.86 37.67 -0.32
N LYS E 147 30.58 38.14 -1.54
CA LYS E 147 30.38 37.29 -2.70
C LYS E 147 31.44 37.53 -3.77
N ASP E 148 31.74 36.45 -4.49
CA ASP E 148 32.55 36.47 -5.70
C ASP E 148 33.95 36.99 -5.41
N TYR E 149 34.66 36.28 -4.54
CA TYR E 149 36.04 36.64 -4.23
C TYR E 149 36.95 35.42 -4.34
N PHE E 150 38.23 35.67 -4.63
CA PHE E 150 39.21 34.62 -4.80
C PHE E 150 40.60 35.20 -4.62
N PRO E 151 41.50 34.53 -3.91
CA PRO E 151 41.16 33.27 -3.25
C PRO E 151 40.74 33.51 -1.82
N GLU E 152 40.71 32.42 -1.06
CA GLU E 152 40.58 32.50 0.37
C GLU E 152 41.90 33.03 0.96
N PRO E 153 41.87 33.64 2.18
CA PRO E 153 40.71 33.92 3.03
C PRO E 153 40.29 35.38 3.03
N VAL E 154 39.24 35.68 3.79
CA VAL E 154 38.82 37.05 4.08
C VAL E 154 38.62 37.11 5.59
N THR E 155 38.85 38.30 6.17
CA THR E 155 38.51 38.56 7.57
C THR E 155 37.26 39.42 7.59
N VAL E 156 36.41 39.19 8.58
CA VAL E 156 35.18 39.95 8.74
C VAL E 156 35.12 40.40 10.18
N SER E 157 34.91 41.70 10.39
CA SER E 157 34.72 42.25 11.72
C SER E 157 33.43 43.04 11.73
N TRP E 158 32.87 43.27 12.91
CA TRP E 158 31.64 44.04 13.04
C TRP E 158 31.92 45.25 13.93
N ASN E 159 31.55 46.43 13.44
CA ASN E 159 31.83 47.64 14.19
C ASN E 159 33.32 47.71 14.57
N SER E 160 34.16 47.50 13.57
CA SER E 160 35.63 47.53 13.74
C SER E 160 36.10 46.56 14.80
N GLY E 161 35.36 45.48 15.03
CA GLY E 161 35.77 44.50 16.00
C GLY E 161 35.14 44.63 17.37
N ALA E 162 34.47 45.75 17.65
CA ALA E 162 33.87 45.96 18.96
C ALA E 162 32.66 45.08 19.21
N LEU E 163 31.96 44.63 18.16
CA LEU E 163 30.76 43.79 18.27
C LEU E 163 31.13 42.34 17.98
N THR E 164 30.93 41.46 18.96
CA THR E 164 31.26 40.06 18.72
C THR E 164 30.15 39.10 19.13
N SER E 165 29.42 39.39 20.20
CA SER E 165 28.42 38.44 20.69
C SER E 165 27.24 38.42 19.73
N GLY E 166 26.74 37.21 19.46
CA GLY E 166 25.70 37.03 18.47
C GLY E 166 26.18 37.08 17.04
N VAL E 167 27.49 36.94 16.82
CA VAL E 167 28.08 37.00 15.48
C VAL E 167 28.44 35.59 15.06
N HIS E 168 28.00 35.23 13.85
CA HIS E 168 28.32 33.95 13.22
C HIS E 168 28.85 34.26 11.83
N THR E 169 30.15 34.07 11.62
CA THR E 169 30.74 34.16 10.29
C THR E 169 30.87 32.74 9.73
N PHE E 170 30.25 32.49 8.62
CA PHE E 170 30.14 31.13 8.14
C PHE E 170 31.32 30.75 7.27
N PRO E 171 31.62 29.46 7.17
CA PRO E 171 32.65 29.02 6.24
C PRO E 171 32.24 29.39 4.82
N ALA E 172 33.22 29.78 4.01
CA ALA E 172 32.91 30.11 2.63
C ALA E 172 32.47 28.84 1.88
N VAL E 173 31.70 29.04 0.81
CA VAL E 173 31.45 27.97 -0.13
C VAL E 173 32.10 28.34 -1.46
N LEU E 174 32.58 27.33 -2.18
CA LEU E 174 33.15 27.52 -3.51
C LEU E 174 32.03 27.31 -4.51
N GLN E 175 31.69 28.37 -5.24
CA GLN E 175 30.58 28.29 -6.17
C GLN E 175 31.05 27.69 -7.48
N SER E 176 30.09 27.44 -8.39
CA SER E 176 30.44 26.91 -9.70
C SER E 176 31.38 27.85 -10.46
N SER E 177 31.26 29.16 -10.22
CA SER E 177 32.10 30.10 -10.96
C SER E 177 33.57 29.97 -10.63
N GLY E 178 33.93 29.20 -9.60
CA GLY E 178 35.30 29.15 -9.14
C GLY E 178 35.62 30.20 -8.11
N LEU E 179 34.63 30.99 -7.70
CA LEU E 179 34.76 32.05 -6.71
C LEU E 179 34.07 31.67 -5.41
N TYR E 180 34.55 32.24 -4.31
CA TYR E 180 34.01 31.94 -3.01
C TYR E 180 32.89 32.89 -2.64
N SER E 181 31.98 32.39 -1.81
CA SER E 181 30.95 33.24 -1.25
C SER E 181 30.75 32.88 0.20
N LEU E 182 30.60 33.91 1.03
CA LEU E 182 30.59 33.76 2.47
C LEU E 182 29.53 34.67 3.06
N SER E 183 29.07 34.30 4.26
CA SER E 183 28.02 35.05 4.95
C SER E 183 28.44 35.33 6.38
N SER E 184 28.15 36.54 6.85
CA SER E 184 28.38 36.86 8.26
C SER E 184 27.10 37.50 8.80
N VAL E 185 26.68 37.02 9.97
CA VAL E 185 25.36 37.32 10.50
C VAL E 185 25.54 37.72 11.96
N VAL E 186 24.67 38.60 12.43
CA VAL E 186 24.63 38.92 13.85
C VAL E 186 23.18 39.16 14.24
N THR E 187 22.83 38.68 15.42
CA THR E 187 21.55 38.93 16.06
C THR E 187 21.73 39.99 17.12
N VAL E 188 20.77 40.89 17.22
CA VAL E 188 20.85 41.95 18.23
C VAL E 188 19.45 42.26 18.73
N PRO E 189 19.31 42.94 19.86
CA PRO E 189 17.99 43.46 20.24
C PRO E 189 17.47 44.39 19.15
N SER E 190 16.17 44.28 18.82
CA SER E 190 15.64 45.26 17.88
C SER E 190 15.46 46.62 18.51
N SER E 191 15.36 46.67 19.84
CA SER E 191 15.70 47.88 20.58
C SER E 191 16.95 48.53 19.99
N SER E 192 17.97 47.72 19.73
CA SER E 192 19.25 48.22 19.27
C SER E 192 19.20 48.93 17.92
N LEU E 193 18.19 48.66 17.06
CA LEU E 193 18.30 49.10 15.68
C LEU E 193 18.41 50.62 15.53
N GLY E 194 17.90 51.40 16.48
CA GLY E 194 17.94 52.85 16.36
C GLY E 194 19.00 53.55 17.18
N THR E 195 19.70 52.84 18.08
CA THR E 195 20.74 53.46 18.89
C THR E 195 22.12 52.83 18.70
N GLN E 196 22.29 51.96 17.70
CA GLN E 196 23.63 51.51 17.32
C GLN E 196 23.75 51.46 15.81
N THR E 197 24.97 51.73 15.32
CA THR E 197 25.31 51.69 13.91
C THR E 197 25.94 50.32 13.70
N TYR E 198 25.54 49.60 12.65
CA TYR E 198 26.12 48.29 12.40
C TYR E 198 26.88 48.29 11.08
N ILE E 199 28.17 47.98 11.14
CA ILE E 199 29.01 47.86 9.95
C ILE E 199 29.85 46.59 10.01
N CYS E 200 29.97 45.94 8.86
CA CYS E 200 30.86 44.81 8.67
C CYS E 200 32.07 45.31 7.89
N ASN E 201 33.24 45.04 8.42
CA ASN E 201 34.51 45.34 7.77
C ASN E 201 35.06 44.05 7.17
N VAL E 202 35.23 44.01 5.85
CA VAL E 202 35.71 42.84 5.13
C VAL E 202 37.12 43.14 4.61
N ASN E 203 38.08 42.27 4.95
CA ASN E 203 39.45 42.41 4.47
C ASN E 203 39.83 41.19 3.65
N HIS E 204 40.20 41.42 2.40
CA HIS E 204 40.72 40.38 1.52
C HIS E 204 42.14 40.79 1.16
N LYS E 205 43.13 40.19 1.85
CA LYS E 205 44.52 40.58 1.70
C LYS E 205 45.06 40.20 0.32
N PRO E 206 44.76 39.01 -0.20
CA PRO E 206 45.27 38.65 -1.53
C PRO E 206 45.04 39.71 -2.58
N SER E 207 43.98 40.51 -2.45
CA SER E 207 43.70 41.58 -3.40
C SER E 207 43.88 42.96 -2.78
N ASN E 208 44.45 43.03 -1.57
CA ASN E 208 44.62 44.29 -0.86
C ASN E 208 43.35 45.10 -0.92
N THR E 209 42.22 44.40 -0.76
CA THR E 209 40.90 45.03 -0.79
C THR E 209 40.41 45.11 0.65
N LYS E 210 39.96 46.29 1.05
CA LYS E 210 39.36 46.43 2.36
C LYS E 210 38.07 47.22 2.18
N VAL E 211 36.93 46.65 2.56
CA VAL E 211 35.62 47.25 2.31
C VAL E 211 34.79 47.28 3.58
N ASP E 212 34.27 48.45 3.92
CA ASP E 212 33.36 48.61 5.05
C ASP E 212 31.95 48.88 4.57
N LYS E 213 31.00 48.08 5.04
CA LYS E 213 29.61 48.25 4.63
C LYS E 213 28.72 48.36 5.85
N LYS E 214 27.91 49.40 5.90
CA LYS E 214 26.95 49.58 6.97
C LYS E 214 25.63 48.95 6.57
N VAL E 215 25.09 48.12 7.46
CA VAL E 215 23.83 47.45 7.22
C VAL E 215 22.73 48.28 7.86
N GLU E 216 21.74 48.66 7.06
CA GLU E 216 20.66 49.48 7.58
C GLU E 216 19.33 48.75 7.44
N PRO E 217 18.34 49.08 8.29
CA PRO E 217 17.00 48.51 8.22
C PRO E 217 16.19 48.96 7.00
N PRO F 4 60.38 -10.75 3.86
CA PRO F 4 58.91 -10.76 3.87
C PRO F 4 58.35 -10.68 5.30
N GLY F 5 57.92 -9.49 5.73
CA GLY F 5 57.52 -9.29 7.11
C GLY F 5 56.06 -9.55 7.41
N SER F 6 55.72 -9.38 8.69
CA SER F 6 54.35 -9.52 9.19
C SER F 6 53.58 -8.30 8.71
N THR F 7 52.96 -8.44 7.53
CA THR F 7 52.12 -7.40 6.98
C THR F 7 50.97 -7.05 7.92
N ALA F 8 50.71 -5.77 8.08
CA ALA F 8 49.60 -5.33 8.92
C ALA F 8 48.27 -5.72 8.29
N PRO F 9 47.28 -6.05 9.11
CA PRO F 9 46.00 -6.56 8.61
C PRO F 9 45.25 -5.53 7.80
N PRO F 10 44.95 -5.82 6.54
CA PRO F 10 44.13 -4.89 5.75
C PRO F 10 42.67 -4.93 6.16
N ALA F 11 41.97 -3.81 5.89
CA ALA F 11 40.52 -3.74 6.08
C ALA F 11 39.82 -4.67 5.10
N HIS F 12 40.58 -5.30 4.22
CA HIS F 12 40.19 -6.18 3.14
C HIS F 12 40.03 -7.63 3.59
N GLY F 13 39.59 -8.43 2.63
CA GLY F 13 39.71 -9.87 2.69
C GLY F 13 40.41 -10.36 1.44
N ALA G 2 -36.87 -23.25 29.28
CA ALA G 2 -35.43 -23.04 29.20
C ALA G 2 -35.05 -21.95 28.18
N VAL G 3 -34.01 -21.18 28.46
CA VAL G 3 -33.56 -20.11 27.58
C VAL G 3 -32.21 -20.48 27.01
N VAL G 4 -32.11 -20.53 25.68
CA VAL G 4 -30.85 -20.74 24.97
C VAL G 4 -30.43 -19.39 24.40
N THR G 5 -29.19 -18.98 24.70
CA THR G 5 -28.70 -17.67 24.30
C THR G 5 -27.47 -17.81 23.40
N GLN G 6 -27.31 -16.84 22.50
CA GLN G 6 -26.16 -16.73 21.60
C GLN G 6 -25.71 -15.28 21.54
N GLU G 7 -24.58 -15.04 20.91
CA GLU G 7 -24.19 -13.66 20.67
C GLU G 7 -25.19 -13.02 19.71
N SER G 8 -25.66 -11.83 20.06
CA SER G 8 -26.54 -11.09 19.15
C SER G 8 -25.90 -10.97 17.77
N ALA G 9 -24.73 -10.35 17.68
CA ALA G 9 -24.07 -10.09 16.40
C ALA G 9 -22.55 -10.19 16.52
N LEU G 10 -21.90 -10.46 15.38
CA LEU G 10 -20.45 -10.49 15.30
C LEU G 10 -20.03 -9.97 13.94
N THR G 11 -18.98 -9.17 13.91
CA THR G 11 -18.42 -8.65 12.67
C THR G 11 -17.02 -9.23 12.47
N THR G 12 -16.72 -9.62 11.25
CA THR G 12 -15.43 -10.22 10.97
C THR G 12 -14.98 -9.83 9.57
N SER G 13 -13.75 -10.20 9.25
CA SER G 13 -13.15 -10.03 7.94
C SER G 13 -12.83 -11.39 7.33
N PRO G 14 -12.72 -11.47 6.00
CA PRO G 14 -12.29 -12.74 5.40
C PRO G 14 -10.92 -13.14 5.94
N GLY G 15 -10.79 -14.41 6.31
CA GLY G 15 -9.54 -14.98 6.74
C GLY G 15 -9.38 -15.15 8.23
N GLU G 16 -10.19 -14.45 9.04
CA GLU G 16 -10.08 -14.56 10.48
C GLU G 16 -10.79 -15.81 11.00
N THR G 17 -10.60 -16.10 12.29
CA THR G 17 -11.33 -17.18 12.94
C THR G 17 -12.45 -16.58 13.79
N VAL G 18 -13.67 -17.07 13.58
CA VAL G 18 -14.84 -16.65 14.34
C VAL G 18 -15.23 -17.76 15.30
N THR G 19 -15.58 -17.39 16.52
CA THR G 19 -16.06 -18.36 17.50
C THR G 19 -17.41 -17.87 18.02
N LEU G 20 -18.46 -18.60 17.68
CA LEU G 20 -19.80 -18.33 18.18
C LEU G 20 -20.10 -19.33 19.29
N THR G 21 -20.74 -18.83 20.34
CA THR G 21 -21.07 -19.65 21.49
C THR G 21 -22.59 -19.71 21.68
N CYS G 22 -23.01 -20.75 22.39
CA CYS G 22 -24.42 -21.01 22.65
C CYS G 22 -24.55 -21.56 24.06
N ARG G 23 -25.32 -20.84 24.90
CA ARG G 23 -25.38 -21.02 26.34
C ARG G 23 -26.78 -21.47 26.78
N SER G 24 -26.80 -22.29 27.84
CA SER G 24 -28.02 -22.83 28.41
C SER G 24 -28.36 -22.13 29.72
N SER G 25 -29.64 -21.78 29.89
CA SER G 25 -30.09 -21.22 31.15
C SER G 25 -30.06 -22.26 32.26
N THR G 26 -30.26 -23.53 31.90
CA THR G 26 -30.26 -24.61 32.88
C THR G 26 -28.93 -24.64 33.65
N GLY G 27 -27.82 -24.61 32.91
CA GLY G 27 -26.50 -24.76 33.47
C GLY G 27 -25.48 -24.93 32.36
N ALA G 28 -24.48 -25.77 32.56
CA ALA G 28 -23.50 -26.01 31.51
C ALA G 28 -24.15 -26.78 30.36
N VAL G 29 -23.66 -26.53 29.16
CA VAL G 29 -24.09 -27.27 27.98
C VAL G 29 -23.21 -28.52 27.86
N THR G 30 -23.85 -29.67 27.72
CA THR G 30 -23.17 -30.96 27.67
C THR G 30 -23.25 -31.51 26.25
N THR G 31 -22.55 -32.63 26.04
CA THR G 31 -22.74 -33.39 24.82
C THR G 31 -24.14 -34.01 24.73
N SER G 32 -24.78 -34.26 25.88
CA SER G 32 -26.14 -34.76 25.88
C SER G 32 -27.17 -33.72 25.41
N ASN G 33 -26.72 -32.50 25.09
CA ASN G 33 -27.55 -31.47 24.47
C ASN G 33 -27.48 -31.47 22.95
N TYR G 34 -26.57 -32.24 22.36
CA TYR G 34 -26.47 -32.42 20.91
C TYR G 34 -26.64 -31.10 20.16
N ALA G 35 -25.84 -30.11 20.56
CA ALA G 35 -25.94 -28.79 19.97
C ALA G 35 -25.93 -28.88 18.45
N ASN G 36 -26.88 -28.19 17.82
CA ASN G 36 -27.01 -28.16 16.38
C ASN G 36 -26.79 -26.72 15.89
N TRP G 37 -26.13 -26.58 14.76
CA TRP G 37 -25.87 -25.28 14.18
C TRP G 37 -26.45 -25.26 12.78
N VAL G 38 -27.34 -24.30 12.53
CA VAL G 38 -28.01 -24.10 11.25
C VAL G 38 -27.70 -22.71 10.74
N GLN G 39 -27.36 -22.61 9.45
CA GLN G 39 -26.98 -21.36 8.80
C GLN G 39 -28.12 -20.85 7.92
N GLU G 40 -28.38 -19.54 7.99
CA GLU G 40 -29.40 -18.88 7.16
C GLU G 40 -28.76 -17.74 6.38
N LYS G 41 -28.66 -17.91 5.08
CA LYS G 41 -28.18 -16.86 4.21
C LYS G 41 -29.34 -16.05 3.67
N PRO G 42 -29.03 -14.91 3.05
CA PRO G 42 -30.11 -14.02 2.60
C PRO G 42 -31.07 -14.73 1.66
N ASP G 43 -32.33 -14.29 1.71
CA ASP G 43 -33.42 -14.91 0.96
C ASP G 43 -33.78 -16.29 1.54
N HIS G 44 -33.70 -16.40 2.86
CA HIS G 44 -34.21 -17.54 3.62
C HIS G 44 -33.68 -18.86 3.07
N LEU G 45 -32.36 -18.91 2.89
CA LEU G 45 -31.66 -20.11 2.44
C LEU G 45 -31.11 -20.81 3.68
N PHE G 46 -31.67 -21.96 4.01
CA PHE G 46 -31.29 -22.67 5.23
C PHE G 46 -30.35 -23.82 4.90
N THR G 47 -29.29 -23.95 5.69
CA THR G 47 -28.29 -25.01 5.52
C THR G 47 -27.92 -25.54 6.90
N GLY G 48 -27.93 -26.86 7.06
CA GLY G 48 -27.46 -27.46 8.29
C GLY G 48 -25.94 -27.60 8.28
N LEU G 49 -25.29 -27.07 9.33
CA LEU G 49 -23.83 -27.09 9.45
C LEU G 49 -23.34 -28.17 10.40
N ILE G 50 -23.82 -28.15 11.66
CA ILE G 50 -23.32 -29.05 12.68
C ILE G 50 -24.50 -29.69 13.41
N GLY G 51 -24.30 -30.94 13.84
CA GLY G 51 -25.23 -31.57 14.74
C GLY G 51 -24.50 -32.40 15.78
N ARG G 52 -25.22 -32.73 16.84
CA ARG G 52 -24.61 -33.33 18.03
C ARG G 52 -23.27 -32.65 18.35
N THR G 53 -23.28 -31.33 18.53
CA THR G 53 -22.08 -30.65 19.03
C THR G 53 -20.93 -30.62 18.01
N ASN G 54 -20.51 -31.77 17.45
CA ASN G 54 -19.32 -31.79 16.59
C ASN G 54 -19.50 -32.48 15.23
N ASN G 55 -20.60 -33.19 15.00
CA ASN G 55 -20.72 -33.97 13.78
C ASN G 55 -21.24 -33.09 12.66
N ARG G 56 -20.51 -33.07 11.55
CA ARG G 56 -20.85 -32.20 10.44
C ARG G 56 -21.90 -32.83 9.54
N VAL G 57 -22.77 -31.99 9.01
CA VAL G 57 -23.70 -32.43 7.96
C VAL G 57 -22.93 -32.65 6.68
N PRO G 58 -23.24 -33.69 5.90
CA PRO G 58 -22.43 -33.99 4.72
C PRO G 58 -22.36 -32.80 3.77
N GLY G 59 -21.16 -32.55 3.26
CA GLY G 59 -20.95 -31.48 2.32
C GLY G 59 -20.61 -30.14 2.92
N VAL G 60 -20.84 -29.96 4.22
CA VAL G 60 -20.48 -28.68 4.85
C VAL G 60 -18.97 -28.53 4.83
N PRO G 61 -18.44 -27.36 4.47
CA PRO G 61 -16.99 -27.20 4.37
C PRO G 61 -16.30 -27.42 5.72
N ALA G 62 -15.05 -27.87 5.66
CA ALA G 62 -14.31 -28.25 6.86
C ALA G 62 -13.94 -27.08 7.76
N ARG G 63 -14.07 -25.82 7.29
CA ARG G 63 -13.77 -24.67 8.13
C ARG G 63 -14.82 -24.46 9.23
N PHE G 64 -15.89 -25.24 9.24
CA PHE G 64 -16.87 -25.20 10.32
C PHE G 64 -16.59 -26.33 11.30
N SER G 65 -16.48 -25.98 12.58
CA SER G 65 -16.14 -26.94 13.62
C SER G 65 -17.11 -26.77 14.76
N GLY G 66 -17.46 -27.89 15.39
CA GLY G 66 -18.27 -27.88 16.60
C GLY G 66 -17.44 -28.35 17.77
N SER G 67 -17.65 -27.72 18.93
CA SER G 67 -16.91 -28.11 20.13
C SER G 67 -17.73 -27.69 21.34
N LEU G 68 -17.20 -28.03 22.51
CA LEU G 68 -17.65 -27.45 23.76
C LEU G 68 -16.49 -26.63 24.32
N ILE G 69 -16.77 -25.37 24.64
CA ILE G 69 -15.78 -24.48 25.24
C ILE G 69 -16.34 -24.00 26.57
N GLY G 70 -15.64 -24.32 27.65
CA GLY G 70 -16.16 -24.00 28.95
C GLY G 70 -17.52 -24.64 29.12
N ASP G 71 -18.51 -23.83 29.49
CA ASP G 71 -19.86 -24.34 29.74
C ASP G 71 -20.83 -24.06 28.59
N LYS G 72 -20.35 -23.91 27.36
CA LYS G 72 -21.29 -23.69 26.28
C LYS G 72 -20.87 -24.49 25.08
N ALA G 73 -21.79 -24.58 24.11
CA ALA G 73 -21.50 -25.14 22.78
C ALA G 73 -20.87 -24.07 21.89
N ALA G 74 -20.06 -24.51 20.93
CA ALA G 74 -19.30 -23.54 20.14
C ALA G 74 -19.23 -23.99 18.69
N LEU G 75 -19.47 -23.04 17.80
CA LEU G 75 -19.26 -23.22 16.38
C LEU G 75 -18.11 -22.29 15.99
N THR G 76 -17.08 -22.86 15.40
CA THR G 76 -15.89 -22.12 14.99
C THR G 76 -15.80 -22.11 13.47
N ILE G 77 -15.61 -20.92 12.91
CA ILE G 77 -15.38 -20.76 11.48
C ILE G 77 -13.95 -20.24 11.32
N THR G 78 -13.05 -21.12 10.90
CA THR G 78 -11.65 -20.77 10.68
C THR G 78 -11.43 -20.38 9.23
N GLY G 79 -10.91 -19.18 9.00
CA GLY G 79 -10.73 -18.69 7.64
C GLY G 79 -12.03 -18.26 6.99
N ALA G 80 -12.73 -17.35 7.64
CA ALA G 80 -14.05 -16.90 7.22
C ALA G 80 -14.05 -16.37 5.79
N GLN G 81 -15.06 -16.77 5.01
CA GLN G 81 -15.27 -16.31 3.64
C GLN G 81 -16.45 -15.35 3.60
N THR G 82 -16.48 -14.49 2.56
CA THR G 82 -17.61 -13.58 2.40
C THR G 82 -18.93 -14.33 2.21
N GLU G 83 -18.90 -15.57 1.69
CA GLU G 83 -20.12 -16.40 1.76
C GLU G 83 -20.73 -16.48 3.12
N ASP G 84 -19.91 -16.44 4.15
CA ASP G 84 -20.42 -16.88 5.42
C ASP G 84 -21.20 -15.79 6.14
N GLU G 85 -21.32 -14.60 5.58
CA GLU G 85 -22.19 -13.62 6.18
C GLU G 85 -23.59 -14.21 6.27
N ALA G 86 -24.08 -14.44 7.48
CA ALA G 86 -25.37 -15.10 7.59
C ALA G 86 -25.78 -15.07 9.06
N ILE G 87 -26.99 -15.57 9.33
CA ILE G 87 -27.43 -15.80 10.70
C ILE G 87 -27.11 -17.23 11.07
N TYR G 88 -26.53 -17.43 12.24
CA TYR G 88 -26.21 -18.77 12.70
C TYR G 88 -27.05 -19.08 13.94
N PHE G 89 -27.92 -20.06 13.81
CA PHE G 89 -28.80 -20.48 14.88
C PHE G 89 -28.21 -21.71 15.55
N CYS G 90 -28.33 -21.74 16.86
CA CYS G 90 -27.96 -22.90 17.65
C CYS G 90 -29.23 -23.50 18.24
N ALA G 91 -29.25 -24.83 18.32
CA ALA G 91 -30.31 -25.58 18.95
C ALA G 91 -29.71 -26.48 20.03
N LEU G 92 -30.34 -26.50 21.19
CA LEU G 92 -29.99 -27.40 22.27
C LEU G 92 -31.10 -28.42 22.46
N TRP G 93 -30.71 -29.69 22.65
CA TRP G 93 -31.65 -30.76 22.91
C TRP G 93 -31.93 -30.81 24.41
N TYR G 94 -33.20 -30.94 24.78
CA TYR G 94 -33.63 -30.96 26.17
C TYR G 94 -34.55 -32.16 26.38
N SER G 95 -33.97 -33.36 26.28
CA SER G 95 -34.67 -34.60 26.57
C SER G 95 -35.61 -35.01 25.44
N ASN G 96 -36.62 -34.19 25.14
CA ASN G 96 -37.62 -34.56 24.14
C ASN G 96 -37.96 -33.41 23.20
N HIS G 97 -37.20 -32.32 23.21
CA HIS G 97 -37.45 -31.24 22.26
C HIS G 97 -36.17 -30.45 22.03
N PHE G 98 -36.09 -29.87 20.84
CA PHE G 98 -35.01 -28.96 20.46
C PHE G 98 -35.47 -27.54 20.73
N ILE G 99 -34.63 -26.74 21.37
CA ILE G 99 -34.89 -25.31 21.50
C ILE G 99 -33.80 -24.57 20.70
N PHE G 100 -34.24 -23.75 19.73
CA PHE G 100 -33.32 -22.95 18.94
C PHE G 100 -33.00 -21.65 19.66
N GLY G 101 -31.76 -21.19 19.47
CA GLY G 101 -31.37 -19.91 20.02
C GLY G 101 -31.81 -18.76 19.12
N SER G 102 -31.62 -17.54 19.62
CA SER G 102 -32.07 -16.40 18.84
C SER G 102 -31.16 -16.13 17.65
N GLY G 103 -30.04 -16.84 17.55
CA GLY G 103 -29.18 -16.67 16.40
C GLY G 103 -28.16 -15.56 16.60
N THR G 104 -27.04 -15.69 15.91
CA THR G 104 -26.01 -14.66 15.91
C THR G 104 -25.77 -14.26 14.46
N LYS G 105 -25.86 -12.96 14.19
CA LYS G 105 -25.64 -12.43 12.85
C LYS G 105 -24.15 -12.20 12.64
N VAL G 106 -23.54 -13.02 11.79
CA VAL G 106 -22.14 -12.85 11.47
C VAL G 106 -22.04 -12.03 10.19
N THR G 107 -21.39 -10.87 10.30
CA THR G 107 -21.08 -9.98 9.19
C THR G 107 -19.65 -10.24 8.76
N VAL G 108 -19.44 -10.42 7.46
CA VAL G 108 -18.10 -10.59 6.91
C VAL G 108 -17.80 -9.43 5.96
N LEU G 109 -17.05 -8.45 6.44
CA LEU G 109 -16.79 -7.23 5.70
C LEU G 109 -16.11 -7.53 4.37
N LYS G 110 -16.80 -7.24 3.27
CA LYS G 110 -16.21 -7.38 1.94
C LYS G 110 -15.92 -6.04 1.27
N ARG G 111 -16.22 -4.91 1.92
CA ARG G 111 -15.94 -3.59 1.39
C ARG G 111 -15.93 -2.60 2.55
N THR G 112 -15.58 -1.34 2.25
CA THR G 112 -15.45 -0.37 3.33
C THR G 112 -16.82 -0.05 3.90
N VAL G 113 -16.82 0.29 5.20
CA VAL G 113 -18.06 0.59 5.91
C VAL G 113 -18.64 1.91 5.41
N ALA G 114 -19.96 1.94 5.26
CA ALA G 114 -20.65 3.14 4.82
C ALA G 114 -21.79 3.43 5.79
N ALA G 115 -21.70 4.55 6.49
CA ALA G 115 -22.83 4.92 7.33
C ALA G 115 -24.04 5.23 6.46
N PRO G 116 -25.24 4.91 6.93
CA PRO G 116 -26.44 5.24 6.14
C PRO G 116 -26.72 6.73 6.23
N SER G 117 -27.37 7.26 5.19
CA SER G 117 -27.95 8.59 5.26
C SER G 117 -29.33 8.46 5.87
N VAL G 118 -29.61 9.21 6.92
CA VAL G 118 -30.85 9.03 7.68
C VAL G 118 -31.79 10.19 7.39
N PHE G 119 -33.05 9.85 7.06
CA PHE G 119 -34.10 10.82 6.78
C PHE G 119 -35.36 10.45 7.55
N ILE G 120 -36.12 11.47 7.94
CA ILE G 120 -37.37 11.23 8.66
C ILE G 120 -38.50 11.90 7.90
N PHE G 121 -39.69 11.28 7.99
CA PHE G 121 -40.89 11.75 7.31
C PHE G 121 -42.03 11.83 8.32
N PRO G 122 -42.67 12.97 8.47
CA PRO G 122 -43.81 13.09 9.38
C PRO G 122 -45.09 12.64 8.70
N PRO G 123 -46.16 12.44 9.47
CA PRO G 123 -47.42 12.01 8.88
C PRO G 123 -47.82 12.89 7.70
N SER G 124 -48.29 12.22 6.64
CA SER G 124 -48.88 12.85 5.48
C SER G 124 -50.23 13.47 5.81
N ASP G 125 -50.58 14.51 5.05
CA ASP G 125 -51.86 15.19 5.20
C ASP G 125 -53.04 14.42 4.61
N GLU G 126 -52.83 13.47 3.70
CA GLU G 126 -53.95 12.59 3.35
C GLU G 126 -54.38 11.74 4.55
N GLN G 127 -53.43 10.98 5.13
CA GLN G 127 -53.59 10.18 6.34
C GLN G 127 -54.04 11.05 7.50
N LEU G 128 -53.80 12.37 7.35
CA LEU G 128 -54.17 13.41 8.28
C LEU G 128 -55.61 13.19 8.79
N LYS G 129 -56.60 13.07 7.88
CA LYS G 129 -58.04 13.00 8.26
C LYS G 129 -58.46 11.73 9.00
N SER G 130 -57.75 10.62 8.88
CA SER G 130 -58.12 9.41 9.63
C SER G 130 -57.30 9.27 10.92
N GLY G 131 -57.70 8.29 11.72
CA GLY G 131 -57.24 8.19 13.10
C GLY G 131 -55.90 7.49 13.30
N THR G 132 -55.05 7.55 12.29
CA THR G 132 -53.76 6.90 12.35
C THR G 132 -52.70 7.86 11.85
N ALA G 133 -51.55 7.86 12.52
CA ALA G 133 -50.42 8.71 12.18
C ALA G 133 -49.18 7.84 12.09
N SER G 134 -48.43 7.99 11.00
CA SER G 134 -47.25 7.16 10.81
C SER G 134 -46.02 7.99 10.46
N VAL G 135 -44.97 7.78 11.24
CA VAL G 135 -43.68 8.41 11.03
C VAL G 135 -42.79 7.40 10.31
N VAL G 136 -42.15 7.82 9.23
CA VAL G 136 -41.36 6.89 8.44
C VAL G 136 -39.91 7.33 8.52
N CYS G 137 -39.04 6.42 8.95
CA CYS G 137 -37.61 6.68 9.00
C CYS G 137 -36.92 5.85 7.93
N LEU G 138 -36.06 6.49 7.16
CA LEU G 138 -35.36 5.87 6.04
C LEU G 138 -33.86 5.91 6.28
N LEU G 139 -33.21 4.75 6.14
CA LEU G 139 -31.77 4.62 6.17
C LEU G 139 -31.30 4.28 4.75
N ASN G 140 -30.53 5.16 4.13
CA ASN G 140 -30.20 5.04 2.72
C ASN G 140 -28.74 4.68 2.51
N ASN G 141 -28.52 3.62 1.72
CA ASN G 141 -27.25 3.25 1.11
C ASN G 141 -26.13 3.11 2.15
N PHE G 142 -26.28 2.06 2.96
CA PHE G 142 -25.33 1.74 4.01
C PHE G 142 -24.85 0.30 3.84
N TYR G 143 -23.68 0.03 4.41
CA TYR G 143 -23.01 -1.27 4.47
C TYR G 143 -22.17 -1.26 5.74
N PRO G 144 -22.15 -2.39 6.50
CA PRO G 144 -22.84 -3.64 6.22
C PRO G 144 -24.31 -3.59 6.63
N ARG G 145 -25.01 -4.71 6.42
CA ARG G 145 -26.46 -4.74 6.61
C ARG G 145 -26.86 -4.50 8.07
N GLU G 146 -26.01 -4.87 9.02
CA GLU G 146 -26.41 -4.85 10.42
C GLU G 146 -26.68 -3.41 10.87
N ALA G 147 -27.89 -3.17 11.38
CA ALA G 147 -28.31 -1.84 11.79
C ALA G 147 -29.39 -1.97 12.85
N LYS G 148 -29.53 -0.92 13.66
CA LYS G 148 -30.58 -0.85 14.67
C LYS G 148 -31.28 0.50 14.57
N VAL G 149 -32.61 0.46 14.61
CA VAL G 149 -33.43 1.67 14.59
C VAL G 149 -34.37 1.62 15.79
N GLN G 150 -34.28 2.63 16.64
CA GLN G 150 -35.15 2.74 17.81
C GLN G 150 -35.95 4.02 17.72
N TRP G 151 -37.24 3.91 18.08
CA TRP G 151 -38.18 5.01 18.01
C TRP G 151 -38.33 5.65 19.39
N LYS G 152 -38.33 6.98 19.42
CA LYS G 152 -38.43 7.73 20.67
C LYS G 152 -39.48 8.82 20.54
N VAL G 153 -40.47 8.78 21.42
CA VAL G 153 -41.57 9.75 21.46
C VAL G 153 -41.34 10.70 22.61
N ASP G 154 -40.97 11.94 22.29
CA ASP G 154 -40.59 12.92 23.30
C ASP G 154 -39.60 12.31 24.28
N ASN G 155 -38.58 11.66 23.73
CA ASN G 155 -37.48 11.02 24.47
C ASN G 155 -37.87 9.72 25.17
N ALA G 156 -39.09 9.22 24.96
CA ALA G 156 -39.50 7.94 25.53
C ALA G 156 -39.27 6.82 24.51
N LEU G 157 -38.58 5.76 24.94
CA LEU G 157 -38.31 4.65 24.04
C LEU G 157 -39.59 3.87 23.77
N GLN G 158 -39.75 3.42 22.53
CA GLN G 158 -40.98 2.77 22.07
C GLN G 158 -40.81 1.27 21.92
N SER G 159 -41.95 0.57 21.91
CA SER G 159 -41.93 -0.88 21.79
C SER G 159 -43.28 -1.34 21.25
N GLY G 160 -43.22 -2.27 20.29
CA GLY G 160 -44.40 -2.91 19.74
C GLY G 160 -45.19 -2.14 18.70
N ASN G 161 -44.80 -0.90 18.36
CA ASN G 161 -45.55 -0.09 17.41
C ASN G 161 -44.73 0.31 16.17
N SER G 162 -43.64 -0.39 15.89
CA SER G 162 -42.79 -0.08 14.75
C SER G 162 -42.54 -1.34 13.94
N GLN G 163 -42.30 -1.17 12.65
CA GLN G 163 -41.93 -2.28 11.78
C GLN G 163 -40.93 -1.85 10.73
N GLU G 164 -39.98 -2.71 10.39
CA GLU G 164 -38.93 -2.32 9.47
C GLU G 164 -38.69 -3.38 8.39
N SER G 165 -38.11 -2.92 7.29
CA SER G 165 -37.85 -3.72 6.10
C SER G 165 -36.51 -3.31 5.50
N VAL G 166 -35.83 -4.25 4.84
CA VAL G 166 -34.53 -3.97 4.26
C VAL G 166 -34.54 -4.37 2.79
N THR G 167 -33.91 -3.54 1.94
CA THR G 167 -33.81 -3.88 0.53
C THR G 167 -32.79 -4.99 0.33
N GLU G 168 -32.81 -5.55 -0.88
CA GLU G 168 -31.75 -6.46 -1.26
C GLU G 168 -30.47 -5.67 -1.49
N GLN G 169 -29.34 -6.34 -1.35
CA GLN G 169 -28.08 -5.67 -1.51
C GLN G 169 -27.91 -5.21 -2.95
N ASP G 170 -27.43 -3.99 -3.13
CA ASP G 170 -27.30 -3.40 -4.45
C ASP G 170 -26.36 -4.22 -5.32
N SER G 171 -26.70 -4.33 -6.61
CA SER G 171 -25.91 -5.13 -7.55
C SER G 171 -24.46 -4.70 -7.60
N LYS G 172 -24.21 -3.39 -7.71
CA LYS G 172 -22.85 -2.90 -7.93
C LYS G 172 -22.12 -2.61 -6.61
N ASP G 173 -22.66 -1.69 -5.79
CA ASP G 173 -21.92 -1.22 -4.61
C ASP G 173 -22.15 -2.08 -3.35
N SER G 174 -23.12 -2.99 -3.36
CA SER G 174 -23.38 -3.89 -2.23
C SER G 174 -24.07 -3.22 -1.05
N THR G 175 -24.70 -2.06 -1.20
CA THR G 175 -25.24 -1.40 -0.03
C THR G 175 -26.70 -1.82 0.21
N TYR G 176 -27.20 -1.49 1.39
CA TYR G 176 -28.59 -1.76 1.73
C TYR G 176 -29.29 -0.46 2.12
N SER G 177 -30.60 -0.54 2.12
CA SER G 177 -31.44 0.53 2.64
C SER G 177 -32.49 -0.09 3.54
N LEU G 178 -32.97 0.70 4.48
CA LEU G 178 -33.89 0.22 5.50
C LEU G 178 -35.00 1.23 5.68
N SER G 179 -36.21 0.72 5.90
CA SER G 179 -37.38 1.55 6.10
C SER G 179 -38.06 1.09 7.37
N SER G 180 -38.19 1.99 8.35
CA SER G 180 -38.89 1.70 9.59
C SER G 180 -40.11 2.61 9.67
N THR G 181 -41.25 2.05 10.05
CA THR G 181 -42.49 2.80 10.15
C THR G 181 -43.01 2.70 11.58
N LEU G 182 -43.22 3.87 12.19
CA LEU G 182 -43.80 4.00 13.50
C LEU G 182 -45.26 4.38 13.31
N THR G 183 -46.17 3.55 13.82
CA THR G 183 -47.60 3.79 13.65
C THR G 183 -48.24 4.01 15.02
N LEU G 184 -48.99 5.10 15.15
CA LEU G 184 -49.69 5.43 16.39
C LEU G 184 -51.10 5.87 16.01
N SER G 185 -52.02 5.77 16.96
CA SER G 185 -53.35 6.30 16.77
C SER G 185 -53.30 7.83 16.72
N LYS G 186 -54.13 8.43 15.86
CA LYS G 186 -54.10 9.87 15.61
C LYS G 186 -54.07 10.69 16.90
N ALA G 187 -54.76 10.24 17.94
CA ALA G 187 -54.78 10.98 19.18
C ALA G 187 -53.39 11.01 19.81
N ASP G 188 -52.79 9.83 19.96
CA ASP G 188 -51.48 9.73 20.59
C ASP G 188 -50.45 10.59 19.89
N TYR G 189 -50.54 10.72 18.56
CA TYR G 189 -49.56 11.51 17.81
C TYR G 189 -49.62 12.99 18.20
N GLU G 190 -50.81 13.55 18.30
CA GLU G 190 -50.90 14.96 18.66
C GLU G 190 -50.78 15.17 20.17
N LYS G 191 -50.80 14.09 20.97
CA LYS G 191 -50.56 14.28 22.40
C LYS G 191 -49.13 14.77 22.65
N HIS G 192 -48.18 14.29 21.85
CA HIS G 192 -46.77 14.63 22.01
C HIS G 192 -46.29 15.45 20.81
N LYS G 193 -45.10 16.04 20.94
CA LYS G 193 -44.73 17.13 20.04
C LYS G 193 -43.63 16.79 19.05
N VAL G 194 -42.58 16.11 19.46
CA VAL G 194 -41.49 15.79 18.54
C VAL G 194 -41.12 14.32 18.63
N TYR G 195 -40.99 13.69 17.47
CA TYR G 195 -40.74 12.25 17.39
C TYR G 195 -39.40 12.00 16.71
N ALA G 196 -38.65 11.04 17.25
CA ALA G 196 -37.26 10.85 16.89
C ALA G 196 -36.98 9.40 16.49
N CYS G 197 -36.14 9.29 15.47
CA CYS G 197 -35.60 8.03 14.95
C CYS G 197 -34.11 7.98 15.31
N GLU G 198 -33.71 7.01 16.12
CA GLU G 198 -32.33 6.85 16.55
C GLU G 198 -31.73 5.65 15.85
N VAL G 199 -30.60 5.85 15.18
CA VAL G 199 -29.99 4.87 14.29
C VAL G 199 -28.62 4.49 14.81
N THR G 200 -28.40 3.20 14.96
CA THR G 200 -27.14 2.58 15.35
C THR G 200 -26.59 1.82 14.16
N HIS G 201 -25.36 2.15 13.79
CA HIS G 201 -24.71 1.47 12.68
C HIS G 201 -23.21 1.56 12.92
N GLN G 202 -22.49 0.54 12.46
CA GLN G 202 -21.08 0.54 12.78
C GLN G 202 -20.32 1.61 12.01
N GLY G 203 -20.92 2.20 10.99
CA GLY G 203 -20.32 3.33 10.33
C GLY G 203 -20.56 4.65 11.03
N LEU G 204 -21.33 4.66 12.13
CA LEU G 204 -21.57 5.88 12.88
C LEU G 204 -20.81 5.81 14.20
N SER G 205 -20.02 6.85 14.48
CA SER G 205 -19.20 6.81 15.68
C SER G 205 -20.06 6.96 16.93
N SER G 206 -21.24 7.54 16.79
CA SER G 206 -22.28 7.54 17.81
C SER G 206 -23.63 7.41 17.11
N PRO G 207 -24.65 6.93 17.83
CA PRO G 207 -25.98 6.81 17.21
C PRO G 207 -26.46 8.17 16.74
N VAL G 208 -27.07 8.22 15.56
CA VAL G 208 -27.59 9.48 15.02
C VAL G 208 -29.10 9.49 15.23
N THR G 209 -29.64 10.63 15.62
CA THR G 209 -31.09 10.75 15.77
C THR G 209 -31.58 11.86 14.88
N LYS G 210 -32.65 11.58 14.13
CA LYS G 210 -33.39 12.56 13.34
C LYS G 210 -34.73 12.82 14.02
N SER G 211 -35.11 14.09 14.16
CA SER G 211 -36.28 14.46 14.96
C SER G 211 -37.18 15.37 14.15
N PHE G 212 -38.48 15.36 14.50
CA PHE G 212 -39.39 16.30 13.88
C PHE G 212 -40.29 16.94 14.93
N ASN G 213 -40.54 18.23 14.69
CA ASN G 213 -41.49 19.13 15.33
C ASN G 213 -42.70 19.27 14.42
N ARG G 214 -43.80 19.79 14.97
CA ARG G 214 -45.08 19.82 14.26
C ARG G 214 -45.27 21.04 13.34
N GLY G 215 -44.20 21.58 12.75
CA GLY G 215 -44.38 22.74 11.87
C GLY G 215 -43.41 22.89 10.72
N GLU G 216 -43.93 23.13 9.51
CA GLU G 216 -43.14 23.28 8.29
C GLU G 216 -43.94 24.09 7.28
N CYS G 217 -43.40 24.21 6.06
CA CYS G 217 -44.17 24.55 4.86
C CYS G 217 -43.52 23.88 3.64
N VAL H 3 -31.60 -35.34 -4.07
CA VAL H 3 -32.60 -35.31 -3.01
C VAL H 3 -33.54 -34.13 -3.26
N LYS H 4 -34.79 -34.29 -2.86
CA LYS H 4 -35.86 -33.37 -3.24
C LYS H 4 -36.98 -33.44 -2.20
N LEU H 5 -37.29 -32.32 -1.54
CA LEU H 5 -38.44 -32.24 -0.63
C LEU H 5 -39.40 -31.17 -1.17
N LEU H 6 -40.49 -31.62 -1.81
CA LEU H 6 -41.45 -30.71 -2.44
C LEU H 6 -42.59 -30.40 -1.49
N GLN H 7 -42.76 -29.12 -1.13
CA GLN H 7 -43.79 -28.73 -0.17
C GLN H 7 -45.02 -28.20 -0.89
N SER H 8 -46.18 -28.43 -0.28
CA SER H 8 -47.45 -27.88 -0.75
C SER H 8 -48.39 -27.64 0.42
N GLY H 9 -49.44 -26.86 0.16
CA GLY H 9 -50.34 -26.35 1.17
C GLY H 9 -50.51 -24.84 1.08
N GLY H 10 -51.75 -24.39 1.26
CA GLY H 10 -52.08 -22.99 1.11
C GLY H 10 -51.36 -22.11 2.11
N GLY H 11 -51.56 -20.81 1.92
CA GLY H 11 -50.94 -19.84 2.79
C GLY H 11 -51.92 -19.03 3.62
N LEU H 12 -53.04 -18.61 3.01
CA LEU H 12 -53.98 -17.75 3.72
C LEU H 12 -54.94 -18.60 4.52
N VAL H 13 -55.13 -18.25 5.78
CA VAL H 13 -56.01 -18.97 6.69
C VAL H 13 -56.66 -17.99 7.64
N GLN H 14 -57.90 -18.28 7.99
CA GLN H 14 -58.53 -17.37 8.93
C GLN H 14 -58.00 -17.67 10.34
N PRO H 15 -57.82 -16.65 11.17
CA PRO H 15 -57.47 -16.93 12.56
C PRO H 15 -58.47 -17.89 13.17
N GLY H 16 -57.96 -18.98 13.75
CA GLY H 16 -58.81 -20.02 14.29
C GLY H 16 -59.09 -21.18 13.35
N GLY H 17 -58.71 -21.08 12.09
CA GLY H 17 -58.90 -22.15 11.12
C GLY H 17 -57.83 -23.22 11.25
N SER H 18 -57.83 -24.13 10.28
CA SER H 18 -56.86 -25.21 10.25
C SER H 18 -56.35 -25.44 8.83
N LEU H 19 -55.11 -25.90 8.74
CA LEU H 19 -54.41 -26.16 7.48
C LEU H 19 -53.69 -27.49 7.55
N LYS H 20 -53.38 -28.04 6.39
CA LYS H 20 -52.52 -29.21 6.32
C LYS H 20 -51.45 -28.92 5.30
N LEU H 21 -50.20 -29.16 5.67
CA LEU H 21 -49.06 -28.96 4.80
C LEU H 21 -48.44 -30.33 4.52
N SER H 22 -48.02 -30.53 3.28
CA SER H 22 -47.44 -31.78 2.83
C SER H 22 -46.03 -31.55 2.28
N CYS H 23 -45.17 -32.55 2.46
CA CYS H 23 -43.76 -32.49 2.05
C CYS H 23 -43.43 -33.83 1.42
N ALA H 24 -43.34 -33.87 0.10
CA ALA H 24 -43.11 -35.10 -0.65
C ALA H 24 -41.63 -35.32 -0.87
N ALA H 25 -41.13 -36.48 -0.44
CA ALA H 25 -39.71 -36.81 -0.51
C ALA H 25 -39.42 -37.59 -1.78
N SER H 26 -38.35 -37.19 -2.47
CA SER H 26 -37.97 -37.77 -3.75
C SER H 26 -36.44 -37.91 -3.79
N GLY H 27 -35.95 -39.12 -4.07
CA GLY H 27 -34.53 -39.33 -4.21
C GLY H 27 -33.83 -39.86 -2.98
N ILE H 28 -34.58 -40.17 -1.93
CA ILE H 28 -34.05 -40.79 -0.72
C ILE H 28 -35.05 -41.83 -0.25
N ASP H 29 -34.57 -42.74 0.58
CA ASP H 29 -35.49 -43.69 1.21
C ASP H 29 -36.11 -42.97 2.39
N PHE H 30 -37.13 -42.18 2.08
CA PHE H 30 -37.85 -41.42 3.11
C PHE H 30 -38.22 -42.31 4.29
N SER H 31 -38.39 -43.61 4.05
CA SER H 31 -38.88 -44.52 5.08
C SER H 31 -37.89 -44.68 6.23
N GLY H 32 -36.60 -44.46 5.98
CA GLY H 32 -35.62 -44.65 7.03
C GLY H 32 -34.96 -43.35 7.47
N TYR H 33 -35.72 -42.25 7.47
CA TYR H 33 -35.22 -40.93 7.78
C TYR H 33 -36.06 -40.30 8.88
N TRP H 34 -35.39 -39.64 9.83
CA TRP H 34 -36.09 -38.79 10.78
C TRP H 34 -36.53 -37.51 10.08
N MET H 35 -37.78 -37.10 10.31
CA MET H 35 -38.31 -35.89 9.70
C MET H 35 -38.63 -34.87 10.79
N SER H 36 -38.61 -33.59 10.41
CA SER H 36 -38.82 -32.51 11.37
C SER H 36 -39.51 -31.36 10.66
N TRP H 37 -40.25 -30.59 11.43
CA TRP H 37 -40.88 -29.38 10.95
C TRP H 37 -40.32 -28.22 11.76
N VAL H 38 -39.78 -27.22 11.05
CA VAL H 38 -39.28 -25.98 11.61
C VAL H 38 -40.02 -24.84 10.92
N ARG H 39 -39.97 -23.66 11.54
CA ARG H 39 -40.61 -22.51 10.91
C ARG H 39 -39.81 -21.24 11.21
N ARG H 40 -40.00 -20.26 10.33
CA ARG H 40 -39.27 -18.99 10.38
C ARG H 40 -40.27 -17.86 10.17
N ALA H 41 -40.52 -17.09 11.22
CA ALA H 41 -41.47 -16.01 11.20
C ALA H 41 -40.77 -14.67 11.00
N PRO H 42 -41.48 -13.65 10.51
CA PRO H 42 -40.79 -12.44 10.05
C PRO H 42 -39.75 -11.85 10.99
N GLY H 43 -40.14 -11.39 12.18
CA GLY H 43 -39.20 -10.77 13.09
C GLY H 43 -38.48 -11.80 13.95
N LYS H 44 -38.96 -13.05 13.97
CA LYS H 44 -38.38 -14.12 14.77
C LYS H 44 -37.28 -14.87 14.05
N GLY H 45 -36.79 -15.88 14.77
CA GLY H 45 -35.74 -16.73 14.27
C GLY H 45 -36.26 -18.09 13.88
N LEU H 46 -35.34 -19.02 13.70
CA LEU H 46 -35.78 -20.39 13.50
C LEU H 46 -36.52 -20.82 14.75
N GLU H 47 -37.64 -21.51 14.57
CA GLU H 47 -38.33 -22.15 15.69
C GLU H 47 -38.51 -23.62 15.36
N TRP H 48 -38.09 -24.48 16.27
CA TRP H 48 -38.28 -25.91 16.09
C TRP H 48 -39.70 -26.26 16.48
N ILE H 49 -40.43 -26.88 15.57
CA ILE H 49 -41.81 -27.29 15.83
C ILE H 49 -41.86 -28.73 16.33
N GLY H 50 -41.24 -29.64 15.60
CA GLY H 50 -41.29 -31.02 16.06
C GLY H 50 -40.57 -31.96 15.12
N GLU H 51 -40.61 -33.23 15.48
CA GLU H 51 -39.93 -34.26 14.73
C GLU H 51 -40.67 -35.58 14.87
N ILE H 52 -40.41 -36.47 13.92
CA ILE H 52 -41.06 -37.76 13.79
C ILE H 52 -40.02 -38.77 13.35
N THR H 53 -40.04 -39.94 13.99
CA THR H 53 -39.16 -41.06 13.67
C THR H 53 -39.68 -41.84 12.46
N PRO H 54 -38.82 -42.62 11.80
CA PRO H 54 -39.27 -43.29 10.56
C PRO H 54 -40.48 -44.20 10.73
N ASP H 55 -40.67 -44.83 11.89
CA ASP H 55 -41.80 -45.72 12.08
C ASP H 55 -43.00 -45.02 12.71
N SER H 56 -42.86 -43.75 13.08
CA SER H 56 -43.89 -42.94 13.73
C SER H 56 -44.16 -43.40 15.16
N SER H 57 -43.38 -44.35 15.67
CA SER H 57 -43.45 -44.72 17.09
C SER H 57 -43.23 -43.52 18.00
N THR H 58 -42.25 -42.69 17.67
CA THR H 58 -41.88 -41.56 18.50
C THR H 58 -42.07 -40.28 17.68
N ILE H 59 -42.77 -39.33 18.27
CA ILE H 59 -43.05 -38.04 17.66
C ILE H 59 -42.94 -36.99 18.76
N ASN H 60 -41.93 -36.13 18.67
CA ASN H 60 -41.65 -35.14 19.70
C ASN H 60 -42.05 -33.75 19.24
N TYR H 61 -42.68 -32.98 20.14
CA TYR H 61 -43.18 -31.65 19.82
C TYR H 61 -42.52 -30.61 20.72
N ALA H 62 -42.59 -29.37 20.27
CA ALA H 62 -42.19 -28.25 21.11
C ALA H 62 -43.27 -28.00 22.17
N PRO H 63 -42.89 -27.93 23.45
CA PRO H 63 -43.91 -27.81 24.52
C PRO H 63 -44.93 -26.70 24.28
N SER H 64 -44.50 -25.58 23.70
CA SER H 64 -45.42 -24.49 23.42
C SER H 64 -46.44 -24.83 22.35
N LEU H 65 -46.15 -25.80 21.48
CA LEU H 65 -46.93 -26.05 20.27
C LEU H 65 -47.71 -27.37 20.30
N LYS H 66 -47.69 -28.11 21.40
CA LYS H 66 -48.20 -29.49 21.32
C LYS H 66 -49.69 -29.54 21.05
N ASP H 67 -50.41 -28.45 21.35
CA ASP H 67 -51.83 -28.41 21.10
C ASP H 67 -52.23 -27.66 19.82
N GLU H 68 -51.29 -27.44 18.88
CA GLU H 68 -51.64 -26.94 17.54
C GLU H 68 -51.19 -27.80 16.39
N PHE H 69 -50.12 -28.53 16.55
CA PHE H 69 -49.59 -29.19 15.39
C PHE H 69 -49.65 -30.68 15.61
N ILE H 70 -49.87 -31.40 14.52
CA ILE H 70 -49.93 -32.84 14.52
C ILE H 70 -49.00 -33.26 13.40
N ILE H 71 -47.92 -33.91 13.76
CA ILE H 71 -46.95 -34.34 12.76
C ILE H 71 -47.30 -35.77 12.39
N SER H 72 -47.24 -36.07 11.09
CA SER H 72 -47.57 -37.40 10.62
C SER H 72 -46.72 -37.70 9.40
N ARG H 73 -46.73 -38.96 8.97
CA ARG H 73 -46.02 -39.33 7.76
C ARG H 73 -46.66 -40.56 7.15
N ASP H 74 -46.54 -40.66 5.82
CA ASP H 74 -46.96 -41.82 5.05
C ASP H 74 -45.74 -42.25 4.23
N ASN H 75 -45.07 -43.31 4.67
CA ASN H 75 -43.94 -43.82 3.93
C ASN H 75 -44.38 -44.38 2.59
N ALA H 76 -45.63 -44.85 2.52
CA ALA H 76 -46.16 -45.40 1.28
C ALA H 76 -46.20 -44.36 0.17
N LYS H 77 -46.55 -43.11 0.50
CA LYS H 77 -46.50 -42.07 -0.51
C LYS H 77 -45.24 -41.20 -0.37
N ASN H 78 -44.30 -41.58 0.51
CA ASN H 78 -43.05 -40.86 0.68
C ASN H 78 -43.26 -39.39 1.06
N THR H 79 -44.28 -39.13 1.89
CA THR H 79 -44.61 -37.75 2.23
C THR H 79 -44.78 -37.58 3.74
N LEU H 80 -44.44 -36.37 4.21
CA LEU H 80 -44.55 -35.96 5.60
C LEU H 80 -45.63 -34.88 5.70
N TYR H 81 -46.39 -34.90 6.80
CA TYR H 81 -47.54 -34.02 6.95
C TYR H 81 -47.42 -33.23 8.24
N LEU H 82 -47.86 -31.97 8.18
CA LEU H 82 -47.99 -31.14 9.37
C LEU H 82 -49.39 -30.56 9.40
N GLN H 83 -50.13 -30.87 10.47
CA GLN H 83 -51.49 -30.44 10.66
C GLN H 83 -51.50 -29.24 11.61
N MET H 84 -52.00 -28.11 11.14
CA MET H 84 -52.14 -26.92 11.96
C MET H 84 -53.62 -26.74 12.30
N THR H 85 -53.93 -26.55 13.57
CA THR H 85 -55.33 -26.42 13.95
C THR H 85 -55.50 -25.22 14.88
N LYS H 86 -56.59 -24.47 14.67
CA LYS H 86 -56.85 -23.24 15.39
C LYS H 86 -55.61 -22.38 15.48
N VAL H 87 -55.19 -21.91 14.30
CA VAL H 87 -54.05 -21.05 14.16
C VAL H 87 -54.37 -19.66 14.71
N ARG H 88 -53.31 -18.88 14.91
CA ARG H 88 -53.41 -17.48 15.31
C ARG H 88 -52.43 -16.66 14.50
N SER H 89 -52.54 -15.34 14.65
CA SER H 89 -51.75 -14.44 13.81
C SER H 89 -50.26 -14.72 13.93
N ASP H 90 -49.79 -15.02 15.14
CA ASP H 90 -48.37 -15.27 15.36
C ASP H 90 -47.87 -16.52 14.64
N ASP H 91 -48.77 -17.24 13.96
CA ASP H 91 -48.38 -18.43 13.20
C ASP H 91 -47.97 -18.12 11.76
N THR H 92 -48.11 -16.88 11.32
CA THR H 92 -47.67 -16.48 9.99
C THR H 92 -46.16 -16.69 9.86
N ALA H 93 -45.75 -17.53 8.91
CA ALA H 93 -44.31 -17.78 8.78
C ALA H 93 -44.06 -18.70 7.59
N LEU H 94 -42.78 -18.92 7.29
CA LEU H 94 -42.36 -19.92 6.32
C LEU H 94 -42.09 -21.24 7.04
N TYR H 95 -42.81 -22.29 6.65
CA TYR H 95 -42.70 -23.61 7.25
C TYR H 95 -41.81 -24.48 6.37
N TYR H 96 -40.86 -25.19 6.99
CA TYR H 96 -39.92 -26.02 6.27
C TYR H 96 -39.94 -27.42 6.87
N CYS H 97 -39.96 -28.44 6.00
CA CYS H 97 -39.74 -29.81 6.42
C CYS H 97 -38.26 -30.12 6.21
N VAL H 98 -37.64 -30.72 7.21
CA VAL H 98 -36.23 -31.02 7.18
C VAL H 98 -36.05 -32.45 7.62
N SER H 99 -35.22 -33.15 6.89
CA SER H 99 -34.93 -34.52 7.23
C SER H 99 -33.48 -34.62 7.67
N TYR H 100 -33.31 -35.26 8.84
CA TYR H 100 -32.08 -35.32 9.63
C TYR H 100 -31.02 -36.25 9.02
N TYR H 101 -29.79 -35.74 8.89
CA TYR H 101 -28.64 -36.61 8.76
C TYR H 101 -27.94 -36.49 10.12
N GLU H 102 -26.87 -35.74 10.23
CA GLU H 102 -26.38 -35.64 11.60
C GLU H 102 -26.84 -34.35 12.26
N GLY H 103 -27.56 -33.54 11.52
CA GLY H 103 -28.20 -32.32 11.93
C GLY H 103 -29.32 -32.05 10.94
N PHE H 104 -29.85 -30.84 10.97
CA PHE H 104 -30.91 -30.51 10.00
C PHE H 104 -30.27 -30.47 8.61
N ALA H 105 -30.35 -31.60 7.90
CA ALA H 105 -29.56 -31.80 6.68
C ALA H 105 -30.28 -31.40 5.39
N TYR H 106 -31.48 -31.92 5.15
CA TYR H 106 -32.19 -31.68 3.89
C TYR H 106 -33.44 -30.86 4.14
N TRP H 107 -33.64 -29.80 3.35
CA TRP H 107 -34.74 -28.87 3.55
C TRP H 107 -35.63 -28.79 2.32
N GLY H 108 -36.91 -28.54 2.55
CA GLY H 108 -37.81 -28.25 1.47
C GLY H 108 -37.73 -26.79 1.06
N GLN H 109 -38.44 -26.45 -0.01
CA GLN H 109 -38.38 -25.08 -0.54
C GLN H 109 -39.12 -24.08 0.33
N GLY H 110 -39.90 -24.53 1.30
CA GLY H 110 -40.64 -23.62 2.16
C GLY H 110 -42.09 -23.43 1.73
N THR H 111 -42.98 -23.30 2.70
CA THR H 111 -44.39 -23.01 2.44
C THR H 111 -44.79 -21.81 3.28
N LEU H 112 -45.31 -20.78 2.63
CA LEU H 112 -45.74 -19.59 3.37
C LEU H 112 -47.14 -19.81 3.92
N VAL H 113 -47.33 -19.50 5.20
CA VAL H 113 -48.65 -19.53 5.82
C VAL H 113 -48.92 -18.14 6.36
N THR H 114 -49.98 -17.52 5.85
CA THR H 114 -50.40 -16.20 6.27
C THR H 114 -51.71 -16.33 7.02
N VAL H 115 -51.72 -15.91 8.28
CA VAL H 115 -52.89 -15.96 9.14
C VAL H 115 -53.39 -14.54 9.30
N SER H 116 -54.56 -14.26 8.73
CA SER H 116 -55.14 -12.93 8.78
C SER H 116 -56.63 -13.03 8.59
N ALA H 117 -57.37 -12.24 9.36
CA ALA H 117 -58.81 -12.16 9.19
C ALA H 117 -59.20 -11.03 8.26
N ALA H 118 -58.22 -10.41 7.61
CA ALA H 118 -58.46 -9.20 6.83
C ALA H 118 -59.27 -9.52 5.59
N SER H 119 -60.02 -8.53 5.16
CA SER H 119 -60.72 -8.58 3.89
C SER H 119 -59.83 -8.02 2.79
N THR H 120 -60.16 -8.37 1.55
CA THR H 120 -59.46 -7.72 0.45
C THR H 120 -59.67 -6.22 0.58
N LYS H 121 -58.58 -5.47 0.70
CA LYS H 121 -58.67 -4.03 0.85
C LYS H 121 -57.60 -3.37 0.00
N GLY H 122 -57.98 -2.35 -0.75
CA GLY H 122 -57.02 -1.62 -1.55
C GLY H 122 -56.15 -0.73 -0.69
N PRO H 123 -54.98 -0.37 -1.20
CA PRO H 123 -54.06 0.41 -0.38
C PRO H 123 -54.48 1.86 -0.31
N SER H 124 -54.06 2.51 0.76
CA SER H 124 -54.06 3.96 0.82
C SER H 124 -52.63 4.40 0.52
N VAL H 125 -52.47 5.43 -0.31
CA VAL H 125 -51.15 5.85 -0.76
C VAL H 125 -50.94 7.27 -0.28
N PHE H 126 -50.09 7.42 0.69
CA PHE H 126 -49.76 8.70 1.29
C PHE H 126 -48.38 9.16 0.82
N PRO H 127 -48.16 10.47 0.74
CA PRO H 127 -46.84 10.98 0.37
C PRO H 127 -45.87 10.93 1.54
N LEU H 128 -44.58 10.76 1.19
CA LEU H 128 -43.47 10.83 2.12
C LEU H 128 -42.52 11.93 1.69
N SER H 131 -40.20 18.11 3.29
CA SER H 131 -39.22 17.46 2.44
C SER H 131 -37.82 18.08 2.59
N SER H 132 -37.61 18.91 3.62
CA SER H 132 -36.29 19.50 3.83
C SER H 132 -35.33 18.49 4.44
N LYS H 133 -35.87 17.46 5.11
CA LYS H 133 -35.09 16.36 5.63
C LYS H 133 -34.78 15.39 4.48
N SER H 134 -33.87 15.86 3.61
CA SER H 134 -33.24 15.11 2.52
C SER H 134 -31.89 15.78 2.27
N THR H 135 -30.95 15.50 3.16
CA THR H 135 -29.88 16.42 3.51
C THR H 135 -28.53 16.00 2.95
N SER H 136 -28.43 14.82 2.36
CA SER H 136 -27.23 14.43 1.64
C SER H 136 -26.92 15.43 0.52
N GLY H 137 -25.93 16.29 0.76
CA GLY H 137 -25.41 17.14 -0.29
C GLY H 137 -26.47 17.80 -1.14
N GLY H 138 -27.58 18.22 -0.54
CA GLY H 138 -28.65 18.75 -1.36
C GLY H 138 -29.44 17.71 -2.13
N THR H 139 -29.12 16.43 -1.97
CA THR H 139 -29.85 15.36 -2.64
C THR H 139 -31.12 15.09 -1.85
N ALA H 140 -32.24 14.99 -2.54
CA ALA H 140 -33.52 14.85 -1.85
C ALA H 140 -34.05 13.43 -1.94
N ALA H 141 -34.80 13.06 -0.91
CA ALA H 141 -35.43 11.74 -0.78
C ALA H 141 -36.92 11.95 -0.56
N LEU H 142 -37.74 11.38 -1.44
CA LEU H 142 -39.19 11.45 -1.34
C LEU H 142 -39.75 10.05 -1.58
N GLY H 143 -41.04 9.86 -1.35
CA GLY H 143 -41.58 8.54 -1.62
C GLY H 143 -43.07 8.46 -1.37
N CYS H 144 -43.54 7.22 -1.33
CA CYS H 144 -44.92 6.92 -1.04
C CYS H 144 -45.02 5.79 -0.04
N LEU H 145 -45.99 5.91 0.85
CA LEU H 145 -46.32 4.86 1.80
C LEU H 145 -47.63 4.23 1.37
N VAL H 146 -47.59 2.94 1.05
CA VAL H 146 -48.72 2.17 0.56
C VAL H 146 -49.19 1.32 1.74
N LYS H 147 -50.19 1.81 2.48
CA LYS H 147 -50.53 1.25 3.78
C LYS H 147 -51.93 0.64 3.77
N ASP H 148 -52.10 -0.40 4.59
CA ASP H 148 -53.40 -0.97 4.91
C ASP H 148 -54.09 -1.54 3.66
N TYR H 149 -53.40 -2.50 3.05
CA TYR H 149 -53.90 -3.23 1.89
C TYR H 149 -53.73 -4.71 2.13
N PHE H 150 -54.57 -5.51 1.47
CA PHE H 150 -54.57 -6.96 1.60
C PHE H 150 -55.28 -7.53 0.39
N PRO H 151 -54.78 -8.62 -0.20
CA PRO H 151 -53.53 -9.25 0.22
C PRO H 151 -52.38 -8.69 -0.60
N GLU H 152 -51.22 -9.34 -0.56
CA GLU H 152 -50.13 -9.02 -1.48
C GLU H 152 -50.49 -9.53 -2.87
N PRO H 153 -49.83 -9.00 -3.91
CA PRO H 153 -48.80 -7.97 -3.87
C PRO H 153 -49.27 -6.59 -4.32
N VAL H 154 -48.35 -5.63 -4.32
CA VAL H 154 -48.55 -4.34 -4.94
C VAL H 154 -47.32 -4.04 -5.77
N THR H 155 -47.52 -3.36 -6.90
CA THR H 155 -46.42 -2.87 -7.71
C THR H 155 -46.36 -1.35 -7.59
N VAL H 156 -45.15 -0.82 -7.64
CA VAL H 156 -44.91 0.61 -7.53
C VAL H 156 -43.99 1.04 -8.65
N SER H 157 -44.35 2.12 -9.32
CA SER H 157 -43.51 2.77 -10.32
C SER H 157 -43.41 4.24 -9.97
N TRP H 158 -42.38 4.90 -10.49
CA TRP H 158 -42.21 6.33 -10.29
C TRP H 158 -42.17 7.02 -11.63
N ASN H 159 -42.95 8.08 -11.74
CA ASN H 159 -43.08 8.80 -13.01
C ASN H 159 -43.40 7.81 -14.10
N SER H 160 -44.29 6.91 -13.74
CA SER H 160 -44.96 6.05 -14.68
C SER H 160 -43.93 5.25 -15.48
N GLY H 161 -42.81 4.93 -14.79
CA GLY H 161 -41.76 4.04 -15.28
C GLY H 161 -40.50 4.71 -15.74
N ALA H 162 -40.54 6.03 -15.95
CA ALA H 162 -39.38 6.77 -16.45
C ALA H 162 -38.30 6.93 -15.41
N LEU H 163 -38.64 6.85 -14.12
CA LEU H 163 -37.71 7.06 -13.01
C LEU H 163 -37.25 5.73 -12.45
N THR H 164 -35.93 5.49 -12.49
CA THR H 164 -35.45 4.23 -11.94
C THR H 164 -34.30 4.40 -10.95
N SER H 165 -33.35 5.29 -11.24
CA SER H 165 -32.17 5.41 -10.40
C SER H 165 -32.50 6.07 -9.08
N GLY H 166 -31.93 5.53 -8.01
CA GLY H 166 -32.23 6.02 -6.68
C GLY H 166 -33.55 5.55 -6.13
N VAL H 167 -34.12 4.49 -6.69
CA VAL H 167 -35.43 4.00 -6.30
C VAL H 167 -35.25 2.75 -5.46
N HIS H 168 -35.93 2.72 -4.31
CA HIS H 168 -35.96 1.57 -3.42
C HIS H 168 -37.40 1.33 -3.00
N THR H 169 -38.01 0.25 -3.50
CA THR H 169 -39.31 -0.19 -3.00
C THR H 169 -39.05 -1.27 -1.96
N PHE H 170 -39.57 -1.09 -0.77
CA PHE H 170 -39.20 -1.99 0.30
C PHE H 170 -40.13 -3.20 0.38
N PRO H 171 -39.67 -4.31 0.95
CA PRO H 171 -40.57 -5.44 1.19
C PRO H 171 -41.69 -5.04 2.14
N ALA H 172 -42.88 -5.58 1.89
CA ALA H 172 -44.01 -5.26 2.75
C ALA H 172 -43.84 -5.91 4.11
N VAL H 173 -44.47 -5.30 5.11
CA VAL H 173 -44.60 -5.91 6.43
C VAL H 173 -46.08 -6.15 6.69
N LEU H 174 -46.40 -7.23 7.40
CA LEU H 174 -47.78 -7.50 7.78
C LEU H 174 -48.01 -7.00 9.20
N GLN H 175 -48.91 -6.05 9.36
CA GLN H 175 -49.13 -5.37 10.63
C GLN H 175 -50.08 -6.16 11.53
N SER H 176 -50.21 -5.66 12.76
CA SER H 176 -51.08 -6.30 13.74
C SER H 176 -52.52 -6.37 13.26
N SER H 177 -52.93 -5.38 12.46
CA SER H 177 -54.30 -5.35 11.97
C SER H 177 -54.60 -6.47 11.00
N GLY H 178 -53.59 -7.18 10.51
CA GLY H 178 -53.78 -8.17 9.47
C GLY H 178 -53.61 -7.64 8.06
N LEU H 179 -53.26 -6.36 7.91
CA LEU H 179 -53.07 -5.73 6.62
C LEU H 179 -51.59 -5.43 6.39
N TYR H 180 -51.21 -5.35 5.12
CA TYR H 180 -49.82 -5.12 4.74
C TYR H 180 -49.55 -3.63 4.63
N SER H 181 -48.28 -3.27 4.84
CA SER H 181 -47.84 -1.91 4.61
C SER H 181 -46.47 -1.94 3.98
N LEU H 182 -46.27 -1.05 3.00
CA LEU H 182 -45.06 -1.03 2.20
C LEU H 182 -44.66 0.41 1.94
N SER H 183 -43.38 0.65 1.69
CA SER H 183 -42.88 1.99 1.45
C SER H 183 -41.96 1.98 0.22
N SER H 184 -42.07 3.02 -0.61
CA SER H 184 -41.21 3.17 -1.78
C SER H 184 -40.61 4.57 -1.81
N VAL H 185 -39.32 4.66 -2.07
CA VAL H 185 -38.59 5.91 -1.93
C VAL H 185 -37.68 6.12 -3.12
N VAL H 186 -37.40 7.38 -3.42
CA VAL H 186 -36.49 7.75 -4.49
C VAL H 186 -35.66 8.94 -4.06
N THR H 187 -34.37 8.89 -4.38
CA THR H 187 -33.49 10.04 -4.21
C THR H 187 -33.25 10.66 -5.57
N VAL H 188 -33.30 11.99 -5.62
CA VAL H 188 -33.06 12.71 -6.85
C VAL H 188 -32.39 14.05 -6.54
N PRO H 189 -31.78 14.70 -7.52
CA PRO H 189 -31.27 16.05 -7.29
C PRO H 189 -32.39 17.00 -6.94
N SER H 190 -32.12 17.89 -5.97
CA SER H 190 -33.03 19.02 -5.74
C SER H 190 -32.87 20.09 -6.80
N SER H 191 -31.81 20.00 -7.61
CA SER H 191 -31.76 20.64 -8.92
C SER H 191 -33.06 20.46 -9.69
N SER H 192 -33.48 19.20 -9.89
CA SER H 192 -34.69 18.88 -10.65
C SER H 192 -35.97 19.30 -9.95
N LEU H 193 -35.91 19.55 -8.64
CA LEU H 193 -37.12 19.87 -7.88
C LEU H 193 -37.76 21.14 -8.44
N GLY H 194 -39.05 21.02 -8.79
CA GLY H 194 -39.79 22.14 -9.34
C GLY H 194 -39.82 22.20 -10.85
N THR H 195 -38.97 21.42 -11.52
CA THR H 195 -39.13 21.16 -12.96
C THR H 195 -39.20 19.65 -13.18
N GLN H 196 -39.28 18.90 -12.08
CA GLN H 196 -39.68 17.50 -12.02
C GLN H 196 -40.97 17.43 -11.18
N THR H 197 -41.93 16.67 -11.71
CA THR H 197 -43.03 16.08 -10.95
C THR H 197 -42.70 14.66 -10.56
N TYR H 198 -42.86 14.36 -9.27
CA TYR H 198 -42.62 13.02 -8.72
C TYR H 198 -43.96 12.50 -8.17
N ILE H 199 -44.49 11.44 -8.78
CA ILE H 199 -45.68 10.76 -8.28
C ILE H 199 -45.48 9.26 -8.46
N CYS H 200 -45.97 8.50 -7.50
CA CYS H 200 -45.85 7.06 -7.52
C CYS H 200 -47.15 6.48 -8.08
N ASN H 201 -47.02 5.56 -9.02
CA ASN H 201 -48.16 4.82 -9.58
C ASN H 201 -48.15 3.49 -8.86
N VAL H 202 -49.18 3.27 -8.05
CA VAL H 202 -49.31 2.08 -7.21
C VAL H 202 -50.47 1.25 -7.75
N ASN H 203 -50.21 -0.04 -8.00
CA ASN H 203 -51.22 -0.95 -8.52
C ASN H 203 -51.37 -2.13 -7.56
N HIS H 204 -52.58 -2.31 -7.05
CA HIS H 204 -52.98 -3.48 -6.26
C HIS H 204 -54.07 -4.23 -7.02
N LYS H 205 -53.68 -5.27 -7.74
CA LYS H 205 -54.60 -5.97 -8.63
C LYS H 205 -55.73 -6.65 -7.85
N PRO H 206 -55.44 -7.26 -6.69
CA PRO H 206 -56.51 -7.91 -5.91
C PRO H 206 -57.74 -7.05 -5.73
N SER H 207 -57.60 -5.72 -5.75
CA SER H 207 -58.76 -4.83 -5.70
C SER H 207 -58.91 -4.01 -6.97
N ASN H 208 -58.12 -4.33 -8.00
CA ASN H 208 -58.12 -3.54 -9.23
C ASN H 208 -57.97 -2.07 -8.90
N THR H 209 -57.08 -1.77 -7.97
CA THR H 209 -56.85 -0.41 -7.52
C THR H 209 -55.57 0.10 -8.18
N LYS H 210 -55.68 1.27 -8.82
CA LYS H 210 -54.55 1.97 -9.41
C LYS H 210 -54.57 3.38 -8.88
N VAL H 211 -53.47 3.77 -8.23
CA VAL H 211 -53.38 5.07 -7.54
C VAL H 211 -52.09 5.76 -7.96
N ASP H 212 -52.23 7.02 -8.38
CA ASP H 212 -51.10 7.91 -8.62
C ASP H 212 -51.16 9.02 -7.56
N LYS H 213 -50.09 9.19 -6.80
CA LYS H 213 -50.07 10.15 -5.69
C LYS H 213 -48.82 11.03 -5.68
N LYS H 214 -49.01 12.32 -5.46
CA LYS H 214 -47.93 13.31 -5.41
C LYS H 214 -47.22 13.49 -4.05
N THR I 7 -31.27 -46.64 8.55
CA THR I 7 -31.75 -45.53 9.37
C THR I 7 -30.70 -44.43 9.49
N ALA I 8 -31.01 -43.25 8.95
CA ALA I 8 -30.05 -42.15 8.95
C ALA I 8 -29.87 -41.61 10.37
N PRO I 9 -28.66 -41.16 10.72
CA PRO I 9 -28.43 -40.65 12.08
C PRO I 9 -29.40 -39.53 12.40
N PRO I 10 -29.96 -39.50 13.60
CA PRO I 10 -30.79 -38.35 13.98
C PRO I 10 -29.94 -37.25 14.59
N ALA I 11 -30.47 -36.02 14.49
CA ALA I 11 -29.76 -34.86 15.01
C ALA I 11 -29.56 -34.90 16.51
N HIS I 12 -30.12 -35.89 17.20
CA HIS I 12 -30.01 -36.02 18.65
C HIS I 12 -30.10 -37.50 19.01
N GLY I 13 -30.11 -37.78 20.31
CA GLY I 13 -30.22 -39.15 20.81
C GLY I 13 -31.16 -40.07 20.02
C1 NGA J . 7.60 26.68 -24.27
C2 NGA J . 8.56 26.36 -23.13
C3 NGA J . 9.33 27.61 -22.69
C4 NGA J . 9.97 28.27 -23.91
C5 NGA J . 8.93 28.60 -24.96
C6 NGA J . 9.58 29.05 -26.27
C7 NGA J . 7.91 24.36 -21.89
C8 NGA J . 7.42 23.79 -20.59
N2 NGA J . 7.82 25.68 -22.07
O3 NGA J . 10.33 27.26 -21.76
O4 NGA J . 10.89 27.38 -24.51
O5 NGA J . 8.15 27.47 -25.30
O6 NGA J . 8.60 29.68 -27.06
O7 NGA J . 8.40 23.59 -22.72
H1 NGA J . 7.29 25.72 -24.71
H2 NGA J . 9.35 25.70 -23.50
H3 NGA J . 8.63 28.29 -22.22
H4 NGA J . 10.50 29.16 -23.57
H5 NGA J . 8.32 29.42 -24.60
H61 NGA J . 9.99 28.18 -26.80
H62 NGA J . 10.41 29.73 -26.06
H81 NGA J . 6.49 24.29 -20.31
H82 NGA J . 7.23 22.72 -20.72
H83 NGA J . 8.16 23.94 -19.82
HN2 NGA J . 7.24 26.25 -21.46
HO3 NGA J . 10.87 28.05 -21.55
HO4 NGA J . 11.58 27.90 -24.98
HO6 NGA J . 8.94 29.79 -27.97
#